data_7KRP
#
_entry.id   7KRP
#
_cell.length_a   1.00
_cell.length_b   1.00
_cell.length_c   1.00
_cell.angle_alpha   90.00
_cell.angle_beta   90.00
_cell.angle_gamma   90.00
#
_symmetry.space_group_name_H-M   'P 1'
#
loop_
_entity.id
_entity.type
_entity.pdbx_description
1 polymer 'RNA-directed RNA polymerase'
2 polymer 'Non-structural protein 8'
3 polymer 'Non-structural protein 7'
4 polymer 'RNA (37-MER)'
5 polymer 'RNA (36-MER)'
6 non-polymer 'ZINC ION'
7 non-polymer 'MAGNESIUM ION'
8 non-polymer "ADENOSINE-5'-DIPHOSPHATE"
9 non-polymer CHAPSO
#
loop_
_entity_poly.entity_id
_entity_poly.type
_entity_poly.pdbx_seq_one_letter_code
_entity_poly.pdbx_strand_id
1 'polypeptide(L)'
;SADAQSFLNRVCGVSAARLTPCGTGTSTDVVYRAFDIYNDKVAGFAKFLKTNCCRFQEKDEDDNLIDSYFVVKRHTFSNY
QHEETIYNLLKDCPAVAKHDFFKFRIDGDMVPHISRQRLTKYTMADLVYALRHFDEGNCDTLKEILVTYNCCDDDYFNKK
DWYDFVENPDILRVYANLGERVRQALLKTVQFCDAMRNAGIVGVLTLDNQDLNGNWYDFGDFIQTTPGSGVPVVDSYYSL
LMPILTLTRALTAESHVDTDLTKPYIKWDLLKYDFTEERLKLFDRYFKYWDQTYHPNCVNCLDDRCILHCANFNVLFSTV
FPPTSFGPLVRKIFVDGVPFVVSTGYHFRELGVVHNQDVNLHSSRLSFKELLVYAADPAMHAASGNLLLDKRTTCFSVAA
LTNNVAFQTVKPGNFNKDFYDFAVSKGFFKEGSSVELKHFFFAQDGNAAISDYDYYRYNLPTMCDIRQLLFVVEVVDKYF
DCYDGGCINANQVIVNNLDKSAGFPFNKWGKARLYYDSMSYEDQDALFAYTKRNVIPTITQMNLKYAISAKNRARTVAGV
SICSTMTNRQFHQKLLKSIAATRGATVVIGTSKFYGGWHNMLKTVYSDVENPHLMGWDYPKCDRAMPNMLRIMASLVLAR
KHTTCCSLSHRFYRLANECAQVLSEMVMCGGSLYVKPGGTSSGDATTAYANSVFNICQAVTANVNALLSTDGNKIADKYV
RNLQHRLYECLYRNRDVDTDFVNEFYAYLRKHFSMMILSDDAVVCFNSTYASQGLVASIKNFKSVLYYQNNVFMSEAKCW
TETDLTKGPHEFCSQHTMLVKQGDDYVYLPYPDPSRILGAGCFVDDIVKTDGTLMIERFVSLAIDAYPLTKHPNQEYADV
FHLYLQYIRKLHDELTGHMLDMYSVMLTNDNTSRYWEPEFYEAMYTPHTVLQ
;
A
2 'polypeptide(L)'
;MAIASEFSSLPSYAAFATAQEAYEQAVANGDSEVVLKKLKKSLNVAKSEFDRDAAMQRKLEKMADQAMTQMYKQARSEDK
RAKVTSAMQTMLFTMLRKLDNDALNNIINNARDGCVPLNIIPLTTAAKLMVVIPDYNTYKNTCDGTTFTYASALWEIQQV
VDADSKIVQLSEISMDNSPNLAWPLIVTALRANSAVKLQ
;
B,D
3 'polypeptide(L)'
;GPVDMSKMSDVKCTSVVLLSVLQQLRVESSSKLWAQCVQLHNDILLAKDTTEAFEKMVSLLSVLLSMQGAVDINKLCEEM
LDNRATLQ
;
C
4 'polyribonucleotide' CGCGUAGCAUGCUACGUCAUUCUCCUAAGAAGCUACCCCC P
5 'polyribonucleotide' CUAUCCCCAUGUGAUUUUAAUAGCUUCUUAGGAGAAUGACGUAGCAUGCUACGCG T
#
loop_
_chem_comp.id
_chem_comp.type
_chem_comp.name
_chem_comp.formula
1N7 non-polymer CHAPSO 'C32 H59 N2 O8 S 1'
A RNA linking ADENOSINE-5'-MONOPHOSPHATE 'C10 H14 N5 O7 P'
ADP non-polymer ADENOSINE-5'-DIPHOSPHATE 'C10 H15 N5 O10 P2'
C RNA linking CYTIDINE-5'-MONOPHOSPHATE 'C9 H14 N3 O8 P'
G RNA linking GUANOSINE-5'-MONOPHOSPHATE 'C10 H14 N5 O8 P'
MG non-polymer 'MAGNESIUM ION' 'Mg 2'
U RNA linking URIDINE-5'-MONOPHOSPHATE 'C9 H13 N2 O9 P'
ZN non-polymer 'ZINC ION' 'Zn 2'
#
# COMPACT_ATOMS: atom_id res chain seq x y z
N ASP A 3 -21.02 -64.01 7.04
CA ASP A 3 -21.09 -63.78 5.60
C ASP A 3 -21.05 -62.29 5.30
N ALA A 4 -20.60 -61.95 4.10
CA ALA A 4 -20.52 -60.56 3.66
C ALA A 4 -21.73 -60.13 2.86
N GLN A 5 -22.73 -61.01 2.68
CA GLN A 5 -23.93 -60.68 1.92
C GLN A 5 -25.18 -60.57 2.78
N SER A 6 -25.32 -61.39 3.82
CA SER A 6 -26.43 -61.22 4.74
C SER A 6 -26.31 -59.90 5.50
N PHE A 7 -25.07 -59.52 5.85
CA PHE A 7 -24.84 -58.23 6.48
C PHE A 7 -25.24 -57.09 5.56
N LEU A 8 -24.90 -57.21 4.28
CA LEU A 8 -25.30 -56.21 3.30
C LEU A 8 -26.81 -56.13 3.12
N ASN A 9 -27.51 -57.26 3.14
CA ASN A 9 -28.97 -57.25 3.08
C ASN A 9 -29.59 -56.63 4.33
N ARG A 10 -28.96 -56.84 5.50
CA ARG A 10 -29.48 -56.25 6.72
C ARG A 10 -29.26 -54.74 6.75
N VAL A 11 -28.11 -54.28 6.25
CA VAL A 11 -27.83 -52.84 6.26
C VAL A 11 -28.83 -52.08 5.41
N CYS A 12 -29.32 -52.69 4.32
CA CYS A 12 -30.38 -52.07 3.53
C CYS A 12 -31.63 -51.86 4.36
N GLY A 13 -32.02 -52.85 5.15
CA GLY A 13 -33.15 -52.72 6.04
C GLY A 13 -34.47 -52.63 5.29
N VAL A 14 -35.43 -51.96 5.93
CA VAL A 14 -36.73 -51.76 5.29
C VAL A 14 -36.61 -50.83 4.09
N SER A 15 -35.69 -49.87 4.13
CA SER A 15 -35.49 -48.97 3.01
C SER A 15 -34.91 -49.73 1.82
N ALA A 16 -35.63 -49.72 0.70
CA ALA A 16 -35.22 -50.44 -0.50
C ALA A 16 -34.11 -49.65 -1.17
N ALA A 17 -32.87 -50.00 -0.87
CA ALA A 17 -31.70 -49.32 -1.42
C ALA A 17 -30.72 -50.36 -1.94
N ARG A 18 -30.04 -50.02 -3.04
CA ARG A 18 -29.03 -50.88 -3.65
C ARG A 18 -27.67 -50.40 -3.18
N LEU A 19 -26.87 -51.32 -2.62
CA LEU A 19 -25.63 -50.95 -1.95
C LEU A 19 -24.45 -51.72 -2.53
N THR A 20 -23.32 -51.03 -2.67
CA THR A 20 -22.04 -51.61 -3.00
C THR A 20 -21.11 -51.44 -1.81
N PRO A 21 -20.47 -52.50 -1.32
CA PRO A 21 -19.67 -52.39 -0.10
C PRO A 21 -18.31 -51.75 -0.37
N CYS A 22 -18.12 -50.55 0.16
CA CYS A 22 -16.77 -50.02 0.27
C CYS A 22 -15.98 -50.84 1.27
N GLY A 23 -14.70 -51.05 0.98
CA GLY A 23 -13.94 -52.04 1.71
C GLY A 23 -14.23 -53.43 1.18
N THR A 24 -14.09 -54.42 2.07
CA THR A 24 -14.29 -55.81 1.64
C THR A 24 -14.63 -56.67 2.84
N GLY A 25 -15.64 -57.52 2.67
CA GLY A 25 -15.92 -58.62 3.58
C GLY A 25 -16.23 -58.24 5.01
N THR A 26 -17.38 -57.57 5.23
CA THR A 26 -17.90 -57.15 6.55
C THR A 26 -16.79 -56.64 7.48
N SER A 27 -15.88 -55.87 6.92
CA SER A 27 -14.76 -55.32 7.66
C SER A 27 -14.84 -53.80 7.63
N THR A 28 -14.20 -53.19 8.61
CA THR A 28 -14.22 -51.74 8.74
C THR A 28 -13.49 -51.09 7.56
N ASP A 29 -14.00 -49.93 7.14
CA ASP A 29 -13.38 -49.13 6.09
C ASP A 29 -12.63 -47.99 6.75
N VAL A 30 -11.33 -47.90 6.47
CA VAL A 30 -10.45 -46.95 7.14
C VAL A 30 -10.28 -45.73 6.27
N VAL A 31 -10.71 -44.58 6.78
CA VAL A 31 -10.70 -43.34 6.00
C VAL A 31 -10.04 -42.23 6.81
N TYR A 32 -9.35 -41.33 6.10
CA TYR A 32 -8.65 -40.20 6.68
C TYR A 32 -9.60 -39.00 6.67
N ARG A 33 -10.12 -38.65 7.84
CA ARG A 33 -11.12 -37.58 7.95
C ARG A 33 -10.55 -36.42 8.75
N ALA A 34 -11.40 -35.43 9.03
CA ALA A 34 -10.99 -34.08 9.42
C ALA A 34 -11.62 -33.70 10.75
N PHE A 35 -11.42 -34.54 11.76
CA PHE A 35 -12.15 -34.45 13.01
C PHE A 35 -11.91 -33.11 13.71
N ASP A 36 -12.93 -32.67 14.45
CA ASP A 36 -12.84 -31.59 15.42
C ASP A 36 -13.07 -32.24 16.78
N ILE A 37 -11.99 -32.61 17.45
CA ILE A 37 -12.07 -33.52 18.60
C ILE A 37 -11.49 -32.83 19.82
N TYR A 38 -12.01 -33.21 20.99
CA TYR A 38 -11.51 -32.70 22.26
C TYR A 38 -11.89 -33.69 23.35
N ASN A 39 -10.92 -34.39 23.91
CA ASN A 39 -11.15 -35.28 25.05
C ASN A 39 -9.92 -35.20 25.95
N ASP A 40 -9.79 -36.17 26.86
CA ASP A 40 -8.79 -36.07 27.91
C ASP A 40 -7.37 -36.14 27.36
N LYS A 41 -7.17 -36.83 26.23
CA LYS A 41 -5.82 -37.02 25.70
C LYS A 41 -5.53 -36.13 24.49
N VAL A 42 -6.46 -36.03 23.55
CA VAL A 42 -6.21 -35.30 22.31
C VAL A 42 -7.16 -34.11 22.25
N ALA A 43 -6.78 -33.11 21.47
CA ALA A 43 -7.61 -31.94 21.24
C ALA A 43 -7.17 -31.27 19.95
N GLY A 44 -8.10 -30.64 19.26
CA GLY A 44 -7.77 -29.86 18.09
C GLY A 44 -8.69 -30.18 16.94
N PHE A 45 -8.46 -29.46 15.84
CA PHE A 45 -9.19 -29.63 14.59
C PHE A 45 -8.20 -30.16 13.57
N ALA A 46 -8.11 -31.49 13.49
CA ALA A 46 -7.02 -32.13 12.76
C ALA A 46 -7.53 -33.33 11.97
N LYS A 47 -6.68 -33.79 11.06
CA LYS A 47 -6.99 -34.89 10.15
C LYS A 47 -6.61 -36.19 10.85
N PHE A 48 -7.62 -36.88 11.37
CA PHE A 48 -7.43 -38.15 12.03
C PHE A 48 -7.78 -39.28 11.06
N LEU A 49 -7.74 -40.51 11.54
CA LEU A 49 -7.97 -41.70 10.72
C LEU A 49 -8.94 -42.60 11.46
N LYS A 50 -10.17 -42.70 10.96
CA LYS A 50 -11.24 -43.37 11.70
C LYS A 50 -11.37 -44.81 11.24
N THR A 51 -11.40 -45.73 12.21
CA THR A 51 -11.40 -47.17 11.96
C THR A 51 -12.52 -47.88 12.71
N ASN A 52 -13.69 -47.25 12.80
CA ASN A 52 -14.82 -47.85 13.51
C ASN A 52 -16.13 -47.76 12.73
N CYS A 53 -16.07 -47.58 11.41
CA CYS A 53 -17.28 -47.42 10.62
C CYS A 53 -17.18 -48.23 9.33
N CYS A 54 -18.05 -49.23 9.21
CA CYS A 54 -18.27 -49.94 7.96
C CYS A 54 -19.10 -49.06 7.04
N ARG A 55 -18.61 -48.88 5.81
CA ARG A 55 -19.20 -47.92 4.90
C ARG A 55 -19.67 -48.62 3.63
N PHE A 56 -20.91 -48.35 3.25
CA PHE A 56 -21.49 -48.84 2.00
C PHE A 56 -21.96 -47.65 1.18
N GLN A 57 -21.81 -47.74 -0.13
CA GLN A 57 -22.23 -46.67 -1.02
C GLN A 57 -23.47 -47.09 -1.80
N GLU A 58 -24.46 -46.20 -1.84
CA GLU A 58 -25.72 -46.51 -2.49
C GLU A 58 -25.66 -46.14 -3.96
N LYS A 59 -26.13 -47.06 -4.81
CA LYS A 59 -26.25 -46.85 -6.23
C LYS A 59 -27.72 -46.85 -6.62
N ASP A 60 -28.13 -45.82 -7.37
CA ASP A 60 -29.51 -45.68 -7.81
C ASP A 60 -29.77 -46.60 -8.99
N GLU A 61 -30.92 -46.43 -9.63
CA GLU A 61 -31.22 -47.19 -10.84
C GLU A 61 -30.25 -46.81 -11.94
N ASP A 62 -30.10 -47.71 -12.92
CA ASP A 62 -29.11 -47.66 -13.99
C ASP A 62 -27.70 -47.92 -13.45
N ASP A 63 -27.64 -48.33 -12.18
CA ASP A 63 -26.41 -48.79 -11.53
C ASP A 63 -25.31 -47.74 -11.50
N ASN A 64 -25.67 -46.46 -11.58
CA ASN A 64 -24.71 -45.40 -11.36
C ASN A 64 -24.54 -45.15 -9.87
N LEU A 65 -23.35 -44.70 -9.48
CA LEU A 65 -23.05 -44.42 -8.08
C LEU A 65 -23.42 -42.98 -7.75
N ILE A 66 -24.27 -42.80 -6.76
CA ILE A 66 -24.64 -41.49 -6.28
C ILE A 66 -23.96 -41.23 -4.95
N ASP A 67 -24.01 -39.98 -4.50
CA ASP A 67 -23.30 -39.56 -3.29
C ASP A 67 -24.22 -39.72 -2.07
N SER A 68 -24.40 -40.98 -1.67
CA SER A 68 -25.21 -41.30 -0.51
C SER A 68 -24.72 -42.61 0.07
N TYR A 69 -24.29 -42.59 1.32
CA TYR A 69 -23.62 -43.72 1.94
C TYR A 69 -24.43 -44.26 3.11
N PHE A 70 -24.02 -45.43 3.60
CA PHE A 70 -24.64 -46.10 4.74
C PHE A 70 -23.53 -46.45 5.72
N VAL A 71 -23.19 -45.52 6.59
CA VAL A 71 -22.20 -45.75 7.63
C VAL A 71 -22.81 -46.63 8.71
N VAL A 72 -22.12 -47.73 9.05
CA VAL A 72 -22.65 -48.75 9.96
C VAL A 72 -21.77 -48.84 11.20
N LYS A 73 -21.30 -47.69 11.69
CA LYS A 73 -20.42 -47.58 12.86
C LYS A 73 -20.80 -48.56 13.97
N ARG A 74 -19.81 -49.30 14.45
CA ARG A 74 -19.99 -50.31 15.47
C ARG A 74 -19.18 -49.95 16.71
N HIS A 75 -19.79 -50.09 17.88
CA HIS A 75 -19.12 -49.78 19.13
C HIS A 75 -19.71 -50.67 20.22
N THR A 76 -19.40 -50.35 21.48
CA THR A 76 -19.83 -51.17 22.61
C THR A 76 -21.35 -51.14 22.76
N PHE A 77 -21.86 -52.09 23.56
CA PHE A 77 -23.30 -52.21 23.75
C PHE A 77 -23.85 -51.02 24.55
N SER A 78 -23.10 -50.54 25.53
CA SER A 78 -23.58 -49.42 26.34
C SER A 78 -23.75 -48.16 25.51
N ASN A 79 -22.77 -47.85 24.65
CA ASN A 79 -22.91 -46.71 23.75
C ASN A 79 -24.05 -46.94 22.76
N TYR A 80 -24.24 -48.18 22.32
CA TYR A 80 -25.33 -48.50 21.41
C TYR A 80 -26.68 -48.19 22.03
N GLN A 81 -26.89 -48.61 23.28
CA GLN A 81 -28.17 -48.35 23.94
C GLN A 81 -28.34 -46.87 24.26
N HIS A 82 -27.27 -46.20 24.70
CA HIS A 82 -27.37 -44.77 25.00
C HIS A 82 -27.69 -43.97 23.75
N GLU A 83 -27.02 -44.28 22.64
CA GLU A 83 -27.31 -43.58 21.39
C GLU A 83 -28.69 -43.93 20.87
N GLU A 84 -29.17 -45.15 21.13
CA GLU A 84 -30.54 -45.49 20.74
C GLU A 84 -31.55 -44.65 21.51
N THR A 85 -31.36 -44.49 22.82
CA THR A 85 -32.28 -43.65 23.59
C THR A 85 -32.22 -42.20 23.14
N ILE A 86 -31.02 -41.66 22.93
CA ILE A 86 -30.91 -40.27 22.50
C ILE A 86 -31.53 -40.08 21.11
N TYR A 87 -31.38 -41.05 20.22
CA TYR A 87 -32.02 -40.96 18.92
C TYR A 87 -33.54 -41.02 19.03
N ASN A 88 -34.05 -41.91 19.88
CA ASN A 88 -35.50 -42.01 20.06
C ASN A 88 -36.06 -40.72 20.66
N LEU A 89 -35.24 -39.96 21.40
CA LEU A 89 -35.67 -38.64 21.81
C LEU A 89 -35.69 -37.66 20.63
N LEU A 90 -34.68 -37.74 19.75
CA LEU A 90 -34.53 -36.82 18.64
C LEU A 90 -35.03 -37.41 17.31
N LYS A 91 -35.88 -38.44 17.36
CA LYS A 91 -36.30 -39.11 16.13
C LYS A 91 -37.11 -38.19 15.23
N ASP A 92 -38.03 -37.42 15.81
CA ASP A 92 -39.00 -36.67 15.02
C ASP A 92 -38.40 -35.45 14.35
N CYS A 93 -37.18 -35.08 14.69
CA CYS A 93 -36.56 -33.91 14.09
C CYS A 93 -36.27 -34.16 12.62
N PRO A 94 -36.43 -33.15 11.75
CA PRO A 94 -36.05 -33.33 10.34
C PRO A 94 -34.55 -33.37 10.10
N ALA A 95 -33.75 -32.67 10.90
CA ALA A 95 -32.31 -32.62 10.69
C ALA A 95 -31.57 -33.68 11.50
N VAL A 96 -32.01 -34.93 11.39
CA VAL A 96 -31.35 -36.07 12.00
C VAL A 96 -31.29 -37.20 10.99
N ALA A 97 -30.09 -37.70 10.73
CA ALA A 97 -29.92 -38.79 9.77
C ALA A 97 -30.57 -40.06 10.28
N LYS A 98 -31.29 -40.73 9.39
CA LYS A 98 -32.11 -41.89 9.74
C LYS A 98 -31.21 -43.02 10.22
N HIS A 99 -31.28 -43.33 11.51
CA HIS A 99 -30.50 -44.41 12.09
C HIS A 99 -31.24 -45.74 11.98
N ASP A 100 -30.49 -46.82 12.18
CA ASP A 100 -31.06 -48.16 12.19
C ASP A 100 -30.19 -49.00 13.11
N PHE A 101 -30.73 -49.38 14.27
CA PHE A 101 -29.96 -50.09 15.29
C PHE A 101 -30.26 -51.58 15.18
N PHE A 102 -29.23 -52.38 14.96
CA PHE A 102 -29.44 -53.83 14.81
C PHE A 102 -28.22 -54.58 15.30
N LYS A 103 -28.45 -55.76 15.84
CA LYS A 103 -27.39 -56.62 16.36
C LYS A 103 -27.17 -57.78 15.41
N PHE A 104 -25.94 -57.94 14.93
CA PHE A 104 -25.64 -58.95 13.94
C PHE A 104 -24.61 -59.95 14.47
N ARG A 105 -24.84 -61.22 14.15
CA ARG A 105 -23.96 -62.31 14.59
C ARG A 105 -22.75 -62.32 13.66
N ILE A 106 -21.64 -61.74 14.13
CA ILE A 106 -20.50 -61.55 13.25
C ILE A 106 -19.70 -62.83 13.11
N ASP A 107 -19.04 -63.27 14.18
CA ASP A 107 -18.25 -64.50 14.12
C ASP A 107 -18.81 -65.55 15.07
N GLY A 108 -18.97 -65.18 16.33
CA GLY A 108 -19.55 -66.08 17.32
C GLY A 108 -20.37 -65.31 18.34
N ASP A 109 -20.58 -64.02 18.08
CA ASP A 109 -21.28 -63.16 19.01
C ASP A 109 -22.04 -62.08 18.25
N MET A 110 -23.02 -61.51 18.94
CA MET A 110 -23.88 -60.47 18.39
C MET A 110 -23.23 -59.12 18.63
N VAL A 111 -22.54 -58.61 17.61
CA VAL A 111 -21.99 -57.25 17.66
C VAL A 111 -23.12 -56.27 17.35
N PRO A 112 -23.33 -55.26 18.19
CA PRO A 112 -24.38 -54.27 17.89
C PRO A 112 -23.89 -53.16 16.97
N HIS A 113 -24.56 -52.97 15.84
CA HIS A 113 -24.24 -51.92 14.90
C HIS A 113 -25.35 -50.88 14.90
N ILE A 114 -24.94 -49.64 14.67
CA ILE A 114 -25.84 -48.53 14.39
C ILE A 114 -25.53 -48.07 12.97
N SER A 115 -26.56 -47.97 12.14
CA SER A 115 -26.40 -47.74 10.71
C SER A 115 -27.05 -46.41 10.34
N ARG A 116 -26.25 -45.43 9.98
CA ARG A 116 -26.75 -44.16 9.51
C ARG A 116 -27.04 -44.25 8.02
N GLN A 117 -28.20 -43.74 7.61
CA GLN A 117 -28.68 -43.96 6.26
C GLN A 117 -28.62 -42.67 5.45
N ARG A 118 -28.03 -42.76 4.26
CA ARG A 118 -27.96 -41.66 3.29
C ARG A 118 -27.21 -40.46 3.87
N LEU A 119 -25.99 -40.71 4.35
CA LEU A 119 -25.04 -39.65 4.63
C LEU A 119 -24.34 -39.26 3.33
N THR A 120 -23.38 -38.37 3.40
CA THR A 120 -22.50 -38.09 2.27
C THR A 120 -21.11 -38.62 2.56
N LYS A 121 -20.28 -38.64 1.52
CA LYS A 121 -18.91 -39.13 1.66
C LYS A 121 -18.14 -38.28 2.67
N TYR A 122 -18.16 -36.97 2.48
CA TYR A 122 -17.53 -36.05 3.40
C TYR A 122 -18.56 -35.43 4.32
N THR A 123 -18.07 -34.76 5.37
CA THR A 123 -18.90 -34.05 6.31
C THR A 123 -18.54 -32.58 6.27
N MET A 124 -19.24 -31.78 7.07
CA MET A 124 -18.96 -30.34 7.08
C MET A 124 -17.55 -30.05 7.55
N ALA A 125 -17.00 -30.90 8.42
CA ALA A 125 -15.64 -30.67 8.90
C ALA A 125 -14.64 -30.88 7.78
N ASP A 126 -14.90 -31.79 6.85
CA ASP A 126 -13.98 -31.98 5.73
C ASP A 126 -13.94 -30.76 4.83
N LEU A 127 -15.10 -30.17 4.54
CA LEU A 127 -15.12 -28.94 3.75
C LEU A 127 -14.43 -27.81 4.49
N VAL A 128 -14.72 -27.65 5.79
CA VAL A 128 -14.13 -26.57 6.57
C VAL A 128 -12.62 -26.72 6.65
N TYR A 129 -12.14 -27.95 6.87
CA TYR A 129 -10.72 -28.20 6.95
C TYR A 129 -10.04 -27.98 5.61
N ALA A 130 -10.63 -28.48 4.52
CA ALA A 130 -10.00 -28.37 3.22
C ALA A 130 -10.02 -26.94 2.70
N LEU A 131 -10.88 -26.09 3.27
CA LEU A 131 -10.85 -24.68 2.92
C LEU A 131 -10.04 -23.84 3.88
N ARG A 132 -9.79 -24.31 5.11
CA ARG A 132 -8.98 -23.58 6.06
C ARG A 132 -7.55 -24.09 6.16
N HIS A 133 -7.27 -25.28 5.65
CA HIS A 133 -5.93 -25.87 5.69
C HIS A 133 -5.51 -26.25 4.27
N PHE A 134 -5.70 -25.30 3.35
CA PHE A 134 -5.49 -25.53 1.94
C PHE A 134 -4.02 -25.70 1.62
N ASP A 135 -3.70 -26.73 0.83
CA ASP A 135 -2.34 -26.98 0.34
C ASP A 135 -2.48 -27.39 -1.11
N GLU A 136 -2.01 -26.53 -2.02
CA GLU A 136 -2.28 -26.75 -3.45
C GLU A 136 -1.62 -28.01 -3.97
N GLY A 137 -0.57 -28.51 -3.32
CA GLY A 137 0.01 -29.77 -3.72
C GLY A 137 -0.89 -30.95 -3.44
N ASN A 138 -1.57 -30.93 -2.28
CA ASN A 138 -2.45 -32.02 -1.86
C ASN A 138 -3.78 -31.43 -1.43
N CYS A 139 -4.67 -31.23 -2.40
CA CYS A 139 -6.07 -30.85 -2.13
C CYS A 139 -6.94 -31.78 -2.97
N ASP A 140 -7.24 -32.95 -2.42
CA ASP A 140 -8.10 -33.92 -3.09
C ASP A 140 -9.44 -34.08 -2.42
N THR A 141 -9.62 -33.53 -1.21
CA THR A 141 -10.92 -33.51 -0.57
C THR A 141 -11.65 -32.21 -0.81
N LEU A 142 -11.00 -31.24 -1.46
CA LEU A 142 -11.70 -30.05 -1.89
C LEU A 142 -12.10 -30.17 -3.36
N LYS A 143 -11.21 -30.73 -4.19
CA LYS A 143 -11.56 -30.94 -5.59
C LYS A 143 -12.71 -31.93 -5.73
N GLU A 144 -12.71 -32.99 -4.91
CA GLU A 144 -13.79 -33.97 -5.00
C GLU A 144 -15.10 -33.39 -4.48
N ILE A 145 -15.04 -32.53 -3.47
CA ILE A 145 -16.25 -31.89 -2.97
C ILE A 145 -16.81 -30.92 -4.01
N LEU A 146 -15.94 -30.14 -4.64
CA LEU A 146 -16.39 -29.22 -5.69
C LEU A 146 -16.98 -29.98 -6.88
N VAL A 147 -16.36 -31.10 -7.26
CA VAL A 147 -16.84 -31.87 -8.40
C VAL A 147 -18.18 -32.52 -8.09
N THR A 148 -18.30 -33.16 -6.92
CA THR A 148 -19.48 -33.98 -6.65
C THR A 148 -20.71 -33.16 -6.31
N TYR A 149 -20.56 -31.84 -6.13
CA TYR A 149 -21.69 -30.96 -5.88
C TYR A 149 -21.90 -29.95 -7.01
N ASN A 150 -21.42 -30.26 -8.20
CA ASN A 150 -21.68 -29.50 -9.43
C ASN A 150 -21.21 -28.05 -9.33
N CYS A 151 -20.18 -27.79 -8.52
CA CYS A 151 -19.61 -26.45 -8.50
C CYS A 151 -18.71 -26.22 -9.72
N CYS A 152 -18.09 -27.28 -10.23
CA CYS A 152 -17.27 -27.20 -11.42
C CYS A 152 -17.33 -28.54 -12.14
N ASP A 153 -16.84 -28.57 -13.37
CA ASP A 153 -17.04 -29.72 -14.25
C ASP A 153 -15.82 -30.63 -14.34
N ASP A 154 -14.94 -30.60 -13.34
CA ASP A 154 -13.83 -31.54 -13.17
C ASP A 154 -12.71 -31.30 -14.20
N ASP A 155 -12.95 -30.42 -15.15
CA ASP A 155 -11.90 -29.93 -16.04
C ASP A 155 -11.38 -28.57 -15.59
N TYR A 156 -12.11 -27.90 -14.71
CA TYR A 156 -11.70 -26.62 -14.15
C TYR A 156 -10.36 -26.70 -13.45
N PHE A 157 -9.98 -27.87 -12.97
CA PHE A 157 -8.71 -28.06 -12.29
C PHE A 157 -7.54 -28.25 -13.24
N ASN A 158 -7.79 -28.39 -14.54
CA ASN A 158 -6.70 -28.42 -15.49
C ASN A 158 -6.09 -27.06 -15.74
N LYS A 159 -6.74 -25.99 -15.27
CA LYS A 159 -6.18 -24.66 -15.37
C LYS A 159 -4.93 -24.53 -14.53
N LYS A 160 -4.03 -23.64 -14.94
CA LYS A 160 -2.74 -23.52 -14.27
C LYS A 160 -2.90 -23.05 -12.83
N ASP A 161 -3.69 -22.00 -12.61
CA ASP A 161 -3.97 -21.49 -11.28
C ASP A 161 -5.48 -21.41 -11.09
N TRP A 162 -6.08 -22.52 -10.65
CA TRP A 162 -7.50 -22.52 -10.36
C TRP A 162 -7.77 -22.02 -8.95
N TYR A 163 -6.84 -22.26 -8.03
CA TYR A 163 -7.07 -21.96 -6.62
C TYR A 163 -6.81 -20.49 -6.29
N ASP A 164 -6.09 -19.79 -7.15
CA ASP A 164 -5.63 -18.44 -6.82
C ASP A 164 -6.79 -17.46 -6.82
N PHE A 165 -6.75 -16.51 -5.89
CA PHE A 165 -7.78 -15.47 -5.81
C PHE A 165 -7.42 -14.21 -6.56
N VAL A 166 -6.14 -13.98 -6.85
CA VAL A 166 -5.69 -12.77 -7.50
C VAL A 166 -5.43 -13.00 -8.99
N GLU A 167 -4.99 -14.20 -9.36
CA GLU A 167 -4.77 -14.50 -10.77
C GLU A 167 -6.04 -15.03 -11.43
N ASN A 168 -6.92 -15.64 -10.65
CA ASN A 168 -8.13 -16.27 -11.16
C ASN A 168 -9.32 -15.94 -10.26
N PRO A 169 -9.88 -14.74 -10.40
CA PRO A 169 -11.04 -14.36 -9.56
C PRO A 169 -12.27 -15.24 -9.76
N ASP A 170 -12.37 -15.91 -10.90
CA ASP A 170 -13.53 -16.75 -11.19
C ASP A 170 -13.71 -17.89 -10.19
N ILE A 171 -12.65 -18.24 -9.45
CA ILE A 171 -12.77 -19.28 -8.43
C ILE A 171 -13.82 -18.89 -7.40
N LEU A 172 -14.03 -17.58 -7.18
CA LEU A 172 -15.07 -17.15 -6.26
C LEU A 172 -16.44 -17.64 -6.73
N ARG A 173 -16.71 -17.51 -8.04
CA ARG A 173 -17.95 -18.03 -8.60
C ARG A 173 -18.10 -19.52 -8.35
N VAL A 174 -16.99 -20.25 -8.29
CA VAL A 174 -17.06 -21.67 -7.94
C VAL A 174 -17.46 -21.83 -6.49
N TYR A 175 -16.80 -21.09 -5.60
CA TYR A 175 -17.02 -21.27 -4.16
C TYR A 175 -18.45 -20.91 -3.77
N ALA A 176 -18.99 -19.84 -4.37
CA ALA A 176 -20.36 -19.47 -4.10
C ALA A 176 -21.36 -20.54 -4.50
N ASN A 177 -20.98 -21.48 -5.37
CA ASN A 177 -21.87 -22.59 -5.70
C ASN A 177 -22.08 -23.55 -4.54
N LEU A 178 -21.17 -23.55 -3.56
CA LEU A 178 -21.39 -24.27 -2.32
C LEU A 178 -22.28 -23.51 -1.35
N GLY A 179 -22.57 -22.23 -1.64
CA GLY A 179 -23.29 -21.36 -0.74
C GLY A 179 -24.58 -21.94 -0.19
N GLU A 180 -25.54 -22.23 -1.08
CA GLU A 180 -26.82 -22.77 -0.63
C GLU A 180 -26.67 -24.15 -0.01
N ARG A 181 -25.56 -24.85 -0.24
CA ARG A 181 -25.35 -26.10 0.49
C ARG A 181 -24.88 -25.85 1.91
N VAL A 182 -24.11 -24.78 2.14
CA VAL A 182 -23.72 -24.44 3.50
C VAL A 182 -24.90 -23.85 4.27
N ARG A 183 -25.64 -22.93 3.62
CA ARG A 183 -26.69 -22.19 4.33
C ARG A 183 -27.76 -23.14 4.87
N GLN A 184 -28.21 -24.09 4.04
CA GLN A 184 -29.18 -25.06 4.51
C GLN A 184 -28.63 -25.84 5.71
N ALA A 185 -27.34 -26.19 5.66
CA ALA A 185 -26.69 -26.82 6.80
C ALA A 185 -26.88 -25.99 8.06
N LEU A 186 -26.61 -24.68 7.98
CA LEU A 186 -26.84 -23.79 9.11
C LEU A 186 -28.28 -23.90 9.60
N LEU A 187 -29.24 -23.84 8.67
CA LEU A 187 -30.64 -23.95 9.06
C LEU A 187 -30.92 -25.27 9.73
N LYS A 188 -30.33 -26.36 9.23
CA LYS A 188 -30.54 -27.66 9.85
C LYS A 188 -30.06 -27.64 11.29
N THR A 189 -28.94 -26.97 11.55
CA THR A 189 -28.44 -26.84 12.91
C THR A 189 -29.46 -26.16 13.79
N VAL A 190 -30.07 -25.07 13.29
CA VAL A 190 -31.03 -24.34 14.10
C VAL A 190 -32.28 -25.17 14.32
N GLN A 191 -32.50 -26.18 13.48
CA GLN A 191 -33.54 -27.15 13.80
C GLN A 191 -33.05 -28.13 14.86
N PHE A 192 -31.85 -28.67 14.65
CA PHE A 192 -31.35 -29.71 15.54
C PHE A 192 -31.17 -29.19 16.96
N CYS A 193 -30.59 -27.98 17.09
CA CYS A 193 -30.49 -27.34 18.39
C CYS A 193 -31.85 -27.28 19.07
N ASP A 194 -32.87 -26.85 18.32
CA ASP A 194 -34.22 -26.80 18.88
C ASP A 194 -34.67 -28.18 19.31
N ALA A 195 -34.38 -29.19 18.49
CA ALA A 195 -34.74 -30.56 18.85
C ALA A 195 -34.05 -31.00 20.12
N MET A 196 -32.85 -30.50 20.38
CA MET A 196 -32.22 -30.76 21.67
C MET A 196 -32.90 -29.95 22.77
N ARG A 197 -33.16 -28.66 22.50
CA ARG A 197 -33.66 -27.77 23.53
C ARG A 197 -35.03 -28.22 24.02
N ASN A 198 -35.89 -28.67 23.12
CA ASN A 198 -37.21 -29.15 23.51
C ASN A 198 -37.20 -30.58 24.01
N ALA A 199 -36.07 -31.30 23.91
CA ALA A 199 -36.02 -32.67 24.40
C ALA A 199 -35.10 -32.84 25.60
N GLY A 200 -34.49 -31.78 26.10
CA GLY A 200 -33.68 -31.85 27.29
C GLY A 200 -32.44 -32.70 27.12
N ILE A 201 -31.65 -32.43 26.09
CA ILE A 201 -30.43 -33.16 25.82
C ILE A 201 -29.28 -32.17 25.78
N VAL A 202 -28.28 -32.39 26.64
CA VAL A 202 -27.09 -31.54 26.72
C VAL A 202 -26.00 -32.22 25.92
N GLY A 203 -25.37 -31.47 25.02
CA GLY A 203 -24.31 -32.04 24.21
C GLY A 203 -23.57 -30.97 23.46
N VAL A 204 -22.42 -31.37 22.91
CA VAL A 204 -21.57 -30.47 22.14
C VAL A 204 -21.79 -30.74 20.67
N LEU A 205 -22.13 -29.70 19.91
CA LEU A 205 -22.26 -29.81 18.47
C LEU A 205 -20.89 -29.61 17.84
N THR A 206 -20.34 -30.67 17.28
CA THR A 206 -19.05 -30.63 16.58
C THR A 206 -19.28 -30.58 15.08
N LEU A 207 -18.28 -30.07 14.37
CA LEU A 207 -18.41 -29.96 12.92
C LEU A 207 -18.35 -31.32 12.24
N ASP A 208 -17.62 -32.28 12.81
CA ASP A 208 -17.41 -33.57 12.17
C ASP A 208 -18.57 -34.52 12.32
N ASN A 209 -19.75 -34.04 12.70
CA ASN A 209 -20.94 -34.87 12.82
C ASN A 209 -22.07 -34.42 11.91
N GLN A 210 -21.81 -33.50 10.98
CA GLN A 210 -22.82 -33.01 10.07
C GLN A 210 -22.38 -33.27 8.64
N ASP A 211 -23.03 -34.22 7.98
CA ASP A 211 -22.75 -34.43 6.57
C ASP A 211 -23.20 -33.23 5.77
N LEU A 212 -22.61 -33.07 4.57
CA LEU A 212 -22.77 -31.83 3.81
C LEU A 212 -24.22 -31.58 3.39
N ASN A 213 -25.08 -32.59 3.43
CA ASN A 213 -26.50 -32.34 3.24
C ASN A 213 -27.05 -31.44 4.35
N GLY A 214 -26.69 -31.73 5.60
CA GLY A 214 -27.13 -30.93 6.72
C GLY A 214 -27.47 -31.76 7.95
N ASN A 215 -27.71 -33.05 7.73
CA ASN A 215 -28.15 -33.95 8.79
C ASN A 215 -27.11 -34.09 9.89
N TRP A 216 -27.55 -34.60 11.03
CA TRP A 216 -26.67 -34.86 12.18
C TRP A 216 -26.79 -36.32 12.56
N TYR A 217 -25.65 -36.96 12.84
CA TYR A 217 -25.68 -38.41 12.99
C TYR A 217 -24.83 -38.94 14.14
N ASP A 218 -24.48 -38.13 15.13
CA ASP A 218 -23.64 -38.59 16.22
C ASP A 218 -24.26 -38.18 17.54
N PHE A 219 -24.58 -39.17 18.39
CA PHE A 219 -25.18 -38.94 19.70
C PHE A 219 -24.37 -39.63 20.79
N GLY A 220 -23.08 -39.81 20.56
CA GLY A 220 -22.26 -40.56 21.52
C GLY A 220 -22.07 -39.85 22.83
N ASP A 221 -21.89 -38.53 22.80
CA ASP A 221 -21.55 -37.75 23.98
C ASP A 221 -22.69 -36.81 24.37
N PHE A 222 -23.92 -37.28 24.30
CA PHE A 222 -25.08 -36.49 24.66
C PHE A 222 -25.68 -37.02 25.96
N ILE A 223 -25.71 -36.19 26.98
CA ILE A 223 -26.36 -36.50 28.25
C ILE A 223 -27.71 -35.84 28.27
N GLN A 224 -28.75 -36.59 28.65
CA GLN A 224 -30.11 -36.10 28.63
C GLN A 224 -30.50 -35.59 30.02
N THR A 225 -31.17 -34.45 30.05
CA THR A 225 -31.68 -33.84 31.26
C THR A 225 -33.21 -33.73 31.15
N THR A 226 -33.80 -32.97 32.07
CA THR A 226 -35.25 -32.78 32.05
C THR A 226 -35.68 -32.11 30.75
N PRO A 227 -36.76 -32.56 30.13
CA PRO A 227 -37.14 -32.03 28.82
C PRO A 227 -37.49 -30.55 28.88
N GLY A 228 -37.20 -29.85 27.78
CA GLY A 228 -37.42 -28.43 27.70
C GLY A 228 -36.33 -27.58 28.29
N SER A 229 -35.27 -28.19 28.83
CA SER A 229 -34.21 -27.42 29.47
C SER A 229 -32.82 -27.86 29.02
N GLY A 230 -32.68 -28.41 27.83
CA GLY A 230 -31.38 -28.79 27.32
C GLY A 230 -30.57 -27.58 26.89
N VAL A 231 -29.36 -27.87 26.42
CA VAL A 231 -28.46 -26.81 25.96
C VAL A 231 -27.49 -27.39 24.93
N PRO A 232 -27.52 -26.94 23.69
CA PRO A 232 -26.49 -27.33 22.72
C PRO A 232 -25.32 -26.36 22.72
N VAL A 233 -24.10 -26.88 22.86
CA VAL A 233 -22.89 -26.06 22.90
C VAL A 233 -22.41 -25.90 21.47
N VAL A 234 -22.69 -24.73 20.88
CA VAL A 234 -22.32 -24.46 19.51
C VAL A 234 -21.19 -23.45 19.45
N ASP A 235 -20.39 -23.40 20.53
CA ASP A 235 -19.28 -22.45 20.57
C ASP A 235 -18.19 -22.82 19.57
N SER A 236 -17.90 -24.11 19.44
CA SER A 236 -16.87 -24.59 18.53
C SER A 236 -17.42 -25.09 17.20
N TYR A 237 -18.73 -24.94 16.96
CA TYR A 237 -19.31 -25.31 15.67
C TYR A 237 -19.39 -24.12 14.74
N TYR A 238 -20.03 -23.04 15.19
CA TYR A 238 -20.15 -21.85 14.35
C TYR A 238 -18.81 -21.16 14.17
N SER A 239 -17.92 -21.27 15.14
CA SER A 239 -16.67 -20.53 15.09
C SER A 239 -15.74 -21.04 13.99
N LEU A 240 -15.56 -22.35 13.90
CA LEU A 240 -14.77 -22.91 12.80
C LEU A 240 -15.44 -22.72 11.45
N LEU A 241 -16.77 -22.64 11.42
CA LEU A 241 -17.50 -22.48 10.17
C LEU A 241 -17.50 -21.03 9.70
N MET A 242 -17.10 -20.09 10.54
CA MET A 242 -17.22 -18.66 10.21
C MET A 242 -16.44 -18.22 8.98
N PRO A 243 -15.17 -18.62 8.77
CA PRO A 243 -14.50 -18.19 7.52
C PRO A 243 -15.15 -18.74 6.26
N ILE A 244 -15.92 -19.83 6.38
CA ILE A 244 -16.60 -20.40 5.22
C ILE A 244 -17.90 -19.68 4.89
N LEU A 245 -18.45 -18.90 5.83
CA LEU A 245 -19.72 -18.22 5.59
C LEU A 245 -19.55 -16.97 4.74
N THR A 246 -18.32 -16.56 4.45
CA THR A 246 -18.07 -15.47 3.52
C THR A 246 -17.10 -15.86 2.40
N LEU A 247 -16.37 -16.95 2.56
CA LEU A 247 -15.61 -17.49 1.44
C LEU A 247 -16.53 -18.08 0.39
N THR A 248 -17.56 -18.81 0.83
CA THR A 248 -18.53 -19.40 -0.08
C THR A 248 -19.82 -18.58 -0.18
N ARG A 249 -19.87 -17.42 0.45
CA ARG A 249 -21.04 -16.52 0.41
C ARG A 249 -22.33 -17.27 0.71
N ALA A 250 -22.41 -17.78 1.93
CA ALA A 250 -23.54 -18.62 2.32
C ALA A 250 -24.82 -17.82 2.55
N LEU A 251 -24.73 -16.49 2.60
CA LEU A 251 -25.91 -15.66 2.87
C LEU A 251 -26.33 -14.84 1.66
N THR A 252 -25.96 -15.29 0.45
CA THR A 252 -26.44 -14.61 -0.74
C THR A 252 -27.93 -14.78 -0.95
N ALA A 253 -28.50 -15.92 -0.56
CA ALA A 253 -29.92 -16.18 -0.75
C ALA A 253 -30.81 -15.38 0.19
N GLU A 254 -30.23 -14.52 1.04
CA GLU A 254 -31.03 -13.64 1.88
C GLU A 254 -31.35 -12.32 1.21
N SER A 255 -30.73 -12.04 0.06
CA SER A 255 -31.06 -10.85 -0.71
C SER A 255 -32.33 -11.00 -1.53
N HIS A 256 -32.81 -12.22 -1.72
CA HIS A 256 -33.95 -12.51 -2.58
C HIS A 256 -35.22 -12.61 -1.75
N VAL A 257 -36.35 -12.28 -2.38
CA VAL A 257 -37.64 -12.30 -1.69
C VAL A 257 -38.02 -13.74 -1.36
N ASP A 258 -38.50 -13.94 -0.13
CA ASP A 258 -38.82 -15.25 0.44
C ASP A 258 -37.61 -16.17 0.51
N THR A 259 -36.40 -15.61 0.45
CA THR A 259 -35.14 -16.34 0.55
C THR A 259 -35.07 -17.50 -0.44
N ASP A 260 -35.53 -17.28 -1.66
CA ASP A 260 -35.49 -18.27 -2.73
C ASP A 260 -34.59 -17.77 -3.84
N LEU A 261 -33.62 -18.59 -4.23
CA LEU A 261 -32.63 -18.17 -5.21
C LEU A 261 -33.23 -17.95 -6.59
N THR A 262 -34.38 -18.56 -6.89
CA THR A 262 -35.02 -18.34 -8.18
C THR A 262 -35.73 -16.99 -8.25
N LYS A 263 -36.29 -16.54 -7.13
CA LYS A 263 -37.05 -15.29 -7.10
C LYS A 263 -36.13 -14.09 -7.26
N PRO A 264 -36.66 -12.94 -7.68
CA PRO A 264 -35.82 -11.76 -7.89
C PRO A 264 -35.42 -11.12 -6.57
N TYR A 265 -34.52 -10.15 -6.68
CA TYR A 265 -33.93 -9.47 -5.53
C TYR A 265 -35.00 -8.73 -4.72
N ILE A 266 -34.67 -8.49 -3.45
CA ILE A 266 -35.50 -7.62 -2.62
C ILE A 266 -35.17 -6.18 -2.94
N LYS A 267 -36.19 -5.39 -3.25
CA LYS A 267 -36.02 -3.97 -3.56
C LYS A 267 -36.17 -3.20 -2.26
N TRP A 268 -35.06 -3.04 -1.55
CA TRP A 268 -35.06 -2.27 -0.32
C TRP A 268 -35.23 -0.79 -0.61
N ASP A 269 -35.77 -0.07 0.37
CA ASP A 269 -35.94 1.37 0.23
C ASP A 269 -34.58 2.05 0.13
N LEU A 270 -34.47 3.01 -0.79
CA LEU A 270 -33.22 3.73 -0.96
C LEU A 270 -32.89 4.57 0.27
N LEU A 271 -33.93 5.14 0.90
CA LEU A 271 -33.71 6.00 2.06
C LEU A 271 -33.50 5.21 3.35
N LYS A 272 -33.58 3.87 3.29
CA LYS A 272 -33.47 3.07 4.49
C LYS A 272 -32.02 2.86 4.86
N TYR A 273 -31.65 3.25 6.07
CA TYR A 273 -30.27 3.11 6.54
C TYR A 273 -30.15 2.33 7.83
N ASP A 274 -31.24 2.11 8.57
CA ASP A 274 -31.21 1.45 9.86
C ASP A 274 -31.67 0.02 9.66
N PHE A 275 -30.73 -0.89 9.44
CA PHE A 275 -31.02 -2.31 9.24
C PHE A 275 -30.86 -3.12 10.53
N THR A 276 -31.08 -2.51 11.68
CA THR A 276 -30.88 -3.20 12.95
C THR A 276 -31.84 -4.38 13.10
N GLU A 277 -33.11 -4.18 12.74
CA GLU A 277 -34.08 -5.26 12.85
C GLU A 277 -33.75 -6.41 11.91
N GLU A 278 -33.28 -6.10 10.69
CA GLU A 278 -32.90 -7.15 9.77
C GLU A 278 -31.68 -7.93 10.26
N ARG A 279 -30.70 -7.23 10.85
CA ARG A 279 -29.55 -7.92 11.40
C ARG A 279 -29.95 -8.84 12.54
N LEU A 280 -30.83 -8.35 13.43
CA LEU A 280 -31.30 -9.20 14.52
C LEU A 280 -32.08 -10.40 14.02
N LYS A 281 -32.88 -10.21 12.96
CA LYS A 281 -33.61 -11.33 12.38
C LYS A 281 -32.68 -12.37 11.80
N LEU A 282 -31.64 -11.93 11.07
CA LEU A 282 -30.67 -12.87 10.51
C LEU A 282 -29.93 -13.62 11.61
N PHE A 283 -29.49 -12.90 12.64
CA PHE A 283 -28.76 -13.53 13.74
C PHE A 283 -29.65 -14.53 14.48
N ASP A 284 -30.91 -14.18 14.69
CA ASP A 284 -31.80 -15.08 15.41
C ASP A 284 -32.28 -16.23 14.53
N ARG A 285 -32.09 -16.14 13.21
CA ARG A 285 -32.44 -17.26 12.35
C ARG A 285 -31.28 -18.22 12.13
N TYR A 286 -30.06 -17.72 11.94
CA TYR A 286 -28.90 -18.57 11.70
C TYR A 286 -28.11 -18.89 12.95
N PHE A 287 -27.60 -17.88 13.65
CA PHE A 287 -26.80 -18.09 14.84
C PHE A 287 -27.68 -17.94 16.08
N LYS A 288 -28.68 -18.81 16.19
CA LYS A 288 -29.69 -18.65 17.23
C LYS A 288 -29.13 -18.98 18.61
N TYR A 289 -28.39 -20.08 18.73
CA TYR A 289 -27.91 -20.57 20.02
C TYR A 289 -26.48 -20.14 20.30
N TRP A 290 -25.92 -19.22 19.52
CA TRP A 290 -24.68 -18.58 19.85
C TRP A 290 -24.92 -17.70 21.08
N ASP A 291 -24.47 -18.15 22.24
CA ASP A 291 -24.96 -17.63 23.51
C ASP A 291 -24.51 -16.22 23.81
N GLN A 292 -23.38 -15.78 23.27
CA GLN A 292 -22.90 -14.43 23.57
C GLN A 292 -23.83 -13.39 22.96
N THR A 293 -23.98 -12.26 23.65
CA THR A 293 -24.87 -11.21 23.20
C THR A 293 -24.33 -10.56 21.92
N TYR A 294 -25.24 -10.08 21.09
CA TYR A 294 -24.90 -9.46 19.82
C TYR A 294 -25.65 -8.16 19.67
N HIS A 295 -24.93 -7.04 19.68
CA HIS A 295 -25.51 -5.72 19.46
C HIS A 295 -25.28 -5.32 18.01
N PRO A 296 -26.33 -5.18 17.19
CA PRO A 296 -26.10 -4.85 15.78
C PRO A 296 -25.31 -3.58 15.58
N ASN A 297 -25.57 -2.55 16.38
CA ASN A 297 -24.77 -1.34 16.38
C ASN A 297 -23.68 -1.48 17.44
N CYS A 298 -22.43 -1.33 17.01
CA CYS A 298 -21.30 -1.51 17.92
C CYS A 298 -21.15 -0.38 18.92
N VAL A 299 -21.95 0.69 18.80
CA VAL A 299 -21.92 1.78 19.77
C VAL A 299 -22.49 1.36 21.12
N ASN A 300 -23.08 0.17 21.22
CA ASN A 300 -23.59 -0.36 22.47
C ASN A 300 -22.68 -1.41 23.09
N CYS A 301 -21.46 -1.56 22.58
CA CYS A 301 -20.59 -2.66 22.95
C CYS A 301 -19.88 -2.39 24.27
N LEU A 302 -19.65 -3.47 25.02
CA LEU A 302 -19.15 -3.36 26.40
C LEU A 302 -17.67 -3.00 26.45
N ASP A 303 -16.85 -3.59 25.57
CA ASP A 303 -15.41 -3.35 25.60
C ASP A 303 -14.84 -3.68 24.22
N ASP A 304 -13.52 -3.59 24.09
CA ASP A 304 -12.87 -3.79 22.81
C ASP A 304 -12.80 -5.27 22.40
N ARG A 305 -13.30 -6.18 23.22
CA ARG A 305 -13.47 -7.57 22.81
C ARG A 305 -14.91 -7.90 22.46
N CYS A 306 -15.83 -6.96 22.68
CA CYS A 306 -17.18 -7.11 22.14
C CYS A 306 -17.37 -6.28 20.88
N ILE A 307 -16.45 -5.36 20.60
CA ILE A 307 -16.48 -4.67 19.31
C ILE A 307 -16.02 -5.60 18.21
N LEU A 308 -15.01 -6.44 18.50
CA LEU A 308 -14.55 -7.40 17.51
C LEU A 308 -15.62 -8.45 17.21
N HIS A 309 -16.30 -8.95 18.23
CA HIS A 309 -17.31 -9.99 18.03
C HIS A 309 -18.48 -9.47 17.20
N CYS A 310 -19.07 -8.35 17.61
CA CYS A 310 -20.21 -7.79 16.88
C CYS A 310 -19.79 -7.26 15.52
N ALA A 311 -18.59 -6.71 15.39
CA ALA A 311 -18.10 -6.26 14.09
C ALA A 311 -17.91 -7.42 13.15
N ASN A 312 -17.39 -8.55 13.66
CA ASN A 312 -17.23 -9.73 12.82
C ASN A 312 -18.58 -10.28 12.38
N PHE A 313 -19.58 -10.24 13.24
CA PHE A 313 -20.91 -10.67 12.82
C PHE A 313 -21.48 -9.72 11.77
N ASN A 314 -21.35 -8.41 11.97
CA ASN A 314 -21.88 -7.45 11.01
C ASN A 314 -21.14 -7.50 9.69
N VAL A 315 -19.90 -8.00 9.68
CA VAL A 315 -19.16 -8.10 8.42
C VAL A 315 -19.76 -9.18 7.55
N LEU A 316 -20.44 -10.16 8.15
CA LEU A 316 -21.19 -11.13 7.37
C LEU A 316 -22.59 -10.63 7.06
N PHE A 317 -23.27 -10.07 8.05
CA PHE A 317 -24.65 -9.65 7.85
C PHE A 317 -24.79 -8.44 6.93
N SER A 318 -23.70 -7.78 6.58
CA SER A 318 -23.75 -6.62 5.69
C SER A 318 -23.52 -7.00 4.23
N THR A 319 -23.37 -8.28 3.92
CA THR A 319 -23.28 -8.69 2.53
C THR A 319 -24.63 -9.01 1.92
N VAL A 320 -25.72 -8.88 2.68
CA VAL A 320 -27.06 -9.12 2.17
C VAL A 320 -27.85 -7.82 2.00
N PHE A 321 -27.29 -6.68 2.39
CA PHE A 321 -27.92 -5.37 2.34
C PHE A 321 -27.38 -4.59 1.14
N PRO A 322 -28.16 -3.66 0.59
CA PRO A 322 -27.70 -2.92 -0.59
C PRO A 322 -26.48 -2.07 -0.28
N PRO A 323 -25.55 -1.93 -1.23
CA PRO A 323 -24.32 -1.17 -0.95
C PRO A 323 -24.48 0.33 -1.08
N THR A 324 -25.66 0.83 -1.43
CA THR A 324 -25.90 2.26 -1.51
C THR A 324 -26.42 2.84 -0.21
N SER A 325 -26.75 1.99 0.78
CA SER A 325 -27.26 2.46 2.05
C SER A 325 -26.18 2.63 3.11
N PHE A 326 -24.93 2.29 2.78
CA PHE A 326 -23.81 2.49 3.68
C PHE A 326 -23.22 3.88 3.44
N GLY A 327 -22.06 4.12 4.02
CA GLY A 327 -21.43 5.42 3.89
C GLY A 327 -22.07 6.45 4.80
N PRO A 328 -21.71 7.72 4.62
CA PRO A 328 -22.19 8.76 5.54
C PRO A 328 -23.70 8.92 5.47
N LEU A 329 -24.27 9.38 6.58
CA LEU A 329 -25.69 9.70 6.68
C LEU A 329 -25.81 11.21 6.76
N VAL A 330 -26.23 11.84 5.66
CA VAL A 330 -26.30 13.28 5.59
C VAL A 330 -27.63 13.76 6.17
N ARG A 331 -27.68 15.04 6.48
CA ARG A 331 -28.83 15.69 7.07
C ARG A 331 -28.75 17.16 6.73
N LYS A 332 -29.90 17.80 6.52
CA LYS A 332 -29.93 19.21 6.15
C LYS A 332 -29.95 20.06 7.43
N ILE A 333 -28.86 20.79 7.65
CA ILE A 333 -28.78 21.72 8.75
C ILE A 333 -28.86 23.14 8.19
N PHE A 334 -29.02 24.12 9.07
CA PHE A 334 -29.08 25.51 8.67
C PHE A 334 -27.98 26.30 9.36
N VAL A 335 -27.21 27.04 8.58
CA VAL A 335 -26.21 27.96 9.09
C VAL A 335 -26.63 29.37 8.67
N ASP A 336 -26.84 30.24 9.66
CA ASP A 336 -27.40 31.58 9.51
C ASP A 336 -28.52 31.65 8.46
N GLY A 337 -29.42 30.66 8.50
CA GLY A 337 -30.57 30.66 7.63
C GLY A 337 -30.37 30.11 6.23
N VAL A 338 -29.19 29.59 5.92
CA VAL A 338 -28.92 28.99 4.61
C VAL A 338 -28.71 27.49 4.82
N PRO A 339 -29.26 26.62 3.95
CA PRO A 339 -29.20 25.18 4.22
C PRO A 339 -27.94 24.48 3.74
N PHE A 340 -27.19 23.91 4.68
CA PHE A 340 -26.14 22.96 4.36
C PHE A 340 -26.70 21.54 4.39
N VAL A 341 -26.03 20.64 3.68
CA VAL A 341 -26.28 19.21 3.80
C VAL A 341 -24.98 18.56 4.27
N VAL A 342 -24.94 18.17 5.54
CA VAL A 342 -23.70 17.69 6.14
C VAL A 342 -23.96 16.35 6.81
N SER A 343 -22.89 15.57 6.98
CA SER A 343 -23.01 14.22 7.51
C SER A 343 -23.12 14.27 9.03
N THR A 344 -24.13 13.61 9.58
CA THR A 344 -24.33 13.54 11.03
C THR A 344 -24.11 12.13 11.56
N GLY A 345 -23.41 11.29 10.81
CA GLY A 345 -23.15 9.95 11.26
C GLY A 345 -22.48 9.13 10.18
N TYR A 346 -22.58 7.83 10.35
CA TYR A 346 -22.01 6.87 9.40
C TYR A 346 -22.76 5.56 9.57
N HIS A 347 -22.69 4.73 8.53
CA HIS A 347 -23.28 3.40 8.57
C HIS A 347 -22.20 2.43 8.11
N PHE A 348 -21.36 1.99 9.04
CA PHE A 348 -20.29 1.07 8.73
C PHE A 348 -20.86 -0.32 8.50
N ARG A 349 -20.31 -1.02 7.50
CA ARG A 349 -20.67 -2.42 7.30
C ARG A 349 -20.28 -3.26 8.51
N GLU A 350 -19.19 -2.89 9.19
CA GLU A 350 -18.70 -3.63 10.35
C GLU A 350 -19.24 -3.10 11.67
N LEU A 351 -19.25 -1.78 11.86
CA LEU A 351 -19.63 -1.20 13.15
C LEU A 351 -21.08 -0.72 13.19
N GLY A 352 -21.87 -0.99 12.16
CA GLY A 352 -23.27 -0.62 12.22
C GLY A 352 -23.49 0.88 12.12
N VAL A 353 -24.63 1.33 12.63
CA VAL A 353 -25.04 2.72 12.53
C VAL A 353 -24.44 3.51 13.70
N VAL A 354 -23.70 4.56 13.40
CA VAL A 354 -23.10 5.43 14.41
C VAL A 354 -23.58 6.85 14.17
N HIS A 355 -24.12 7.47 15.20
CA HIS A 355 -24.69 8.81 15.12
C HIS A 355 -23.80 9.80 15.85
N ASN A 356 -23.64 10.98 15.27
CA ASN A 356 -22.91 12.05 15.95
C ASN A 356 -23.71 12.54 17.15
N GLN A 357 -22.98 13.02 18.15
CA GLN A 357 -23.59 13.56 19.36
C GLN A 357 -23.61 15.08 19.40
N ASP A 358 -22.80 15.73 18.57
CA ASP A 358 -22.77 17.18 18.45
C ASP A 358 -23.33 17.56 17.09
N VAL A 359 -24.66 17.68 17.01
CA VAL A 359 -25.33 18.14 15.81
C VAL A 359 -25.82 19.56 16.07
N ASN A 360 -25.25 20.52 15.37
CA ASN A 360 -25.57 21.93 15.57
C ASN A 360 -26.57 22.35 14.50
N LEU A 361 -27.84 22.04 14.75
CA LEU A 361 -28.92 22.55 13.92
C LEU A 361 -29.15 24.02 14.21
N HIS A 362 -29.42 24.78 13.14
CA HIS A 362 -29.66 26.23 13.22
C HIS A 362 -28.48 26.94 13.87
N SER A 363 -27.32 26.82 13.24
CA SER A 363 -26.13 27.53 13.68
C SER A 363 -26.17 28.97 13.19
N SER A 364 -25.23 29.76 13.69
CA SER A 364 -25.15 31.17 13.30
C SER A 364 -23.83 31.52 12.63
N ARG A 365 -22.71 31.11 13.22
CA ARG A 365 -21.39 31.40 12.68
C ARG A 365 -20.61 30.11 12.56
N LEU A 366 -19.66 30.08 11.63
CA LEU A 366 -18.81 28.92 11.39
C LEU A 366 -17.38 29.29 11.77
N SER A 367 -16.91 28.77 12.90
CA SER A 367 -15.53 28.95 13.30
C SER A 367 -14.62 28.12 12.40
N PHE A 368 -13.32 28.18 12.66
CA PHE A 368 -12.37 27.48 11.80
C PHE A 368 -12.47 25.97 11.98
N LYS A 369 -12.77 25.50 13.20
CA LYS A 369 -12.96 24.07 13.40
C LYS A 369 -14.16 23.56 12.61
N GLU A 370 -15.29 24.24 12.71
CA GLU A 370 -16.50 23.81 12.01
C GLU A 370 -16.34 23.97 10.51
N LEU A 371 -15.65 25.03 10.08
CA LEU A 371 -15.39 25.20 8.65
C LEU A 371 -14.52 24.08 8.11
N LEU A 372 -13.47 23.72 8.87
CA LEU A 372 -12.60 22.62 8.45
C LEU A 372 -13.36 21.31 8.39
N VAL A 373 -14.22 21.05 9.38
CA VAL A 373 -15.01 19.82 9.38
C VAL A 373 -15.96 19.78 8.19
N TYR A 374 -16.63 20.89 7.91
CA TYR A 374 -17.61 20.91 6.82
C TYR A 374 -16.95 20.92 5.45
N ALA A 375 -15.67 21.33 5.38
CA ALA A 375 -14.96 21.24 4.10
C ALA A 375 -14.37 19.84 3.91
N ALA A 376 -14.04 19.15 5.00
CA ALA A 376 -13.38 17.86 4.90
C ALA A 376 -14.33 16.78 4.40
N ASP A 377 -15.53 16.71 4.96
CA ASP A 377 -16.40 15.57 4.71
C ASP A 377 -16.95 15.60 3.29
N PRO A 378 -17.25 14.43 2.70
CA PRO A 378 -17.73 14.40 1.32
C PRO A 378 -19.22 14.67 1.16
N ALA A 379 -19.91 15.09 2.23
CA ALA A 379 -21.35 15.32 2.11
C ALA A 379 -21.66 16.43 1.11
N MET A 380 -21.01 17.59 1.28
CA MET A 380 -21.21 18.68 0.33
C MET A 380 -20.65 18.32 -1.04
N HIS A 381 -19.48 17.68 -1.08
CA HIS A 381 -18.82 17.38 -2.36
C HIS A 381 -19.64 16.39 -3.17
N ALA A 382 -20.16 15.34 -2.54
CA ALA A 382 -20.97 14.38 -3.28
C ALA A 382 -22.35 14.91 -3.57
N ALA A 383 -22.93 15.68 -2.64
CA ALA A 383 -24.27 16.22 -2.82
C ALA A 383 -24.33 17.28 -3.92
N SER A 384 -23.26 18.06 -4.11
CA SER A 384 -23.25 19.09 -5.14
C SER A 384 -22.60 18.63 -6.43
N GLY A 385 -22.12 17.38 -6.51
CA GLY A 385 -21.57 16.86 -7.73
C GLY A 385 -22.61 16.11 -8.56
N ASN A 386 -22.22 15.80 -9.79
CA ASN A 386 -23.10 15.08 -10.71
C ASN A 386 -22.81 13.59 -10.65
N LEU A 387 -23.85 12.79 -10.90
CA LEU A 387 -23.75 11.35 -10.76
C LEU A 387 -22.73 10.78 -11.74
N LEU A 388 -22.05 9.72 -11.32
CA LEU A 388 -21.01 9.09 -12.12
C LEU A 388 -21.31 7.61 -12.29
N LEU A 389 -21.03 7.11 -13.49
CA LEU A 389 -21.13 5.68 -13.81
C LEU A 389 -19.83 5.31 -14.49
N ASP A 390 -18.82 4.94 -13.69
CA ASP A 390 -17.51 4.57 -14.21
C ASP A 390 -17.52 3.08 -14.47
N LYS A 391 -17.47 2.68 -15.74
CA LYS A 391 -17.43 1.26 -16.07
C LYS A 391 -16.02 0.69 -16.07
N ARG A 392 -15.00 1.52 -15.84
CA ARG A 392 -13.64 1.01 -15.78
C ARG A 392 -13.39 0.21 -14.51
N THR A 393 -14.16 0.46 -13.46
CA THR A 393 -13.98 -0.21 -12.17
C THR A 393 -15.26 -0.95 -11.78
N THR A 394 -15.09 -1.87 -10.83
CA THR A 394 -16.20 -2.54 -10.19
C THR A 394 -16.57 -1.90 -8.86
N CYS A 395 -15.70 -1.09 -8.29
CA CYS A 395 -15.99 -0.40 -7.04
C CYS A 395 -17.09 0.62 -7.24
N PHE A 396 -17.85 0.87 -6.18
CA PHE A 396 -18.94 1.83 -6.22
C PHE A 396 -18.40 3.23 -6.48
N SER A 397 -19.11 4.00 -7.29
CA SER A 397 -18.73 5.36 -7.64
C SER A 397 -19.83 6.31 -7.22
N VAL A 398 -19.47 7.34 -6.46
CA VAL A 398 -20.46 8.21 -5.82
C VAL A 398 -20.81 9.37 -6.73
N ALA A 399 -19.83 10.19 -7.09
CA ALA A 399 -20.09 11.41 -7.85
C ALA A 399 -18.84 11.81 -8.61
N ALA A 400 -19.02 12.76 -9.53
CA ALA A 400 -17.93 13.36 -10.28
C ALA A 400 -17.92 14.85 -9.98
N LEU A 401 -16.92 15.29 -9.20
CA LEU A 401 -16.89 16.67 -8.73
C LEU A 401 -16.76 17.65 -9.87
N THR A 402 -15.83 17.41 -10.79
CA THR A 402 -15.65 18.28 -11.94
C THR A 402 -16.71 17.96 -13.01
N ASN A 403 -16.61 18.62 -14.14
CA ASN A 403 -17.47 18.32 -15.29
C ASN A 403 -16.84 17.32 -16.25
N ASN A 404 -15.56 17.02 -16.09
CA ASN A 404 -14.89 16.04 -16.93
C ASN A 404 -13.86 15.28 -16.10
N VAL A 405 -13.63 14.04 -16.49
CA VAL A 405 -12.69 13.18 -15.77
C VAL A 405 -11.26 13.56 -16.16
N ALA A 406 -10.37 13.56 -15.17
CA ALA A 406 -8.98 13.94 -15.39
C ALA A 406 -8.13 12.69 -15.47
N PHE A 407 -7.38 12.55 -16.56
CA PHE A 407 -6.49 11.41 -16.79
C PHE A 407 -5.07 11.87 -16.50
N GLN A 408 -4.46 11.29 -15.47
CA GLN A 408 -3.12 11.67 -15.04
C GLN A 408 -2.11 10.63 -15.51
N THR A 409 -1.02 11.09 -16.10
CA THR A 409 0.03 10.23 -16.59
C THR A 409 1.27 10.35 -15.71
N VAL A 410 2.23 9.46 -15.94
CA VAL A 410 3.51 9.48 -15.26
C VAL A 410 4.59 9.59 -16.31
N LYS A 411 5.26 10.74 -16.35
CA LYS A 411 6.30 10.97 -17.35
C LYS A 411 7.52 10.12 -17.04
N PRO A 412 8.34 9.80 -18.06
CA PRO A 412 9.56 9.03 -17.81
C PRO A 412 10.60 9.84 -17.05
N GLY A 413 11.58 9.15 -16.48
CA GLY A 413 12.60 9.82 -15.70
C GLY A 413 13.73 10.35 -16.54
N ASN A 414 14.37 11.40 -16.03
CA ASN A 414 15.49 12.01 -16.73
C ASN A 414 16.69 11.07 -16.71
N PHE A 415 17.53 11.17 -17.73
CA PHE A 415 18.67 10.30 -17.90
C PHE A 415 19.95 11.06 -17.59
N ASN A 416 20.79 10.47 -16.74
CA ASN A 416 22.05 11.08 -16.30
C ASN A 416 23.16 10.54 -17.18
N LYS A 417 23.34 11.15 -18.36
CA LYS A 417 24.25 10.57 -19.34
C LYS A 417 25.71 10.65 -18.90
N ASP A 418 26.08 11.66 -18.10
CA ASP A 418 27.44 11.75 -17.62
C ASP A 418 27.82 10.54 -16.78
N PHE A 419 26.93 10.14 -15.87
CA PHE A 419 27.22 9.00 -15.01
C PHE A 419 27.16 7.70 -15.79
N TYR A 420 26.28 7.60 -16.78
CA TYR A 420 26.24 6.38 -17.58
C TYR A 420 27.48 6.23 -18.44
N ASP A 421 27.95 7.32 -19.04
CA ASP A 421 29.20 7.28 -19.79
C ASP A 421 30.38 6.95 -18.89
N PHE A 422 30.40 7.49 -17.67
CA PHE A 422 31.45 7.15 -16.74
C PHE A 422 31.39 5.68 -16.34
N ALA A 423 30.19 5.15 -16.14
CA ALA A 423 30.03 3.75 -15.76
C ALA A 423 30.49 2.82 -16.87
N VAL A 424 30.11 3.12 -18.12
CA VAL A 424 30.55 2.27 -19.22
C VAL A 424 32.02 2.51 -19.53
N SER A 425 32.59 3.62 -19.04
CA SER A 425 34.02 3.83 -19.15
C SER A 425 34.82 2.97 -18.20
N LYS A 426 34.24 2.61 -17.05
CA LYS A 426 34.91 1.80 -16.05
C LYS A 426 34.68 0.30 -16.24
N GLY A 427 34.03 -0.11 -17.31
CA GLY A 427 33.84 -1.50 -17.62
C GLY A 427 32.52 -2.10 -17.21
N PHE A 428 31.54 -1.29 -16.83
CA PHE A 428 30.24 -1.78 -16.44
C PHE A 428 29.36 -2.01 -17.66
N PHE A 429 28.20 -2.62 -17.41
CA PHE A 429 27.14 -2.81 -18.40
C PHE A 429 27.59 -3.60 -19.63
N LYS A 430 28.59 -4.47 -19.48
CA LYS A 430 28.98 -5.34 -20.57
C LYS A 430 27.91 -6.42 -20.79
N GLU A 431 28.07 -7.14 -21.90
CA GLU A 431 27.18 -8.27 -22.16
C GLU A 431 27.52 -9.43 -21.23
N GLY A 432 26.52 -9.95 -20.54
CA GLY A 432 26.72 -11.02 -19.59
C GLY A 432 27.23 -10.60 -18.24
N SER A 433 27.28 -9.30 -17.96
CA SER A 433 27.72 -8.82 -16.65
C SER A 433 26.69 -9.17 -15.58
N SER A 434 27.19 -9.45 -14.38
CA SER A 434 26.30 -9.79 -13.27
C SER A 434 25.60 -8.57 -12.69
N VAL A 435 26.11 -7.37 -12.96
CA VAL A 435 25.45 -6.13 -12.57
C VAL A 435 24.91 -5.48 -13.83
N GLU A 436 23.58 -5.43 -13.94
CA GLU A 436 22.92 -4.89 -15.12
C GLU A 436 21.78 -3.99 -14.67
N LEU A 437 21.44 -3.03 -15.52
CA LEU A 437 20.36 -2.11 -15.24
C LEU A 437 19.03 -2.86 -15.26
N LYS A 438 18.35 -2.91 -14.12
CA LYS A 438 17.03 -3.50 -14.03
C LYS A 438 16.00 -2.56 -13.42
N HIS A 439 16.42 -1.59 -12.62
CA HIS A 439 15.51 -0.64 -11.98
C HIS A 439 15.47 0.63 -12.82
N PHE A 440 14.36 0.86 -13.51
CA PHE A 440 14.22 1.98 -14.43
C PHE A 440 13.10 2.90 -13.94
N PHE A 441 12.92 3.99 -14.67
CA PHE A 441 11.81 4.92 -14.47
C PHE A 441 10.75 4.58 -15.50
N PHE A 442 9.69 3.91 -15.07
CA PHE A 442 8.64 3.49 -15.98
C PHE A 442 7.60 4.58 -16.14
N ALA A 443 7.00 4.64 -17.33
CA ALA A 443 5.96 5.61 -17.63
C ALA A 443 4.60 4.92 -17.63
N GLN A 444 3.55 5.72 -17.49
CA GLN A 444 2.18 5.20 -17.45
C GLN A 444 1.29 6.03 -18.36
N ASP A 445 0.27 5.37 -18.91
CA ASP A 445 -0.68 6.03 -19.78
C ASP A 445 -1.76 6.70 -18.92
N GLY A 446 -2.80 7.21 -19.58
CA GLY A 446 -3.84 7.93 -18.86
C GLY A 446 -4.66 7.06 -17.92
N ASN A 447 -4.95 5.83 -18.34
CA ASN A 447 -5.83 4.95 -17.58
C ASN A 447 -5.13 4.21 -16.46
N ALA A 448 -3.93 4.65 -16.04
CA ALA A 448 -3.23 3.96 -14.97
C ALA A 448 -3.86 4.25 -13.62
N ALA A 449 -4.19 5.51 -13.36
CA ALA A 449 -4.69 5.92 -12.05
C ALA A 449 -5.97 5.17 -11.68
N ILE A 450 -6.75 4.77 -12.67
CA ILE A 450 -7.98 4.03 -12.41
C ILE A 450 -7.81 2.53 -12.67
N SER A 451 -6.70 2.11 -13.26
CA SER A 451 -6.42 0.68 -13.36
C SER A 451 -5.84 0.15 -12.06
N ASP A 452 -5.21 1.02 -11.26
CA ASP A 452 -4.64 0.57 -10.01
C ASP A 452 -5.68 0.57 -8.89
N TYR A 453 -6.54 1.60 -8.85
CA TYR A 453 -7.62 1.61 -7.86
C TYR A 453 -8.54 0.41 -8.04
N ASP A 454 -8.69 -0.06 -9.27
CA ASP A 454 -9.50 -1.25 -9.53
C ASP A 454 -8.96 -2.48 -8.81
N TYR A 455 -7.71 -2.47 -8.38
CA TYR A 455 -7.18 -3.58 -7.59
C TYR A 455 -7.89 -3.73 -6.26
N TYR A 456 -8.64 -2.72 -5.81
CA TYR A 456 -9.48 -2.92 -4.63
C TYR A 456 -10.61 -3.91 -4.87
N ARG A 457 -10.73 -4.46 -6.08
CA ARG A 457 -11.61 -5.60 -6.29
C ARG A 457 -11.07 -6.87 -5.63
N TYR A 458 -9.83 -6.85 -5.17
CA TYR A 458 -9.25 -8.00 -4.46
C TYR A 458 -9.65 -8.04 -2.99
N ASN A 459 -10.37 -7.03 -2.50
CA ASN A 459 -10.81 -6.97 -1.12
C ASN A 459 -12.23 -7.51 -1.03
N LEU A 460 -12.39 -8.62 -0.32
CA LEU A 460 -13.68 -9.25 -0.14
C LEU A 460 -14.11 -9.16 1.32
N PRO A 461 -15.41 -9.11 1.58
CA PRO A 461 -15.87 -9.13 2.98
C PRO A 461 -15.58 -10.48 3.61
N THR A 462 -14.64 -10.49 4.55
CA THR A 462 -14.15 -11.72 5.16
C THR A 462 -14.60 -11.78 6.61
N MET A 463 -15.30 -12.86 6.96
CA MET A 463 -15.74 -13.11 8.33
C MET A 463 -14.67 -13.95 9.01
N CYS A 464 -13.89 -13.33 9.89
CA CYS A 464 -12.82 -14.04 10.58
C CYS A 464 -13.38 -14.96 11.65
N ASP A 465 -12.64 -16.03 11.94
CA ASP A 465 -12.98 -16.92 13.04
C ASP A 465 -12.92 -16.12 14.33
N ILE A 466 -14.02 -16.06 15.08
CA ILE A 466 -14.10 -15.08 16.15
C ILE A 466 -13.65 -15.66 17.48
N ARG A 467 -13.76 -16.97 17.69
CA ARG A 467 -13.28 -17.53 18.95
C ARG A 467 -11.77 -17.68 18.97
N GLN A 468 -11.12 -17.58 17.82
CA GLN A 468 -9.66 -17.63 17.72
C GLN A 468 -9.04 -16.25 17.59
N LEU A 469 -9.72 -15.33 16.88
CA LEU A 469 -9.24 -13.96 16.80
C LEU A 469 -9.20 -13.31 18.17
N LEU A 470 -10.13 -13.67 19.05
CA LEU A 470 -10.17 -13.07 20.38
C LEU A 470 -9.06 -13.58 21.29
N PHE A 471 -8.29 -14.58 20.84
CA PHE A 471 -7.10 -15.02 21.55
C PHE A 471 -5.83 -14.55 20.87
N VAL A 472 -5.86 -14.47 19.54
CA VAL A 472 -4.76 -13.87 18.81
C VAL A 472 -4.62 -12.40 19.18
N VAL A 473 -5.73 -11.74 19.51
CA VAL A 473 -5.67 -10.36 20.01
C VAL A 473 -4.89 -10.30 21.31
N GLU A 474 -5.15 -11.25 22.22
CA GLU A 474 -4.42 -11.27 23.49
C GLU A 474 -2.94 -11.50 23.27
N VAL A 475 -2.59 -12.43 22.38
CA VAL A 475 -1.17 -12.71 22.15
C VAL A 475 -0.48 -11.51 21.50
N VAL A 476 -1.14 -10.86 20.54
CA VAL A 476 -0.56 -9.68 19.91
C VAL A 476 -0.41 -8.53 20.90
N ASP A 477 -1.41 -8.33 21.76
CA ASP A 477 -1.28 -7.32 22.81
C ASP A 477 -0.16 -7.64 23.78
N LYS A 478 0.09 -8.92 24.05
CA LYS A 478 1.28 -9.28 24.82
C LYS A 478 2.55 -8.92 24.08
N TYR A 479 2.57 -9.10 22.76
CA TYR A 479 3.69 -8.62 21.95
C TYR A 479 3.85 -7.10 22.01
N PHE A 480 2.77 -6.36 22.22
CA PHE A 480 2.80 -4.90 22.27
C PHE A 480 2.71 -4.37 23.70
N ASP A 481 3.31 -5.06 24.66
CA ASP A 481 3.19 -4.68 26.05
C ASP A 481 4.34 -3.80 26.55
N CYS A 482 5.45 -3.76 25.83
CA CYS A 482 6.61 -3.00 26.30
C CYS A 482 6.42 -1.49 26.18
N TYR A 483 5.59 -1.03 25.24
CA TYR A 483 5.47 0.38 24.94
C TYR A 483 4.37 1.03 25.78
N ASP A 484 4.27 2.35 25.67
CA ASP A 484 3.25 3.13 26.36
C ASP A 484 2.67 4.15 25.40
N GLY A 485 1.42 4.52 25.65
CA GLY A 485 0.76 5.46 24.76
C GLY A 485 -0.41 6.13 25.44
N GLY A 486 -0.97 7.09 24.74
CA GLY A 486 -2.12 7.83 25.24
C GLY A 486 -2.33 9.09 24.43
N CYS A 487 -3.45 9.75 24.71
CA CYS A 487 -3.74 11.02 24.05
C CYS A 487 -2.77 12.08 24.54
N ILE A 488 -2.31 12.92 23.60
CA ILE A 488 -1.39 14.00 23.92
C ILE A 488 -2.03 15.33 23.53
N ASN A 489 -1.55 16.39 24.15
CA ASN A 489 -2.05 17.72 23.85
C ASN A 489 -1.58 18.18 22.48
N ALA A 490 -2.16 19.28 21.99
CA ALA A 490 -1.82 19.78 20.67
C ALA A 490 -0.40 20.31 20.59
N ASN A 491 0.17 20.78 21.71
CA ASN A 491 1.50 21.36 21.68
C ASN A 491 2.62 20.33 21.78
N GLN A 492 2.30 19.07 22.06
CA GLN A 492 3.30 18.02 22.10
C GLN A 492 3.41 17.25 20.79
N VAL A 493 2.58 17.56 19.81
CA VAL A 493 2.58 16.85 18.53
C VAL A 493 3.78 17.31 17.71
N ILE A 494 4.57 16.36 17.24
CA ILE A 494 5.75 16.62 16.43
C ILE A 494 5.45 16.20 15.00
N VAL A 495 5.69 17.10 14.05
CA VAL A 495 5.51 16.83 12.63
C VAL A 495 6.86 16.85 11.95
N ASN A 496 7.22 15.73 11.31
CA ASN A 496 8.52 15.64 10.66
C ASN A 496 8.62 16.59 9.47
N ASN A 497 7.63 16.57 8.59
CA ASN A 497 7.63 17.40 7.39
C ASN A 497 6.29 18.09 7.27
N LEU A 498 6.30 19.42 7.33
CA LEU A 498 5.08 20.20 7.25
C LEU A 498 4.74 20.67 5.83
N ASP A 499 5.71 20.70 4.93
CA ASP A 499 5.47 21.18 3.57
C ASP A 499 5.09 20.02 2.63
N LYS A 500 4.05 19.28 3.01
CA LYS A 500 3.49 18.24 2.19
C LYS A 500 1.98 18.43 2.10
N SER A 501 1.38 17.91 1.04
CA SER A 501 0.00 18.22 0.72
C SER A 501 -0.96 17.73 1.81
N ALA A 502 -2.08 18.42 1.94
CA ALA A 502 -3.05 18.18 2.99
C ALA A 502 -4.29 17.44 2.49
N GLY A 503 -4.16 16.65 1.43
CA GLY A 503 -5.29 15.88 0.95
C GLY A 503 -6.32 16.75 0.24
N PHE A 504 -7.48 16.16 0.03
CA PHE A 504 -8.58 16.84 -0.63
C PHE A 504 -9.65 17.25 0.37
N PRO A 505 -10.25 18.43 0.27
CA PRO A 505 -10.02 19.48 -0.72
C PRO A 505 -8.98 20.51 -0.29
N PHE A 506 -8.28 20.23 0.81
CA PHE A 506 -7.39 21.22 1.41
C PHE A 506 -6.16 21.53 0.56
N ASN A 507 -5.86 20.74 -0.47
CA ASN A 507 -4.68 20.98 -1.27
C ASN A 507 -4.84 22.15 -2.24
N LYS A 508 -6.05 22.68 -2.37
CA LYS A 508 -6.29 23.79 -3.29
C LYS A 508 -5.93 25.15 -2.71
N TRP A 509 -5.57 25.21 -1.42
CA TRP A 509 -5.24 26.47 -0.78
C TRP A 509 -3.88 26.49 -0.08
N GLY A 510 -3.25 25.35 0.15
CA GLY A 510 -1.94 25.35 0.77
C GLY A 510 -1.55 23.96 1.20
N LYS A 511 -0.32 23.86 1.70
CA LYS A 511 0.23 22.62 2.20
C LYS A 511 -0.29 22.36 3.61
N ALA A 512 0.27 21.36 4.29
CA ALA A 512 -0.13 21.11 5.68
C ALA A 512 0.40 22.19 6.62
N ARG A 513 1.41 22.95 6.20
CA ARG A 513 1.92 24.03 7.03
C ARG A 513 0.87 25.10 7.24
N LEU A 514 0.06 25.38 6.22
CA LEU A 514 -0.99 26.40 6.35
C LEU A 514 -2.01 26.02 7.41
N TYR A 515 -2.39 24.74 7.46
CA TYR A 515 -3.38 24.31 8.43
C TYR A 515 -2.78 23.98 9.80
N TYR A 516 -1.47 23.80 9.88
CA TYR A 516 -0.83 23.67 11.19
C TYR A 516 -0.42 24.99 11.79
N ASP A 517 -0.37 26.06 10.98
CA ASP A 517 -0.09 27.39 11.50
C ASP A 517 -1.35 28.23 11.67
N SER A 518 -2.37 28.03 10.85
CA SER A 518 -3.60 28.80 10.95
C SER A 518 -4.44 28.43 12.16
N MET A 519 -4.32 27.20 12.67
CA MET A 519 -5.11 26.74 13.80
C MET A 519 -4.28 26.82 15.07
N SER A 520 -4.74 27.61 16.02
CA SER A 520 -4.08 27.68 17.32
C SER A 520 -4.30 26.38 18.09
N TYR A 521 -3.52 26.20 19.16
CA TYR A 521 -3.59 24.97 19.93
C TYR A 521 -4.97 24.77 20.57
N GLU A 522 -5.68 25.84 20.90
CA GLU A 522 -6.99 25.70 21.53
C GLU A 522 -7.99 25.06 20.56
N ASP A 523 -8.10 25.59 19.34
CA ASP A 523 -9.00 25.01 18.36
C ASP A 523 -8.37 23.85 17.59
N GLN A 524 -7.14 23.48 17.93
CA GLN A 524 -6.56 22.22 17.46
C GLN A 524 -6.81 21.08 18.44
N ASP A 525 -6.96 21.40 19.72
CA ASP A 525 -7.47 20.45 20.69
C ASP A 525 -8.99 20.35 20.66
N ALA A 526 -9.68 21.43 20.29
CA ALA A 526 -11.13 21.37 20.15
C ALA A 526 -11.53 20.40 19.05
N LEU A 527 -10.78 20.39 17.93
CA LEU A 527 -11.08 19.44 16.86
C LEU A 527 -10.89 18.00 17.32
N PHE A 528 -9.80 17.73 18.05
CA PHE A 528 -9.54 16.38 18.52
C PHE A 528 -10.58 15.94 19.54
N ALA A 529 -11.02 16.86 20.41
CA ALA A 529 -12.09 16.52 21.33
C ALA A 529 -13.44 16.45 20.64
N TYR A 530 -13.56 17.02 19.44
CA TYR A 530 -14.75 16.83 18.63
C TYR A 530 -14.78 15.43 18.02
N THR A 531 -13.63 14.95 17.55
CA THR A 531 -13.61 13.61 16.95
C THR A 531 -13.82 12.51 17.98
N LYS A 532 -13.68 12.79 19.27
CA LYS A 532 -13.94 11.80 20.29
C LYS A 532 -15.42 11.61 20.57
N ARG A 533 -16.28 12.52 20.10
CA ARG A 533 -17.72 12.39 20.27
C ARG A 533 -18.48 12.57 18.96
N ASN A 534 -17.80 12.57 17.82
CA ASN A 534 -18.45 12.68 16.52
C ASN A 534 -17.64 11.90 15.50
N VAL A 535 -18.28 11.60 14.38
CA VAL A 535 -17.64 10.90 13.28
C VAL A 535 -17.42 11.88 12.13
N ILE A 536 -16.19 11.96 11.65
CA ILE A 536 -15.86 12.85 10.54
C ILE A 536 -15.52 12.01 9.31
N PRO A 537 -16.42 11.90 8.34
CA PRO A 537 -16.03 11.31 7.06
C PRO A 537 -15.01 12.20 6.37
N THR A 538 -14.21 11.59 5.50
CA THR A 538 -13.06 12.28 4.93
C THR A 538 -12.77 11.74 3.53
N ILE A 539 -12.52 12.66 2.61
CA ILE A 539 -12.10 12.34 1.25
C ILE A 539 -10.58 12.18 1.26
N THR A 540 -10.10 11.08 0.70
CA THR A 540 -8.66 10.86 0.56
C THR A 540 -8.31 10.73 -0.91
N GLN A 541 -7.31 11.49 -1.35
CA GLN A 541 -6.96 11.54 -2.76
C GLN A 541 -6.04 10.38 -3.12
N MET A 542 -6.06 9.98 -4.39
CA MET A 542 -5.13 9.00 -4.91
C MET A 542 -4.14 9.68 -5.84
N ASN A 543 -2.85 9.56 -5.54
CA ASN A 543 -1.79 10.13 -6.36
C ASN A 543 -0.97 9.01 -6.97
N LEU A 544 -0.36 9.28 -8.12
CA LEU A 544 0.57 8.34 -8.73
C LEU A 544 1.98 8.71 -8.33
N LYS A 545 2.72 7.74 -7.80
CA LYS A 545 4.08 7.98 -7.36
C LYS A 545 5.03 8.04 -8.56
N TYR A 546 5.99 8.94 -8.48
CA TYR A 546 6.98 9.15 -9.54
C TYR A 546 8.34 8.81 -8.96
N ALA A 547 8.73 7.54 -9.06
CA ALA A 547 9.96 7.05 -8.46
C ALA A 547 10.42 5.81 -9.22
N ILE A 548 11.68 5.45 -9.00
CA ILE A 548 12.29 4.35 -9.73
C ILE A 548 11.72 3.02 -9.24
N SER A 549 11.55 2.08 -10.16
CA SER A 549 10.88 0.83 -9.83
C SER A 549 11.40 -0.28 -10.71
N ALA A 550 11.14 -1.52 -10.27
CA ALA A 550 11.65 -2.68 -11.00
C ALA A 550 10.67 -3.13 -12.07
N LYS A 551 9.37 -2.96 -11.85
CA LYS A 551 8.35 -3.40 -12.79
C LYS A 551 7.36 -2.27 -13.07
N ASN A 552 6.62 -2.44 -14.16
CA ASN A 552 5.94 -1.31 -14.79
C ASN A 552 4.57 -1.01 -14.18
N ARG A 553 4.09 -1.85 -13.26
CA ARG A 553 2.77 -1.61 -12.69
C ARG A 553 2.78 -0.33 -11.85
N ALA A 554 1.69 0.42 -11.94
CA ALA A 554 1.62 1.74 -11.31
C ALA A 554 1.65 1.62 -9.80
N ARG A 555 2.11 2.69 -9.15
CA ARG A 555 2.18 2.74 -7.70
C ARG A 555 1.40 3.96 -7.20
N THR A 556 0.22 3.71 -6.65
CA THR A 556 -0.59 4.79 -6.13
C THR A 556 -0.39 4.96 -4.64
N VAL A 557 -0.51 6.19 -4.16
CA VAL A 557 -0.38 6.51 -2.74
C VAL A 557 -1.57 7.35 -2.33
N ALA A 558 -2.12 7.07 -1.16
CA ALA A 558 -3.32 7.74 -0.68
C ALA A 558 -2.93 8.94 0.18
N GLY A 559 -3.29 10.13 -0.28
CA GLY A 559 -3.11 11.32 0.52
C GLY A 559 -4.33 11.61 1.37
N VAL A 560 -4.20 11.47 2.68
CA VAL A 560 -5.34 11.65 3.58
C VAL A 560 -5.43 13.11 4.00
N SER A 561 -6.66 13.56 4.21
CA SER A 561 -6.91 14.97 4.52
C SER A 561 -6.27 15.36 5.85
N ILE A 562 -5.92 16.64 5.97
CA ILE A 562 -5.26 17.12 7.18
C ILE A 562 -6.23 17.07 8.36
N CYS A 563 -7.53 17.06 8.09
CA CYS A 563 -8.52 16.90 9.16
C CYS A 563 -8.41 15.53 9.82
N SER A 564 -7.93 14.52 9.10
CA SER A 564 -7.76 13.19 9.66
C SER A 564 -6.38 13.02 10.28
N THR A 565 -5.33 13.47 9.60
CA THR A 565 -3.98 13.31 10.13
C THR A 565 -3.76 14.16 11.36
N MET A 566 -4.35 15.37 11.39
CA MET A 566 -4.14 16.29 12.51
C MET A 566 -4.69 15.70 13.81
N THR A 567 -5.65 14.78 13.71
CA THR A 567 -6.18 14.16 14.92
C THR A 567 -5.57 12.79 15.14
N ASN A 568 -5.23 12.06 14.08
CA ASN A 568 -4.61 10.76 14.25
C ASN A 568 -3.22 10.89 14.86
N ARG A 569 -2.46 11.92 14.47
CA ARG A 569 -1.17 12.15 15.11
C ARG A 569 -1.34 12.41 16.60
N GLN A 570 -2.30 13.25 16.97
CA GLN A 570 -2.54 13.55 18.37
C GLN A 570 -2.93 12.28 19.14
N PHE A 571 -3.78 11.45 18.54
CA PHE A 571 -4.25 10.25 19.23
C PHE A 571 -3.15 9.21 19.39
N HIS A 572 -2.33 9.00 18.35
CA HIS A 572 -1.47 7.84 18.29
C HIS A 572 0.01 8.13 18.47
N GLN A 573 0.44 9.39 18.52
CA GLN A 573 1.86 9.67 18.34
C GLN A 573 2.68 9.28 19.55
N LYS A 574 2.08 9.22 20.75
CA LYS A 574 2.85 8.77 21.89
C LYS A 574 3.26 7.30 21.74
N LEU A 575 2.31 6.45 21.34
CA LEU A 575 2.64 5.06 21.08
C LEU A 575 3.53 4.91 19.86
N LEU A 576 3.33 5.75 18.85
CA LEU A 576 4.14 5.66 17.64
C LEU A 576 5.58 6.10 17.88
N LYS A 577 5.79 7.01 18.84
CA LYS A 577 7.15 7.41 19.20
C LYS A 577 7.73 6.48 20.24
N SER A 578 6.90 5.71 20.95
CA SER A 578 7.45 4.73 21.88
C SER A 578 7.83 3.44 21.17
N ILE A 579 7.14 3.10 20.07
CA ILE A 579 7.56 1.95 19.27
C ILE A 579 8.86 2.27 18.53
N ALA A 580 9.00 3.48 18.03
CA ALA A 580 10.16 3.91 17.27
C ALA A 580 11.33 4.32 18.15
N ALA A 581 11.28 4.06 19.44
CA ALA A 581 12.38 4.38 20.35
C ALA A 581 12.74 3.22 21.27
N THR A 582 12.23 2.02 21.00
CA THR A 582 12.53 0.84 21.79
C THR A 582 13.39 -0.11 20.95
N ARG A 583 14.50 -0.56 21.53
CA ARG A 583 15.46 -1.39 20.85
C ARG A 583 15.43 -2.80 21.43
N GLY A 584 15.53 -3.80 20.56
CA GLY A 584 15.48 -5.18 20.98
C GLY A 584 14.11 -5.78 21.07
N ALA A 585 13.12 -5.20 20.41
CA ALA A 585 11.74 -5.68 20.42
C ALA A 585 11.43 -6.38 19.11
N THR A 586 10.23 -6.97 19.06
CA THR A 586 9.80 -7.66 17.85
C THR A 586 9.58 -6.69 16.70
N VAL A 587 8.90 -5.58 16.97
CA VAL A 587 8.58 -4.59 15.95
C VAL A 587 9.78 -3.66 15.81
N VAL A 588 10.65 -3.96 14.85
CA VAL A 588 11.89 -3.17 14.69
C VAL A 588 11.56 -2.03 13.73
N ILE A 589 10.98 -0.97 14.28
CA ILE A 589 10.77 0.28 13.58
C ILE A 589 11.51 1.36 14.36
N GLY A 590 12.31 2.14 13.65
CA GLY A 590 13.17 3.10 14.33
C GLY A 590 14.53 2.58 14.69
N THR A 591 14.89 1.38 14.25
CA THR A 591 16.22 0.82 14.47
C THR A 591 17.01 0.95 13.17
N SER A 592 18.06 1.75 13.22
CA SER A 592 18.86 2.02 12.02
C SER A 592 19.67 0.80 11.61
N LYS A 593 19.88 0.66 10.31
CA LYS A 593 20.78 -0.37 9.81
C LYS A 593 22.23 0.09 9.79
N PHE A 594 22.51 1.35 10.12
CA PHE A 594 23.86 1.86 10.22
C PHE A 594 24.38 1.73 11.64
N TYR A 595 25.68 1.95 11.80
CA TYR A 595 26.35 1.94 13.10
C TYR A 595 26.12 0.61 13.82
N GLY A 596 26.22 -0.49 13.07
CA GLY A 596 26.04 -1.80 13.66
C GLY A 596 24.65 -2.07 14.19
N GLY A 597 23.63 -1.47 13.57
CA GLY A 597 22.27 -1.73 14.01
C GLY A 597 21.64 -2.92 13.33
N TRP A 598 22.19 -3.33 12.18
CA TRP A 598 21.70 -4.54 11.52
C TRP A 598 22.18 -5.79 12.26
N HIS A 599 23.44 -5.77 12.71
CA HIS A 599 23.95 -6.89 13.48
C HIS A 599 23.21 -7.06 14.79
N ASN A 600 22.84 -5.95 15.44
CA ASN A 600 22.06 -6.04 16.67
C ASN A 600 20.66 -6.57 16.39
N MET A 601 20.05 -6.16 15.27
CA MET A 601 18.79 -6.75 14.85
C MET A 601 18.92 -8.25 14.72
N LEU A 602 19.93 -8.71 13.97
CA LEU A 602 20.04 -10.12 13.67
C LEU A 602 20.48 -10.94 14.88
N LYS A 603 21.08 -10.30 15.89
CA LYS A 603 21.39 -11.02 17.11
C LYS A 603 20.22 -11.04 18.08
N THR A 604 19.33 -10.04 18.02
CA THR A 604 18.13 -10.10 18.85
C THR A 604 17.05 -10.97 18.22
N VAL A 605 17.16 -11.26 16.92
CA VAL A 605 16.28 -12.26 16.32
C VAL A 605 16.61 -13.64 16.85
N TYR A 606 17.89 -13.97 16.93
CA TYR A 606 18.31 -15.30 17.39
C TYR A 606 18.25 -15.36 18.91
N SER A 607 17.07 -15.14 19.49
CA SER A 607 16.92 -15.04 20.94
C SER A 607 16.91 -16.43 21.56
N ASP A 608 18.01 -17.14 21.38
CA ASP A 608 18.23 -18.46 21.96
C ASP A 608 17.15 -19.46 21.56
N VAL A 609 17.03 -19.70 20.26
CA VAL A 609 16.20 -20.77 19.76
C VAL A 609 17.05 -22.01 19.59
N GLU A 610 16.42 -23.18 19.63
CA GLU A 610 17.15 -24.44 19.71
C GLU A 610 17.81 -24.82 18.38
N ASN A 611 17.02 -25.00 17.33
CA ASN A 611 17.52 -25.42 16.02
C ASN A 611 17.07 -24.39 14.99
N PRO A 612 17.79 -23.27 14.90
CA PRO A 612 17.27 -22.12 14.14
C PRO A 612 17.23 -22.38 12.64
N HIS A 613 16.09 -22.04 12.04
CA HIS A 613 15.95 -21.86 10.60
C HIS A 613 15.26 -20.53 10.36
N LEU A 614 15.83 -19.72 9.48
CA LEU A 614 15.23 -18.42 9.17
C LEU A 614 14.15 -18.60 8.11
N MET A 615 13.19 -17.70 8.14
CA MET A 615 12.04 -17.81 7.25
C MET A 615 11.48 -16.42 7.00
N GLY A 616 10.98 -16.21 5.80
CA GLY A 616 10.35 -14.95 5.46
C GLY A 616 9.21 -15.19 4.49
N TRP A 617 8.15 -14.40 4.66
CA TRP A 617 6.98 -14.52 3.82
C TRP A 617 6.61 -13.14 3.28
N ASP A 618 5.94 -13.15 2.13
CA ASP A 618 5.49 -11.93 1.48
C ASP A 618 3.99 -12.02 1.29
N TYR A 619 3.28 -10.98 1.72
CA TYR A 619 1.84 -10.93 1.58
C TYR A 619 1.50 -10.42 0.19
N PRO A 620 0.85 -11.21 -0.67
CA PRO A 620 0.44 -10.69 -1.97
C PRO A 620 -0.75 -9.75 -1.81
N LYS A 621 -0.61 -8.55 -2.36
CA LYS A 621 -1.60 -7.48 -2.21
C LYS A 621 -1.90 -7.23 -0.73
N CYS A 622 -0.86 -6.83 0.01
CA CYS A 622 -0.99 -6.66 1.46
C CYS A 622 -1.90 -5.50 1.81
N ASP A 623 -1.75 -4.38 1.11
CA ASP A 623 -2.49 -3.18 1.47
C ASP A 623 -3.83 -3.06 0.75
N ARG A 624 -4.12 -3.95 -0.20
CA ARG A 624 -5.36 -3.90 -0.95
C ARG A 624 -6.29 -5.06 -0.66
N ALA A 625 -5.78 -6.17 -0.12
CA ALA A 625 -6.60 -7.32 0.19
C ALA A 625 -6.70 -7.60 1.67
N MET A 626 -6.17 -6.73 2.53
CA MET A 626 -6.31 -6.89 3.96
C MET A 626 -7.77 -6.77 4.37
N PRO A 627 -8.30 -7.71 5.16
CA PRO A 627 -9.72 -7.64 5.51
C PRO A 627 -10.02 -6.45 6.40
N ASN A 628 -11.29 -6.05 6.42
CA ASN A 628 -11.71 -4.98 7.32
C ASN A 628 -11.55 -5.40 8.77
N MET A 629 -11.83 -6.67 9.09
CA MET A 629 -11.77 -7.11 10.47
C MET A 629 -10.36 -7.06 11.03
N LEU A 630 -9.36 -7.39 10.22
CA LEU A 630 -7.99 -7.34 10.71
C LEU A 630 -7.52 -5.90 10.87
N ARG A 631 -8.03 -4.98 10.06
CA ARG A 631 -7.68 -3.57 10.25
C ARG A 631 -8.32 -3.01 11.50
N ILE A 632 -9.56 -3.38 11.78
CA ILE A 632 -10.20 -2.99 13.04
C ILE A 632 -9.46 -3.63 14.22
N MET A 633 -8.99 -4.86 14.05
CA MET A 633 -8.21 -5.52 15.08
C MET A 633 -6.92 -4.77 15.36
N ALA A 634 -6.23 -4.33 14.31
CA ALA A 634 -5.00 -3.57 14.48
C ALA A 634 -5.28 -2.24 15.17
N SER A 635 -6.37 -1.56 14.79
CA SER A 635 -6.68 -0.27 15.38
C SER A 635 -7.14 -0.42 16.83
N LEU A 636 -7.66 -1.60 17.19
CA LEU A 636 -8.04 -1.83 18.57
C LEU A 636 -6.86 -2.23 19.44
N VAL A 637 -5.91 -2.99 18.88
CA VAL A 637 -4.69 -3.31 19.61
C VAL A 637 -3.84 -2.07 19.82
N LEU A 638 -3.83 -1.18 18.82
CA LEU A 638 -3.04 0.04 18.94
C LEU A 638 -3.72 1.05 19.87
N ALA A 639 -5.03 0.92 20.06
CA ALA A 639 -5.75 1.80 20.97
C ALA A 639 -6.03 1.17 22.32
N ARG A 640 -5.28 0.14 22.70
CA ARG A 640 -5.42 -0.45 24.03
C ARG A 640 -4.62 0.31 25.08
N LYS A 641 -3.69 1.18 24.67
CA LYS A 641 -2.92 1.97 25.61
C LYS A 641 -3.75 3.06 26.27
N HIS A 642 -4.91 3.40 25.72
CA HIS A 642 -5.76 4.48 26.24
C HIS A 642 -6.70 3.98 27.32
N THR A 643 -6.16 3.34 28.36
CA THR A 643 -7.00 2.85 29.43
C THR A 643 -7.26 3.90 30.50
N THR A 644 -6.58 5.05 30.46
CA THR A 644 -6.75 6.09 31.46
C THR A 644 -7.01 7.47 30.88
N CYS A 645 -6.49 7.78 29.69
CA CYS A 645 -6.61 9.14 29.18
C CYS A 645 -8.01 9.43 28.66
N CYS A 646 -8.66 8.45 28.03
CA CYS A 646 -9.99 8.66 27.48
C CYS A 646 -10.88 7.47 27.84
N SER A 647 -12.18 7.73 27.83
CA SER A 647 -13.17 6.76 28.30
C SER A 647 -13.46 5.73 27.21
N LEU A 648 -14.50 4.92 27.42
CA LEU A 648 -14.81 3.87 26.46
C LEU A 648 -15.48 4.44 25.21
N SER A 649 -16.43 5.37 25.39
CA SER A 649 -17.11 5.95 24.24
C SER A 649 -16.16 6.77 23.38
N HIS A 650 -15.19 7.44 24.01
CA HIS A 650 -14.19 8.18 23.25
C HIS A 650 -13.35 7.24 22.41
N ARG A 651 -12.97 6.09 22.97
CA ARG A 651 -12.21 5.11 22.21
C ARG A 651 -13.02 4.54 21.06
N PHE A 652 -14.32 4.29 21.28
CA PHE A 652 -15.14 3.78 20.19
C PHE A 652 -15.30 4.80 19.08
N TYR A 653 -15.50 6.07 19.43
CA TYR A 653 -15.66 7.06 18.38
C TYR A 653 -14.33 7.34 17.68
N ARG A 654 -13.20 7.16 18.37
CA ARG A 654 -11.93 7.23 17.67
C ARG A 654 -11.77 6.06 16.70
N LEU A 655 -12.21 4.87 17.10
CA LEU A 655 -12.20 3.73 16.17
C LEU A 655 -13.10 3.98 14.97
N ALA A 656 -14.29 4.55 15.21
CA ALA A 656 -15.21 4.85 14.12
C ALA A 656 -14.62 5.90 13.18
N ASN A 657 -13.93 6.90 13.73
CA ASN A 657 -13.29 7.89 12.88
C ASN A 657 -12.15 7.27 12.08
N GLU A 658 -11.38 6.36 12.68
CA GLU A 658 -10.31 5.71 11.95
C GLU A 658 -10.86 4.83 10.82
N CYS A 659 -12.00 4.18 11.07
CA CYS A 659 -12.61 3.35 10.03
C CYS A 659 -13.27 4.19 8.95
N ALA A 660 -13.71 5.40 9.30
CA ALA A 660 -14.32 6.26 8.30
C ALA A 660 -13.29 7.03 7.48
N GLN A 661 -12.10 7.27 8.03
CA GLN A 661 -11.08 8.03 7.34
C GLN A 661 -9.95 7.18 6.78
N VAL A 662 -9.89 5.89 7.11
CA VAL A 662 -8.85 5.00 6.63
C VAL A 662 -9.44 3.75 5.97
N LEU A 663 -10.28 3.02 6.69
CA LEU A 663 -10.70 1.69 6.26
C LEU A 663 -11.65 1.74 5.07
N SER A 664 -12.81 2.37 5.24
CA SER A 664 -13.83 2.43 4.19
C SER A 664 -14.18 3.90 3.97
N GLU A 665 -13.43 4.55 3.10
CA GLU A 665 -13.48 5.99 2.91
C GLU A 665 -14.00 6.33 1.52
N MET A 666 -14.03 7.62 1.22
CA MET A 666 -14.31 8.12 -0.12
C MET A 666 -13.00 8.51 -0.78
N VAL A 667 -12.63 7.78 -1.81
CA VAL A 667 -11.37 7.97 -2.52
C VAL A 667 -11.60 8.88 -3.71
N MET A 668 -10.89 10.00 -3.75
CA MET A 668 -10.91 10.91 -4.89
C MET A 668 -9.84 10.44 -5.86
N CYS A 669 -10.26 9.78 -6.93
CA CYS A 669 -9.34 9.15 -7.88
C CYS A 669 -9.53 9.83 -9.23
N GLY A 670 -8.81 10.93 -9.46
CA GLY A 670 -8.88 11.63 -10.72
C GLY A 670 -10.20 12.32 -10.95
N GLY A 671 -10.57 13.23 -10.07
CA GLY A 671 -11.81 13.97 -10.21
C GLY A 671 -13.07 13.14 -10.12
N SER A 672 -13.11 12.19 -9.18
CA SER A 672 -14.26 11.31 -9.02
C SER A 672 -14.20 10.65 -7.66
N LEU A 673 -15.32 10.66 -6.93
CA LEU A 673 -15.37 10.04 -5.62
C LEU A 673 -15.88 8.60 -5.72
N TYR A 674 -15.02 7.65 -5.39
CA TYR A 674 -15.38 6.25 -5.31
C TYR A 674 -15.42 5.85 -3.84
N VAL A 675 -15.97 4.67 -3.56
CA VAL A 675 -16.03 4.14 -2.21
C VAL A 675 -14.99 3.05 -2.09
N LYS A 676 -14.05 3.23 -1.17
CA LYS A 676 -13.04 2.20 -0.95
C LYS A 676 -13.68 1.03 -0.21
N PRO A 677 -13.68 -0.17 -0.78
CA PRO A 677 -14.31 -1.30 -0.08
C PRO A 677 -13.65 -1.63 1.25
N GLY A 678 -12.36 -1.43 1.37
CA GLY A 678 -11.65 -1.76 2.60
C GLY A 678 -10.16 -1.75 2.36
N GLY A 679 -9.44 -2.36 3.31
CA GLY A 679 -7.99 -2.40 3.24
C GLY A 679 -7.38 -1.08 3.66
N THR A 680 -6.24 -1.15 4.33
CA THR A 680 -5.64 0.07 4.86
C THR A 680 -5.13 0.97 3.75
N SER A 681 -5.29 2.28 3.96
CA SER A 681 -4.70 3.27 3.07
C SER A 681 -3.24 3.47 3.47
N SER A 682 -2.40 3.75 2.48
CA SER A 682 -0.96 3.85 2.70
C SER A 682 -0.52 5.27 3.01
N GLY A 683 -1.38 6.09 3.59
CA GLY A 683 -1.02 7.47 3.84
C GLY A 683 -1.49 8.04 5.16
N ASP A 684 -2.13 7.22 6.00
CA ASP A 684 -2.54 7.71 7.30
C ASP A 684 -1.38 7.68 8.28
N ALA A 685 -1.64 8.16 9.50
CA ALA A 685 -0.58 8.23 10.50
C ALA A 685 -0.12 6.83 10.92
N THR A 686 -1.07 5.96 11.27
CA THR A 686 -0.75 4.63 11.76
C THR A 686 -0.87 3.60 10.64
N THR A 687 0.04 3.69 9.68
CA THR A 687 0.02 2.71 8.59
C THR A 687 1.05 1.61 8.78
N ALA A 688 2.30 1.96 9.03
CA ALA A 688 3.32 0.95 9.22
C ALA A 688 3.10 0.17 10.51
N TYR A 689 2.63 0.84 11.56
CA TYR A 689 2.44 0.17 12.84
C TYR A 689 1.19 -0.70 12.84
N ALA A 690 0.11 -0.26 12.20
CA ALA A 690 -1.05 -1.11 12.04
C ALA A 690 -0.73 -2.31 11.14
N ASN A 691 0.09 -2.09 10.11
CA ASN A 691 0.56 -3.20 9.30
C ASN A 691 1.39 -4.18 10.12
N SER A 692 2.21 -3.68 11.05
CA SER A 692 2.98 -4.56 11.93
C SER A 692 2.05 -5.37 12.82
N VAL A 693 1.01 -4.75 13.37
CA VAL A 693 0.07 -5.47 14.23
C VAL A 693 -0.62 -6.56 13.42
N PHE A 694 -1.02 -6.25 12.19
CA PHE A 694 -1.67 -7.27 11.35
C PHE A 694 -0.71 -8.40 11.00
N ASN A 695 0.56 -8.07 10.77
CA ASN A 695 1.55 -9.10 10.46
C ASN A 695 1.77 -10.04 11.64
N ILE A 696 1.87 -9.48 12.85
CA ILE A 696 2.01 -10.31 14.04
C ILE A 696 0.76 -11.14 14.26
N CYS A 697 -0.40 -10.57 13.94
CA CYS A 697 -1.65 -11.33 14.06
C CYS A 697 -1.66 -12.53 13.13
N GLN A 698 -1.20 -12.34 11.88
CA GLN A 698 -1.14 -13.46 10.95
C GLN A 698 -0.13 -14.51 11.40
N ALA A 699 1.01 -14.06 11.95
CA ALA A 699 2.00 -15.02 12.43
C ALA A 699 1.48 -15.83 13.61
N VAL A 700 0.80 -15.18 14.56
CA VAL A 700 0.25 -15.91 15.70
C VAL A 700 -0.88 -16.83 15.26
N THR A 701 -1.69 -16.39 14.28
CA THR A 701 -2.75 -17.24 13.77
C THR A 701 -2.18 -18.48 13.10
N ALA A 702 -1.09 -18.32 12.34
CA ALA A 702 -0.44 -19.46 11.73
C ALA A 702 0.12 -20.41 12.78
N ASN A 703 0.69 -19.86 13.86
CA ASN A 703 1.18 -20.71 14.95
C ASN A 703 0.05 -21.47 15.62
N VAL A 704 -1.09 -20.81 15.86
CA VAL A 704 -2.22 -21.48 16.49
C VAL A 704 -2.77 -22.59 15.59
N ASN A 705 -2.89 -22.30 14.29
CA ASN A 705 -3.35 -23.31 13.35
C ASN A 705 -2.40 -24.50 13.29
N ALA A 706 -1.10 -24.24 13.28
CA ALA A 706 -0.13 -25.33 13.18
C ALA A 706 -0.12 -26.16 14.46
N LEU A 707 -0.33 -25.52 15.62
CA LEU A 707 -0.32 -26.27 16.86
C LEU A 707 -1.59 -27.09 17.02
N LEU A 708 -2.75 -26.55 16.60
CA LEU A 708 -3.99 -27.30 16.71
C LEU A 708 -4.10 -28.41 15.68
N SER A 709 -3.74 -28.13 14.43
CA SER A 709 -3.93 -29.08 13.35
C SER A 709 -2.98 -30.28 13.42
N THR A 710 -2.02 -30.28 14.34
CA THR A 710 -1.22 -31.46 14.59
C THR A 710 -2.10 -32.56 15.19
N ASP A 711 -1.67 -33.80 15.01
CA ASP A 711 -2.48 -34.95 15.39
C ASP A 711 -2.81 -34.93 16.87
N GLY A 712 -1.80 -35.00 17.73
CA GLY A 712 -2.02 -34.94 19.16
C GLY A 712 -1.53 -36.19 19.86
N ASN A 713 -1.55 -37.32 19.14
CA ASN A 713 -0.93 -38.54 19.64
C ASN A 713 0.51 -38.70 19.17
N LYS A 714 0.90 -37.97 18.12
CA LYS A 714 2.28 -38.04 17.65
C LYS A 714 3.16 -37.05 18.38
N ILE A 715 2.56 -36.10 19.10
CA ILE A 715 3.31 -35.13 19.89
C ILE A 715 3.97 -35.84 21.05
N ALA A 716 5.29 -35.95 21.01
CA ALA A 716 6.00 -36.70 22.05
C ALA A 716 6.34 -35.81 23.23
N ASP A 717 6.62 -34.53 22.99
CA ASP A 717 6.95 -33.62 24.08
C ASP A 717 5.70 -33.36 24.91
N LYS A 718 5.64 -33.97 26.09
CA LYS A 718 4.44 -33.96 26.93
C LYS A 718 4.04 -32.57 27.39
N TYR A 719 4.94 -31.60 27.34
CA TYR A 719 4.56 -30.22 27.64
C TYR A 719 3.81 -29.58 26.47
N VAL A 720 4.17 -29.93 25.24
CA VAL A 720 3.51 -29.32 24.10
C VAL A 720 2.13 -29.93 23.86
N ARG A 721 1.95 -31.21 24.19
CA ARG A 721 0.62 -31.82 24.10
C ARG A 721 -0.34 -31.16 25.08
N ASN A 722 0.12 -30.89 26.30
CA ASN A 722 -0.71 -30.19 27.26
C ASN A 722 -0.94 -28.75 26.83
N LEU A 723 0.06 -28.14 26.16
CA LEU A 723 -0.12 -26.80 25.62
C LEU A 723 -1.21 -26.77 24.56
N GLN A 724 -1.25 -27.78 23.70
CA GLN A 724 -2.32 -27.87 22.70
C GLN A 724 -3.67 -28.10 23.36
N HIS A 725 -3.72 -28.99 24.35
CA HIS A 725 -4.99 -29.31 25.01
C HIS A 725 -5.52 -28.13 25.81
N ARG A 726 -4.64 -27.22 26.24
CA ARG A 726 -5.11 -26.01 26.90
C ARG A 726 -5.36 -24.89 25.90
N LEU A 727 -4.68 -24.90 24.76
CA LEU A 727 -4.94 -23.91 23.72
C LEU A 727 -6.34 -24.09 23.15
N TYR A 728 -6.75 -25.34 22.91
CA TYR A 728 -8.11 -25.55 22.41
C TYR A 728 -9.15 -25.08 23.42
N GLU A 729 -8.91 -25.34 24.71
CA GLU A 729 -9.81 -24.85 25.75
C GLU A 729 -9.88 -23.33 25.78
N CYS A 730 -8.73 -22.65 25.79
CA CYS A 730 -8.72 -21.20 25.82
C CYS A 730 -9.25 -20.58 24.53
N LEU A 731 -9.30 -21.33 23.44
CA LEU A 731 -9.90 -20.83 22.21
C LEU A 731 -11.41 -20.99 22.24
N TYR A 732 -11.90 -22.23 22.36
CA TYR A 732 -13.31 -22.46 22.11
C TYR A 732 -14.09 -22.76 23.39
N ARG A 733 -13.46 -23.42 24.36
CA ARG A 733 -14.14 -23.82 25.59
C ARG A 733 -13.92 -22.80 26.72
N ASN A 734 -13.75 -21.53 26.39
CA ASN A 734 -13.46 -20.51 27.39
C ASN A 734 -13.77 -19.15 26.79
N ARG A 735 -14.53 -18.33 27.52
CA ARG A 735 -15.02 -17.08 26.99
C ARG A 735 -14.30 -15.85 27.51
N ASP A 736 -13.77 -15.90 28.74
CA ASP A 736 -13.06 -14.77 29.32
C ASP A 736 -11.56 -14.95 29.13
N VAL A 737 -10.81 -13.86 29.35
CA VAL A 737 -9.37 -13.90 29.14
C VAL A 737 -8.72 -14.77 30.20
N ASP A 738 -7.84 -15.67 29.75
CA ASP A 738 -7.04 -16.51 30.64
C ASP A 738 -5.60 -16.03 30.49
N THR A 739 -5.22 -15.03 31.29
CA THR A 739 -3.96 -14.34 31.06
C THR A 739 -2.76 -15.21 31.40
N ASP A 740 -2.92 -16.19 32.29
CA ASP A 740 -1.82 -17.10 32.59
C ASP A 740 -1.44 -17.90 31.36
N PHE A 741 -2.42 -18.48 30.66
CA PHE A 741 -2.10 -19.23 29.46
C PHE A 741 -1.67 -18.33 28.31
N VAL A 742 -2.19 -17.09 28.26
CA VAL A 742 -1.72 -16.16 27.23
C VAL A 742 -0.25 -15.85 27.43
N ASN A 743 0.17 -15.64 28.69
CA ASN A 743 1.58 -15.46 28.98
C ASN A 743 2.40 -16.70 28.64
N GLU A 744 1.86 -17.89 28.94
CA GLU A 744 2.58 -19.11 28.62
C GLU A 744 2.76 -19.30 27.12
N PHE A 745 1.72 -19.01 26.33
CA PHE A 745 1.83 -19.18 24.89
C PHE A 745 2.70 -18.10 24.27
N TYR A 746 2.69 -16.88 24.82
CA TYR A 746 3.60 -15.85 24.33
C TYR A 746 5.04 -16.23 24.63
N ALA A 747 5.30 -16.82 25.80
CA ALA A 747 6.64 -17.30 26.11
C ALA A 747 7.04 -18.42 25.17
N TYR A 748 6.10 -19.32 24.84
CA TYR A 748 6.37 -20.38 23.89
C TYR A 748 6.75 -19.81 22.52
N LEU A 749 6.01 -18.80 22.06
CA LEU A 749 6.30 -18.18 20.77
C LEU A 749 7.64 -17.48 20.78
N ARG A 750 7.98 -16.78 21.86
CA ARG A 750 9.29 -16.13 21.90
C ARG A 750 10.42 -17.14 22.01
N LYS A 751 10.16 -18.30 22.61
CA LYS A 751 11.20 -19.31 22.74
C LYS A 751 11.44 -20.06 21.43
N HIS A 752 10.38 -20.36 20.68
CA HIS A 752 10.51 -21.21 19.50
C HIS A 752 10.20 -20.53 18.17
N PHE A 753 9.63 -19.33 18.17
CA PHE A 753 9.24 -18.66 16.94
C PHE A 753 9.64 -17.19 17.00
N SER A 754 10.90 -16.93 17.35
CA SER A 754 11.38 -15.56 17.47
C SER A 754 11.21 -14.81 16.16
N MET A 755 10.79 -13.55 16.25
CA MET A 755 10.26 -12.82 15.13
C MET A 755 10.91 -11.44 15.01
N MET A 756 10.85 -10.89 13.81
CA MET A 756 11.33 -9.54 13.54
C MET A 756 10.42 -8.93 12.48
N ILE A 757 9.75 -7.82 12.81
CA ILE A 757 8.65 -7.28 12.01
C ILE A 757 8.98 -5.85 11.62
N LEU A 758 8.88 -5.57 10.32
CA LEU A 758 8.80 -4.18 9.82
C LEU A 758 7.62 -4.11 8.85
N SER A 759 6.42 -4.04 9.43
CA SER A 759 5.12 -3.63 8.87
C SER A 759 4.62 -4.65 7.83
N ASP A 760 5.49 -5.33 7.09
CA ASP A 760 5.15 -6.58 6.44
C ASP A 760 6.38 -7.43 6.19
N ASP A 761 7.55 -6.90 6.55
CA ASP A 761 8.83 -7.57 6.32
C ASP A 761 9.17 -8.35 7.57
N ALA A 762 9.00 -9.68 7.49
CA ALA A 762 9.15 -10.50 8.67
C ALA A 762 10.29 -11.47 8.46
N VAL A 763 11.13 -11.56 9.48
CA VAL A 763 12.15 -12.60 9.56
C VAL A 763 11.89 -13.41 10.82
N VAL A 764 11.80 -14.71 10.65
CA VAL A 764 11.46 -15.62 11.74
C VAL A 764 12.63 -16.59 11.90
N CYS A 765 12.94 -16.92 13.15
CA CYS A 765 14.09 -17.76 13.46
C CYS A 765 13.60 -19.05 14.11
N PHE A 766 12.66 -19.72 13.44
CA PHE A 766 11.88 -20.75 14.11
C PHE A 766 12.74 -21.99 14.39
N ASN A 767 12.31 -22.76 15.39
CA ASN A 767 12.93 -24.02 15.70
C ASN A 767 12.64 -25.02 14.57
N SER A 768 13.69 -25.65 14.04
CA SER A 768 13.52 -26.53 12.88
C SER A 768 12.86 -27.84 13.28
N THR A 769 13.21 -28.37 14.46
CA THR A 769 12.62 -29.63 14.90
C THR A 769 11.13 -29.51 15.13
N TYR A 770 10.69 -28.42 15.76
CA TYR A 770 9.27 -28.25 16.03
C TYR A 770 8.48 -28.03 14.75
N ALA A 771 8.98 -27.19 13.85
CA ALA A 771 8.30 -27.00 12.58
C ALA A 771 8.26 -28.28 11.76
N SER A 772 9.30 -29.12 11.88
CA SER A 772 9.24 -30.44 11.25
C SER A 772 8.16 -31.31 11.87
N GLN A 773 8.03 -31.27 13.20
CA GLN A 773 6.96 -32.00 13.87
C GLN A 773 5.61 -31.31 13.74
N GLY A 774 5.57 -30.04 13.34
CA GLY A 774 4.33 -29.32 13.20
C GLY A 774 3.93 -28.50 14.41
N LEU A 775 4.73 -28.47 15.47
CA LEU A 775 4.38 -27.74 16.68
C LEU A 775 4.60 -26.24 16.56
N VAL A 776 4.91 -25.75 15.36
CA VAL A 776 5.17 -24.35 15.11
C VAL A 776 4.91 -24.08 13.63
N ALA A 777 4.53 -22.84 13.33
CA ALA A 777 4.10 -22.51 11.97
C ALA A 777 5.25 -22.62 10.98
N SER A 778 4.94 -23.18 9.82
CA SER A 778 5.87 -23.27 8.70
C SER A 778 5.26 -22.49 7.54
N ILE A 779 5.90 -22.57 6.38
CA ILE A 779 5.44 -21.80 5.23
C ILE A 779 4.06 -22.25 4.77
N LYS A 780 3.80 -23.56 4.78
CA LYS A 780 2.49 -24.06 4.36
C LYS A 780 1.38 -23.56 5.29
N ASN A 781 1.67 -23.40 6.58
CA ASN A 781 0.68 -22.86 7.49
C ASN A 781 0.36 -21.42 7.17
N PHE A 782 1.37 -20.63 6.82
CA PHE A 782 1.11 -19.24 6.44
C PHE A 782 0.35 -19.16 5.12
N LYS A 783 0.62 -20.06 4.19
CA LYS A 783 -0.15 -20.10 2.96
C LYS A 783 -1.61 -20.42 3.23
N SER A 784 -1.87 -21.39 4.11
CA SER A 784 -3.25 -21.73 4.46
C SER A 784 -3.95 -20.59 5.17
N VAL A 785 -3.26 -19.93 6.10
CA VAL A 785 -3.84 -18.81 6.83
C VAL A 785 -4.14 -17.65 5.90
N LEU A 786 -3.21 -17.32 5.00
CA LEU A 786 -3.48 -16.26 4.05
C LEU A 786 -4.61 -16.64 3.09
N TYR A 787 -4.77 -17.93 2.80
CA TYR A 787 -5.85 -18.33 1.91
C TYR A 787 -7.21 -18.15 2.57
N TYR A 788 -7.37 -18.62 3.81
CA TYR A 788 -8.69 -18.57 4.42
C TYR A 788 -8.96 -17.31 5.21
N GLN A 789 -7.96 -16.45 5.40
CA GLN A 789 -8.13 -15.25 6.23
C GLN A 789 -7.77 -13.96 5.53
N ASN A 790 -7.02 -14.01 4.44
CA ASN A 790 -6.74 -12.83 3.63
C ASN A 790 -7.37 -12.86 2.25
N ASN A 791 -7.90 -14.01 1.82
CA ASN A 791 -8.45 -14.19 0.48
C ASN A 791 -7.40 -13.94 -0.61
N VAL A 792 -6.16 -14.32 -0.33
CA VAL A 792 -5.09 -14.32 -1.33
C VAL A 792 -4.30 -15.61 -1.18
N PHE A 793 -3.61 -15.99 -2.25
CA PHE A 793 -2.81 -17.21 -2.27
C PHE A 793 -1.34 -16.84 -2.32
N MET A 794 -0.60 -17.20 -1.27
CA MET A 794 0.82 -16.90 -1.18
C MET A 794 1.60 -18.07 -1.76
N SER A 795 2.00 -17.95 -3.02
CA SER A 795 2.76 -19.00 -3.66
C SER A 795 4.14 -19.14 -3.01
N GLU A 796 4.65 -20.37 -2.96
CA GLU A 796 5.91 -20.66 -2.30
C GLU A 796 7.13 -20.19 -3.09
N ALA A 797 6.94 -19.43 -4.16
CA ALA A 797 8.05 -18.87 -4.92
C ALA A 797 8.49 -17.51 -4.42
N LYS A 798 7.77 -16.91 -3.48
CA LYS A 798 8.11 -15.59 -2.95
C LYS A 798 8.37 -15.59 -1.45
N CYS A 799 8.28 -16.74 -0.78
CA CYS A 799 8.58 -16.85 0.64
C CYS A 799 9.76 -17.80 0.79
N TRP A 800 10.81 -17.34 1.47
CA TRP A 800 12.07 -18.04 1.50
C TRP A 800 12.34 -18.67 2.87
N THR A 801 13.26 -19.63 2.87
CA THR A 801 13.70 -20.32 4.08
C THR A 801 15.20 -20.52 3.99
N GLU A 802 15.91 -20.20 5.07
CA GLU A 802 17.37 -20.27 5.13
C GLU A 802 17.75 -21.24 6.24
N THR A 803 18.47 -22.31 5.87
CA THR A 803 18.85 -23.33 6.83
C THR A 803 20.20 -23.05 7.49
N ASP A 804 20.93 -22.05 7.04
CA ASP A 804 22.26 -21.73 7.56
C ASP A 804 22.25 -20.31 8.08
N LEU A 805 22.69 -20.13 9.33
CA LEU A 805 22.65 -18.81 9.95
C LEU A 805 23.89 -17.98 9.68
N THR A 806 24.93 -18.55 9.10
CA THR A 806 26.13 -17.80 8.74
C THR A 806 25.95 -17.04 7.43
N LYS A 807 24.74 -17.01 6.88
CA LYS A 807 24.44 -16.24 5.69
C LYS A 807 23.38 -15.18 5.91
N GLY A 808 22.75 -15.14 7.09
CA GLY A 808 21.77 -14.13 7.41
C GLY A 808 20.46 -14.36 6.69
N PRO A 809 19.51 -13.44 6.87
CA PRO A 809 18.26 -13.53 6.11
C PRO A 809 18.51 -13.31 4.63
N HIS A 810 17.72 -13.99 3.80
CA HIS A 810 17.89 -13.88 2.36
C HIS A 810 17.53 -12.46 1.88
N GLU A 811 16.50 -11.87 2.45
CA GLU A 811 16.08 -10.52 2.09
C GLU A 811 15.18 -9.96 3.17
N PHE A 812 15.58 -8.83 3.75
CA PHE A 812 14.78 -8.13 4.73
C PHE A 812 14.86 -6.64 4.45
N CYS A 813 13.71 -6.02 4.23
CA CYS A 813 13.63 -4.61 3.82
C CYS A 813 14.43 -4.35 2.55
N SER A 814 14.40 -5.30 1.62
CA SER A 814 15.09 -5.23 0.34
C SER A 814 16.60 -5.05 0.48
N GLN A 815 17.17 -5.50 1.58
CA GLN A 815 18.61 -5.46 1.82
C GLN A 815 19.09 -6.86 2.18
N HIS A 816 19.93 -7.43 1.33
CA HIS A 816 20.49 -8.74 1.63
C HIS A 816 21.50 -8.60 2.76
N THR A 817 21.76 -9.70 3.45
CA THR A 817 22.64 -9.69 4.61
C THR A 817 23.77 -10.67 4.40
N MET A 818 24.98 -10.28 4.79
CA MET A 818 26.13 -11.17 4.70
C MET A 818 27.04 -11.00 5.91
N LEU A 819 27.71 -12.08 6.30
CA LEU A 819 28.59 -12.08 7.45
C LEU A 819 30.01 -11.71 7.00
N VAL A 820 30.45 -10.50 7.32
CA VAL A 820 31.76 -10.03 6.91
C VAL A 820 32.59 -9.73 8.15
N LYS A 821 33.91 -9.80 7.99
CA LYS A 821 34.83 -9.60 9.11
C LYS A 821 35.22 -8.13 9.18
N GLN A 822 34.90 -7.50 10.32
CA GLN A 822 35.29 -6.12 10.58
C GLN A 822 36.16 -6.10 11.83
N GLY A 823 37.27 -5.37 11.78
CA GLY A 823 38.19 -5.33 12.89
C GLY A 823 38.75 -6.70 13.19
N ASP A 824 38.27 -7.30 14.28
CA ASP A 824 38.62 -8.67 14.63
C ASP A 824 37.42 -9.57 14.84
N ASP A 825 36.21 -9.12 14.54
CA ASP A 825 35.01 -9.93 14.76
C ASP A 825 34.13 -9.92 13.52
N TYR A 826 33.26 -10.93 13.43
CA TYR A 826 32.35 -11.04 12.31
C TYR A 826 31.03 -10.35 12.62
N VAL A 827 30.58 -9.49 11.71
CA VAL A 827 29.33 -8.77 11.86
C VAL A 827 28.52 -8.96 10.59
N TYR A 828 27.20 -8.82 10.73
CA TYR A 828 26.30 -8.88 9.59
C TYR A 828 26.18 -7.50 8.98
N LEU A 829 26.45 -7.40 7.68
CA LEU A 829 26.29 -6.16 6.95
C LEU A 829 25.18 -6.31 5.92
N PRO A 830 24.29 -5.32 5.84
CA PRO A 830 23.28 -5.33 4.78
C PRO A 830 23.73 -4.59 3.54
N TYR A 831 23.65 -5.25 2.38
CA TYR A 831 23.94 -4.59 1.12
C TYR A 831 22.69 -4.60 0.26
N PRO A 832 22.43 -3.53 -0.50
CA PRO A 832 21.23 -3.49 -1.34
C PRO A 832 21.44 -4.26 -2.63
N ASP A 833 20.41 -4.24 -3.46
CA ASP A 833 20.53 -4.77 -4.81
C ASP A 833 21.50 -3.89 -5.58
N PRO A 834 22.62 -4.43 -6.07
CA PRO A 834 23.63 -3.57 -6.72
C PRO A 834 23.14 -2.94 -8.00
N SER A 835 22.04 -3.42 -8.56
CA SER A 835 21.41 -2.80 -9.72
C SER A 835 20.50 -1.65 -9.36
N ARG A 836 20.19 -1.49 -8.08
CA ARG A 836 19.38 -0.37 -7.59
C ARG A 836 20.21 0.90 -7.41
N ILE A 837 21.46 0.78 -6.96
CA ILE A 837 22.31 1.94 -6.80
C ILE A 837 22.70 2.53 -8.16
N LEU A 838 23.06 1.68 -9.12
CA LEU A 838 23.33 2.16 -10.47
C LEU A 838 22.07 2.75 -11.11
N GLY A 839 20.92 2.13 -10.86
CA GLY A 839 19.68 2.67 -11.40
C GLY A 839 19.33 4.02 -10.79
N ALA A 840 19.72 4.25 -9.54
CA ALA A 840 19.48 5.55 -8.93
C ALA A 840 20.49 6.59 -9.43
N GLY A 841 21.71 6.15 -9.73
CA GLY A 841 22.69 7.08 -10.28
C GLY A 841 22.38 7.50 -11.69
N CYS A 842 22.02 6.56 -12.56
CA CYS A 842 21.81 6.83 -13.97
C CYS A 842 20.49 7.54 -14.26
N PHE A 843 19.45 7.27 -13.48
CA PHE A 843 18.13 7.82 -13.70
C PHE A 843 17.72 8.70 -12.53
N VAL A 844 17.44 9.97 -12.82
CA VAL A 844 17.04 10.94 -11.80
C VAL A 844 15.66 11.48 -12.16
N ASP A 845 14.91 11.86 -11.13
CA ASP A 845 13.54 12.33 -11.30
C ASP A 845 13.44 13.85 -11.38
N ASP A 846 14.53 14.53 -11.71
CA ASP A 846 14.52 15.98 -11.84
C ASP A 846 15.67 16.40 -12.75
N ILE A 847 15.41 17.40 -13.58
CA ILE A 847 16.39 17.79 -14.59
C ILE A 847 17.63 18.40 -13.95
N VAL A 848 17.49 19.05 -12.80
CA VAL A 848 18.66 19.62 -12.13
C VAL A 848 19.50 18.59 -11.40
N LYS A 849 18.97 17.37 -11.21
CA LYS A 849 19.78 16.29 -10.66
C LYS A 849 20.62 15.60 -11.72
N THR A 850 20.54 16.06 -12.97
CA THR A 850 21.37 15.56 -14.05
C THR A 850 22.68 16.32 -14.19
N ASP A 851 22.81 17.49 -13.56
CA ASP A 851 24.02 18.29 -13.70
C ASP A 851 25.21 17.60 -13.08
N GLY A 852 25.02 16.95 -11.93
CA GLY A 852 26.12 16.23 -11.30
C GLY A 852 26.90 17.07 -10.31
N THR A 853 27.51 18.16 -10.77
CA THR A 853 28.34 18.98 -9.90
C THR A 853 27.52 19.58 -8.77
N LEU A 854 26.26 19.93 -9.05
CA LEU A 854 25.37 20.43 -8.00
C LEU A 854 25.05 19.35 -6.98
N MET A 855 25.12 18.07 -7.37
CA MET A 855 24.76 16.96 -6.50
C MET A 855 26.00 16.12 -6.23
N ILE A 856 26.76 16.52 -5.21
CA ILE A 856 27.80 15.65 -4.66
C ILE A 856 27.34 15.04 -3.35
N GLU A 857 26.46 15.71 -2.61
CA GLU A 857 25.84 15.15 -1.42
C GLU A 857 24.73 14.17 -1.77
N ARG A 858 24.46 13.97 -3.05
CA ARG A 858 23.53 12.93 -3.49
C ARG A 858 24.25 11.61 -3.75
N PHE A 859 25.43 11.66 -4.35
CA PHE A 859 26.22 10.45 -4.56
C PHE A 859 26.92 9.99 -3.28
N VAL A 860 27.16 10.90 -2.33
CA VAL A 860 27.68 10.49 -1.03
C VAL A 860 26.69 9.57 -0.32
N SER A 861 25.40 9.92 -0.36
CA SER A 861 24.40 9.07 0.27
C SER A 861 24.28 7.72 -0.42
N LEU A 862 24.36 7.70 -1.75
CA LEU A 862 24.31 6.44 -2.48
C LEU A 862 25.53 5.58 -2.17
N ALA A 863 26.71 6.19 -2.05
CA ALA A 863 27.89 5.42 -1.69
C ALA A 863 27.82 4.92 -0.26
N ILE A 864 27.19 5.70 0.63
CA ILE A 864 26.97 5.23 2.01
C ILE A 864 26.06 4.01 2.00
N ASP A 865 24.99 4.05 1.21
CA ASP A 865 24.07 2.92 1.17
C ASP A 865 24.65 1.72 0.44
N ALA A 866 25.62 1.94 -0.44
CA ALA A 866 26.20 0.86 -1.23
C ALA A 866 27.62 0.47 -0.80
N TYR A 867 28.10 1.00 0.33
CA TYR A 867 29.42 0.61 0.82
C TYR A 867 29.61 -0.89 1.06
N PRO A 868 28.67 -1.63 1.68
CA PRO A 868 28.98 -3.03 2.00
C PRO A 868 29.29 -3.90 0.80
N LEU A 869 28.96 -3.46 -0.42
CA LEU A 869 29.28 -4.25 -1.61
C LEU A 869 30.76 -4.51 -1.75
N THR A 870 31.61 -3.68 -1.14
CA THR A 870 33.05 -3.89 -1.17
C THR A 870 33.47 -5.23 -0.56
N LYS A 871 32.77 -5.70 0.46
CA LYS A 871 33.08 -6.98 1.09
C LYS A 871 32.47 -8.17 0.37
N HIS A 872 31.65 -7.93 -0.64
CA HIS A 872 30.99 -9.01 -1.36
C HIS A 872 32.01 -9.80 -2.18
N PRO A 873 31.91 -11.13 -2.19
CA PRO A 873 32.88 -11.94 -2.95
C PRO A 873 32.87 -11.67 -4.45
N ASN A 874 31.72 -11.32 -5.02
CA ASN A 874 31.65 -11.03 -6.44
C ASN A 874 32.32 -9.68 -6.72
N GLN A 875 33.17 -9.65 -7.75
CA GLN A 875 33.94 -8.44 -8.00
C GLN A 875 33.10 -7.35 -8.67
N GLU A 876 32.17 -7.75 -9.54
CA GLU A 876 31.32 -6.77 -10.20
C GLU A 876 30.38 -6.10 -9.22
N TYR A 877 30.05 -6.79 -8.12
CA TYR A 877 29.33 -6.13 -7.03
C TYR A 877 30.22 -5.15 -6.30
N ALA A 878 31.47 -5.53 -6.04
CA ALA A 878 32.37 -4.70 -5.25
C ALA A 878 32.80 -3.45 -6.01
N ASP A 879 32.80 -3.49 -7.34
CA ASP A 879 33.21 -2.36 -8.14
C ASP A 879 32.21 -1.22 -8.14
N VAL A 880 30.98 -1.48 -7.70
CA VAL A 880 29.97 -0.42 -7.66
C VAL A 880 30.32 0.67 -6.66
N PHE A 881 30.94 0.31 -5.53
CA PHE A 881 31.35 1.32 -4.56
C PHE A 881 32.53 2.15 -5.08
N HIS A 882 33.54 1.50 -5.66
CA HIS A 882 34.67 2.24 -6.21
C HIS A 882 34.25 3.12 -7.38
N LEU A 883 33.23 2.68 -8.14
CA LEU A 883 32.70 3.52 -9.20
C LEU A 883 32.13 4.82 -8.64
N TYR A 884 31.36 4.74 -7.56
CA TYR A 884 30.79 5.94 -6.96
C TYR A 884 31.88 6.82 -6.34
N LEU A 885 32.91 6.20 -5.76
CA LEU A 885 34.01 7.00 -5.21
C LEU A 885 34.75 7.76 -6.31
N GLN A 886 35.06 7.09 -7.41
CA GLN A 886 35.74 7.76 -8.51
C GLN A 886 34.85 8.80 -9.17
N TYR A 887 33.53 8.57 -9.20
CA TYR A 887 32.65 9.56 -9.79
C TYR A 887 32.52 10.78 -8.88
N ILE A 888 32.54 10.59 -7.56
CA ILE A 888 32.54 11.74 -6.65
C ILE A 888 33.83 12.54 -6.81
N ARG A 889 34.96 11.84 -6.97
CA ARG A 889 36.22 12.54 -7.19
C ARG A 889 36.20 13.34 -8.49
N LYS A 890 35.69 12.74 -9.58
CA LYS A 890 35.60 13.47 -10.84
C LYS A 890 34.64 14.64 -10.75
N LEU A 891 33.51 14.45 -10.05
CA LEU A 891 32.56 15.53 -9.84
C LEU A 891 33.19 16.69 -9.09
N HIS A 892 33.94 16.43 -8.04
CA HIS A 892 34.57 17.52 -7.31
C HIS A 892 35.68 18.18 -8.12
N ASP A 893 36.41 17.39 -8.93
CA ASP A 893 37.43 17.99 -9.78
C ASP A 893 36.83 18.96 -10.78
N GLU A 894 35.76 18.55 -11.46
CA GLU A 894 35.17 19.46 -12.44
C GLU A 894 34.36 20.57 -11.76
N LEU A 895 33.91 20.36 -10.53
CA LEU A 895 33.28 21.45 -9.78
C LEU A 895 34.29 22.53 -9.43
N THR A 896 35.48 22.12 -8.98
CA THR A 896 36.53 23.11 -8.71
C THR A 896 36.98 23.78 -9.99
N GLY A 897 37.02 23.03 -11.10
CA GLY A 897 37.33 23.66 -12.38
C GLY A 897 36.30 24.71 -12.77
N HIS A 898 35.02 24.40 -12.59
CA HIS A 898 33.97 25.35 -12.96
C HIS A 898 33.97 26.56 -12.05
N MET A 899 34.28 26.37 -10.76
CA MET A 899 34.34 27.52 -9.86
C MET A 899 35.61 28.34 -10.06
N LEU A 900 36.66 27.72 -10.58
CA LEU A 900 37.87 28.47 -10.92
C LEU A 900 37.68 29.22 -12.23
N ASP A 901 36.77 28.75 -13.08
CA ASP A 901 36.43 29.51 -14.29
C ASP A 901 35.47 30.64 -13.98
N MET A 902 34.41 30.36 -13.22
CA MET A 902 33.37 31.35 -12.96
C MET A 902 33.89 32.51 -12.13
N TYR A 903 34.76 32.23 -11.16
CA TYR A 903 35.41 33.27 -10.37
C TYR A 903 36.90 33.20 -10.65
N SER A 904 37.72 33.91 -9.89
CA SER A 904 39.15 33.77 -10.06
C SER A 904 39.84 33.21 -8.82
N VAL A 905 39.09 32.72 -7.84
CA VAL A 905 39.65 32.19 -6.60
C VAL A 905 38.92 30.91 -6.24
N MET A 906 39.68 29.87 -5.88
CA MET A 906 39.08 28.63 -5.44
C MET A 906 38.43 28.81 -4.07
N LEU A 907 37.61 27.82 -3.70
CA LEU A 907 37.05 27.79 -2.36
C LEU A 907 38.16 27.68 -1.32
N THR A 908 38.05 28.46 -0.26
CA THR A 908 39.11 28.50 0.75
C THR A 908 39.00 27.33 1.73
N ASN A 909 37.82 27.15 2.33
CA ASN A 909 37.57 26.06 3.26
C ASN A 909 36.79 24.99 2.52
N ASP A 910 37.50 23.97 2.05
CA ASP A 910 36.91 22.89 1.26
C ASP A 910 37.20 21.57 1.95
N ASN A 911 36.16 20.92 2.45
CA ASN A 911 36.29 19.62 3.12
C ASN A 911 35.56 18.52 2.36
N THR A 912 35.69 18.50 1.03
CA THR A 912 35.09 17.45 0.22
C THR A 912 36.13 16.38 -0.08
N SER A 913 37.26 16.44 0.61
CA SER A 913 38.38 15.55 0.37
C SER A 913 38.26 14.23 1.14
N ARG A 914 37.17 14.05 1.88
CA ARG A 914 36.94 12.81 2.61
C ARG A 914 35.80 11.99 2.05
N TYR A 915 35.05 12.50 1.07
CA TYR A 915 33.96 11.74 0.47
C TYR A 915 34.45 10.75 -0.59
N TRP A 916 35.70 10.85 -1.03
CA TRP A 916 36.29 9.86 -1.92
C TRP A 916 37.33 9.01 -1.20
N GLU A 917 37.15 8.82 0.10
CA GLU A 917 37.97 7.94 0.91
C GLU A 917 37.12 6.84 1.50
N PRO A 918 37.59 5.58 1.49
CA PRO A 918 36.78 4.49 2.04
C PRO A 918 36.58 4.55 3.54
N GLU A 919 37.36 5.34 4.28
CA GLU A 919 37.25 5.34 5.74
C GLU A 919 35.98 6.03 6.20
N PHE A 920 35.56 7.10 5.52
CA PHE A 920 34.35 7.80 5.90
C PHE A 920 33.12 6.92 5.79
N TYR A 921 33.11 6.01 4.82
CA TYR A 921 32.00 5.07 4.66
C TYR A 921 32.18 3.83 5.52
N GLU A 922 33.41 3.43 5.81
CA GLU A 922 33.64 2.30 6.70
C GLU A 922 33.25 2.66 8.13
N ALA A 923 33.37 3.92 8.50
CA ALA A 923 32.92 4.37 9.81
C ALA A 923 31.40 4.41 9.92
N MET A 924 30.68 4.24 8.81
CA MET A 924 29.23 4.23 8.82
C MET A 924 28.65 2.91 9.29
N TYR A 925 29.46 1.85 9.29
CA TYR A 925 29.00 0.52 9.69
C TYR A 925 29.82 -0.03 10.86
N THR A 926 30.30 0.83 11.74
CA THR A 926 31.08 0.51 12.92
C THR A 926 30.25 0.76 14.18
N PRO A 927 30.23 -0.20 15.12
CA PRO A 927 29.25 -0.11 16.22
C PRO A 927 29.57 0.94 17.27
N HIS A 928 30.50 1.86 17.02
CA HIS A 928 30.87 2.83 18.05
C HIS A 928 29.73 3.78 18.37
N THR A 929 29.14 4.39 17.34
CA THR A 929 28.05 5.34 17.56
C THR A 929 26.69 4.68 17.34
N PHE B 7 25.16 52.12 20.65
CA PHE B 7 25.85 52.10 21.94
C PHE B 7 26.74 53.32 22.10
N SER B 8 27.11 53.94 20.97
CA SER B 8 27.95 55.12 21.01
C SER B 8 27.26 56.31 21.67
N SER B 9 25.93 56.38 21.63
CA SER B 9 25.22 57.49 22.24
C SER B 9 25.22 57.41 23.76
N LEU B 10 25.50 56.24 24.32
CA LEU B 10 25.50 56.07 25.76
C LEU B 10 26.67 56.82 26.39
N PRO B 11 26.50 57.30 27.63
CA PRO B 11 27.62 58.00 28.30
C PRO B 11 28.82 57.12 28.58
N SER B 12 28.67 55.79 28.53
CA SER B 12 29.81 54.91 28.73
C SER B 12 30.87 55.11 27.64
N TYR B 13 30.42 55.28 26.39
CA TYR B 13 31.36 55.57 25.31
C TYR B 13 32.07 56.90 25.54
N ALA B 14 31.35 57.91 26.04
CA ALA B 14 31.99 59.19 26.35
C ALA B 14 33.03 59.04 27.44
N ALA B 15 32.72 58.25 28.48
CA ALA B 15 33.68 58.03 29.56
C ALA B 15 34.91 57.29 29.06
N PHE B 16 34.73 56.28 28.21
CA PHE B 16 35.86 55.57 27.64
C PHE B 16 36.70 56.49 26.77
N ALA B 17 36.07 57.33 25.96
CA ALA B 17 36.78 58.24 25.08
C ALA B 17 37.57 59.27 25.89
N THR B 18 36.98 59.82 26.95
CA THR B 18 37.69 60.83 27.72
C THR B 18 38.81 60.21 28.56
N ALA B 19 38.63 58.95 29.00
CA ALA B 19 39.72 58.26 29.66
C ALA B 19 40.89 58.01 28.71
N GLN B 20 40.60 57.59 27.48
CA GLN B 20 41.66 57.41 26.48
C GLN B 20 42.34 58.73 26.15
N GLU B 21 41.57 59.81 26.03
CA GLU B 21 42.14 61.12 25.75
C GLU B 21 43.04 61.60 26.89
N ALA B 22 42.61 61.40 28.13
CA ALA B 22 43.43 61.77 29.28
C ALA B 22 44.72 60.95 29.32
N TYR B 23 44.62 59.65 29.04
CA TYR B 23 45.81 58.80 29.02
C TYR B 23 46.79 59.26 27.94
N GLU B 24 46.28 59.56 26.75
CA GLU B 24 47.14 60.02 25.67
C GLU B 24 47.78 61.36 25.99
N GLN B 25 47.01 62.28 26.60
CA GLN B 25 47.56 63.57 26.99
C GLN B 25 48.64 63.42 28.05
N ALA B 26 48.44 62.52 29.02
CA ALA B 26 49.45 62.28 30.03
C ALA B 26 50.71 61.66 29.43
N VAL B 27 50.55 60.74 28.47
CA VAL B 27 51.71 60.14 27.82
C VAL B 27 52.48 61.18 27.03
N ALA B 28 51.77 62.04 26.29
CA ALA B 28 52.44 63.05 25.49
C ALA B 28 53.06 64.14 26.36
N ASN B 29 52.50 64.38 27.54
CA ASN B 29 52.97 65.42 28.43
C ASN B 29 54.11 64.97 29.33
N GLY B 30 54.54 63.72 29.24
CA GLY B 30 55.60 63.22 30.09
C GLY B 30 55.22 63.14 31.55
N ASP B 31 54.01 62.63 31.82
CA ASP B 31 53.52 62.53 33.18
C ASP B 31 54.31 61.48 33.96
N SER B 32 54.20 61.54 35.28
CA SER B 32 54.92 60.63 36.16
C SER B 32 54.34 59.22 36.07
N GLU B 33 55.06 58.26 36.67
CA GLU B 33 54.65 56.87 36.62
C GLU B 33 53.33 56.64 37.35
N VAL B 34 53.14 57.30 38.50
CA VAL B 34 51.92 57.10 39.28
C VAL B 34 50.71 57.61 38.51
N VAL B 35 50.82 58.79 37.91
CA VAL B 35 49.71 59.36 37.14
C VAL B 35 49.42 58.50 35.92
N LEU B 36 50.48 58.05 35.24
CA LEU B 36 50.30 57.22 34.05
C LEU B 36 49.60 55.91 34.38
N LYS B 37 50.02 55.26 35.47
CA LYS B 37 49.38 54.00 35.85
C LYS B 37 47.95 54.20 36.35
N LYS B 38 47.70 55.29 37.08
CA LYS B 38 46.33 55.56 37.54
C LYS B 38 45.40 55.82 36.36
N LEU B 39 45.87 56.58 35.38
CA LEU B 39 45.04 56.84 34.19
C LEU B 39 44.89 55.58 33.35
N LYS B 40 45.90 54.72 33.33
CA LYS B 40 45.77 53.43 32.64
C LYS B 40 44.71 52.57 33.31
N LYS B 41 44.67 52.55 34.65
CA LYS B 41 43.65 51.78 35.35
C LYS B 41 42.27 52.39 35.14
N SER B 42 42.20 53.72 35.06
CA SER B 42 40.93 54.38 34.74
C SER B 42 40.47 54.01 33.33
N LEU B 43 41.40 53.94 32.39
CA LEU B 43 41.10 53.51 31.03
C LEU B 43 40.60 52.07 31.04
N ASN B 44 41.21 51.23 31.88
CA ASN B 44 40.78 49.84 31.98
C ASN B 44 39.35 49.72 32.51
N VAL B 45 39.03 50.47 33.57
CA VAL B 45 37.70 50.37 34.15
C VAL B 45 36.66 51.00 33.22
N ALA B 46 37.06 52.00 32.42
CA ALA B 46 36.15 52.52 31.41
C ALA B 46 35.93 51.53 30.29
N LYS B 47 37.00 50.84 29.87
CA LYS B 47 36.91 49.87 28.79
C LYS B 47 36.04 48.68 29.17
N SER B 48 36.17 48.21 30.41
CA SER B 48 35.38 47.07 30.87
C SER B 48 33.88 47.41 30.85
N GLU B 49 33.53 48.58 31.35
CA GLU B 49 32.14 49.04 31.32
C GLU B 49 31.63 49.30 29.90
N PHE B 50 32.46 49.85 29.02
CA PHE B 50 32.05 50.03 27.63
C PHE B 50 31.83 48.69 26.94
N ASP B 51 32.67 47.71 27.24
CA ASP B 51 32.48 46.37 26.68
C ASP B 51 31.20 45.73 27.21
N ARG B 52 30.90 45.93 28.49
CA ARG B 52 29.63 45.45 29.04
C ARG B 52 28.45 46.12 28.35
N ASP B 53 28.56 47.43 28.11
CA ASP B 53 27.50 48.15 27.41
C ASP B 53 27.33 47.63 25.98
N ALA B 54 28.44 47.34 25.31
CA ALA B 54 28.37 46.81 23.95
C ALA B 54 27.72 45.43 23.92
N ALA B 55 28.06 44.57 24.89
CA ALA B 55 27.41 43.27 24.98
C ALA B 55 25.92 43.40 25.25
N MET B 56 25.55 44.33 26.15
CA MET B 56 24.14 44.58 26.43
C MET B 56 23.41 45.07 25.18
N GLN B 57 24.05 45.96 24.42
CA GLN B 57 23.41 46.48 23.21
C GLN B 57 23.25 45.41 22.15
N ARG B 58 24.27 44.55 22.00
CA ARG B 58 24.15 43.43 21.06
C ARG B 58 23.02 42.49 21.47
N LYS B 59 22.93 42.17 22.77
CA LYS B 59 21.86 41.29 23.24
C LYS B 59 20.49 41.92 23.01
N LEU B 60 20.35 43.21 23.31
CA LEU B 60 19.07 43.91 23.15
C LEU B 60 18.67 43.99 21.69
N GLU B 61 19.63 44.27 20.80
CA GLU B 61 19.34 44.37 19.38
C GLU B 61 18.97 43.02 18.79
N LYS B 62 19.68 41.96 19.21
CA LYS B 62 19.33 40.63 18.73
C LYS B 62 17.97 40.18 19.24
N MET B 63 17.62 40.51 20.49
CA MET B 63 16.29 40.22 21.00
C MET B 63 15.20 41.02 20.30
N ALA B 64 15.43 42.29 20.00
CA ALA B 64 14.44 43.10 19.31
C ALA B 64 14.24 42.61 17.87
N ASP B 65 15.32 42.23 17.19
CA ASP B 65 15.18 41.70 15.85
C ASP B 65 14.45 40.36 15.85
N GLN B 66 14.72 39.52 16.85
CA GLN B 66 14.01 38.24 16.94
C GLN B 66 12.53 38.47 17.24
N ALA B 67 12.21 39.46 18.08
CA ALA B 67 10.81 39.81 18.33
C ALA B 67 10.14 40.34 17.06
N MET B 68 10.86 41.14 16.28
CA MET B 68 10.31 41.63 15.02
C MET B 68 10.05 40.48 14.04
N THR B 69 10.97 39.51 13.99
CA THR B 69 10.73 38.34 13.14
C THR B 69 9.53 37.55 13.61
N GLN B 70 9.39 37.37 14.93
CA GLN B 70 8.22 36.70 15.50
C GLN B 70 6.92 37.42 15.19
N MET B 71 6.91 38.75 15.24
CA MET B 71 5.70 39.53 14.98
C MET B 71 5.44 39.73 13.49
N TYR B 72 6.44 39.50 12.62
CA TYR B 72 6.25 39.52 11.18
C TYR B 72 5.91 38.13 10.64
N LYS B 73 6.11 37.10 11.44
CA LYS B 73 5.63 35.77 11.09
C LYS B 73 4.22 35.49 11.60
N GLN B 74 3.88 35.95 12.81
CA GLN B 74 2.51 35.77 13.30
C GLN B 74 1.53 36.63 12.51
N ALA B 75 1.96 37.80 12.05
CA ALA B 75 1.10 38.62 11.19
C ALA B 75 0.80 37.92 9.88
N ARG B 76 1.82 37.27 9.29
CA ARG B 76 1.58 36.51 8.06
C ARG B 76 0.68 35.31 8.32
N SER B 77 0.85 34.65 9.48
CA SER B 77 -0.01 33.53 9.82
C SER B 77 -1.46 33.96 9.95
N GLU B 78 -1.71 35.09 10.61
CA GLU B 78 -3.08 35.58 10.77
C GLU B 78 -3.62 36.23 9.50
N ASP B 79 -2.76 36.61 8.55
CA ASP B 79 -3.23 37.07 7.25
C ASP B 79 -3.52 35.93 6.29
N LYS B 80 -2.92 34.76 6.51
CA LYS B 80 -3.27 33.57 5.74
C LYS B 80 -4.43 32.79 6.32
N ARG B 81 -4.62 32.84 7.65
CA ARG B 81 -5.77 32.20 8.27
C ARG B 81 -7.08 32.77 7.74
N ALA B 82 -7.20 34.10 7.68
CA ALA B 82 -8.38 34.73 7.12
C ALA B 82 -8.56 34.44 5.64
N LYS B 83 -7.46 34.37 4.88
CA LYS B 83 -7.58 34.07 3.45
C LYS B 83 -8.11 32.66 3.22
N VAL B 84 -7.59 31.68 3.96
CA VAL B 84 -8.09 30.31 3.78
C VAL B 84 -9.50 30.18 4.34
N THR B 85 -9.84 30.97 5.37
CA THR B 85 -11.21 30.96 5.87
C THR B 85 -12.19 31.49 4.83
N SER B 86 -11.83 32.59 4.17
CA SER B 86 -12.68 33.13 3.11
C SER B 86 -12.80 32.14 1.96
N ALA B 87 -11.70 31.48 1.61
CA ALA B 87 -11.74 30.50 0.53
C ALA B 87 -12.65 29.33 0.87
N MET B 88 -12.57 28.84 2.11
CA MET B 88 -13.43 27.73 2.52
C MET B 88 -14.90 28.15 2.56
N GLN B 89 -15.19 29.37 3.02
CA GLN B 89 -16.58 29.84 3.02
C GLN B 89 -17.11 29.97 1.60
N THR B 90 -16.28 30.50 0.68
CA THR B 90 -16.70 30.60 -0.72
C THR B 90 -16.96 29.22 -1.31
N MET B 91 -16.11 28.24 -1.00
CA MET B 91 -16.32 26.89 -1.52
C MET B 91 -17.59 26.28 -0.94
N LEU B 92 -17.83 26.48 0.35
CA LEU B 92 -19.04 25.94 0.98
C LEU B 92 -20.32 26.61 0.51
N PHE B 93 -20.25 27.85 0.02
CA PHE B 93 -21.45 28.50 -0.47
C PHE B 93 -21.69 28.29 -1.97
N THR B 94 -20.65 28.14 -2.78
CA THR B 94 -20.86 27.80 -4.18
C THR B 94 -21.47 26.41 -4.33
N MET B 95 -20.96 25.44 -3.57
CA MET B 95 -21.55 24.10 -3.61
C MET B 95 -22.99 24.12 -3.13
N LEU B 96 -23.32 25.03 -2.20
CA LEU B 96 -24.71 25.20 -1.80
C LEU B 96 -25.54 25.72 -2.96
N ARG B 97 -25.04 26.73 -3.67
CA ARG B 97 -25.82 27.29 -4.76
C ARG B 97 -25.91 26.32 -5.93
N LYS B 98 -25.07 25.29 -5.96
CA LYS B 98 -25.17 24.23 -6.96
C LYS B 98 -26.17 23.14 -6.58
N LEU B 99 -26.69 23.14 -5.36
CA LEU B 99 -27.59 22.08 -4.92
C LEU B 99 -28.93 22.19 -5.63
N ASP B 100 -29.51 21.04 -5.99
CA ASP B 100 -30.85 20.97 -6.57
C ASP B 100 -31.84 20.86 -5.41
N ASN B 101 -32.30 22.01 -4.93
CA ASN B 101 -33.08 22.06 -3.69
C ASN B 101 -34.55 21.68 -3.88
N ASP B 102 -34.89 21.08 -5.01
CA ASP B 102 -36.23 20.54 -5.17
C ASP B 102 -36.28 19.06 -4.83
N ALA B 103 -35.57 18.23 -5.60
CA ALA B 103 -35.52 16.80 -5.35
C ALA B 103 -34.80 16.44 -4.06
N LEU B 104 -33.71 17.15 -3.75
CA LEU B 104 -33.01 16.91 -2.50
C LEU B 104 -33.89 17.22 -1.30
N ASN B 105 -34.59 18.35 -1.35
CA ASN B 105 -35.52 18.69 -0.28
C ASN B 105 -36.63 17.67 -0.17
N ASN B 106 -37.15 17.20 -1.31
CA ASN B 106 -38.24 16.24 -1.28
C ASN B 106 -37.79 14.91 -0.65
N ILE B 107 -36.60 14.42 -1.02
CA ILE B 107 -36.16 13.14 -0.48
C ILE B 107 -35.77 13.27 0.98
N ILE B 108 -35.22 14.43 1.38
CA ILE B 108 -34.85 14.60 2.79
C ILE B 108 -36.08 14.71 3.66
N ASN B 109 -37.09 15.47 3.21
CA ASN B 109 -38.35 15.54 3.95
C ASN B 109 -39.09 14.22 3.89
N ASN B 110 -38.79 13.38 2.89
CA ASN B 110 -39.42 12.06 2.81
C ASN B 110 -38.76 11.07 3.76
N ALA B 111 -37.59 11.39 4.29
CA ALA B 111 -36.90 10.49 5.20
C ALA B 111 -37.60 10.41 6.54
N ARG B 112 -37.42 9.28 7.22
CA ARG B 112 -38.13 9.04 8.47
C ARG B 112 -37.57 9.90 9.60
N ASP B 113 -36.24 9.98 9.72
CA ASP B 113 -35.60 10.80 10.73
C ASP B 113 -34.91 12.03 10.17
N GLY B 114 -34.93 12.22 8.86
CA GLY B 114 -34.20 13.30 8.21
C GLY B 114 -32.85 12.88 7.67
N CYS B 115 -32.32 11.74 8.10
CA CYS B 115 -31.04 11.25 7.65
C CYS B 115 -31.22 10.33 6.44
N VAL B 116 -30.40 10.55 5.42
CA VAL B 116 -30.38 9.70 4.23
C VAL B 116 -28.93 9.39 3.90
N PRO B 117 -28.61 8.18 3.44
CA PRO B 117 -27.23 7.86 3.09
C PRO B 117 -26.70 8.78 1.99
N LEU B 118 -25.43 9.14 2.09
CA LEU B 118 -24.84 10.03 1.09
C LEU B 118 -24.77 9.37 -0.26
N ASN B 119 -24.57 8.05 -0.31
CA ASN B 119 -24.40 7.35 -1.58
C ASN B 119 -25.62 7.46 -2.49
N ILE B 120 -26.78 7.79 -1.94
CA ILE B 120 -27.99 7.95 -2.74
C ILE B 120 -28.40 9.40 -2.90
N ILE B 121 -27.63 10.35 -2.38
CA ILE B 121 -27.92 11.76 -2.64
C ILE B 121 -27.78 12.11 -4.12
N PRO B 122 -26.70 11.74 -4.84
CA PRO B 122 -26.70 11.96 -6.28
C PRO B 122 -27.72 11.08 -6.99
N LEU B 123 -27.78 9.81 -6.57
CA LEU B 123 -28.54 8.79 -7.28
C LEU B 123 -30.00 9.16 -7.46
N THR B 124 -30.55 10.00 -6.60
CA THR B 124 -31.93 10.44 -6.72
C THR B 124 -32.08 11.92 -7.00
N THR B 125 -31.01 12.72 -6.96
CA THR B 125 -31.17 14.16 -7.11
C THR B 125 -30.31 14.76 -8.21
N ALA B 126 -29.18 14.12 -8.53
CA ALA B 126 -28.27 14.67 -9.53
C ALA B 126 -28.94 14.75 -10.89
N ALA B 127 -28.83 15.92 -11.52
CA ALA B 127 -29.44 16.16 -12.83
C ALA B 127 -28.51 15.78 -13.97
N LYS B 128 -27.22 15.62 -13.70
CA LYS B 128 -26.24 15.31 -14.74
C LYS B 128 -25.59 13.97 -14.42
N LEU B 129 -25.37 13.17 -15.45
CA LEU B 129 -24.75 11.86 -15.32
C LEU B 129 -23.55 11.80 -16.25
N MET B 130 -22.41 11.35 -15.73
CA MET B 130 -21.19 11.17 -16.50
C MET B 130 -20.88 9.68 -16.53
N VAL B 131 -21.11 9.05 -17.67
CA VAL B 131 -20.76 7.65 -17.84
C VAL B 131 -19.39 7.56 -18.50
N VAL B 132 -18.47 6.85 -17.87
CA VAL B 132 -17.14 6.62 -18.41
C VAL B 132 -17.09 5.20 -18.95
N ILE B 133 -16.78 5.07 -20.24
CA ILE B 133 -16.88 3.78 -20.94
C ILE B 133 -15.52 3.41 -21.52
N PRO B 134 -14.97 2.23 -21.22
CA PRO B 134 -13.63 1.89 -21.69
C PRO B 134 -13.56 1.30 -23.09
N ASP B 135 -14.61 0.63 -23.58
CA ASP B 135 -14.56 -0.01 -24.88
C ASP B 135 -15.97 -0.05 -25.47
N TYR B 136 -16.04 -0.45 -26.73
CA TYR B 136 -17.31 -0.36 -27.46
C TYR B 136 -18.35 -1.34 -26.95
N ASN B 137 -17.93 -2.51 -26.47
CA ASN B 137 -18.90 -3.48 -25.97
C ASN B 137 -19.66 -2.92 -24.77
N THR B 138 -18.97 -2.24 -23.87
CA THR B 138 -19.64 -1.60 -22.74
C THR B 138 -20.57 -0.49 -23.22
N TYR B 139 -20.14 0.29 -24.22
CA TYR B 139 -21.00 1.35 -24.74
C TYR B 139 -22.28 0.79 -25.33
N LYS B 140 -22.18 -0.31 -26.07
CA LYS B 140 -23.36 -0.94 -26.63
C LYS B 140 -24.25 -1.52 -25.53
N ASN B 141 -23.64 -2.04 -24.46
CA ASN B 141 -24.42 -2.68 -23.41
C ASN B 141 -25.17 -1.66 -22.56
N THR B 142 -24.54 -0.55 -22.19
CA THR B 142 -25.15 0.28 -21.14
C THR B 142 -25.98 1.44 -21.70
N CYS B 143 -25.52 2.13 -22.75
CA CYS B 143 -26.17 3.36 -23.18
C CYS B 143 -26.24 3.49 -24.70
N ASP B 144 -26.65 2.43 -25.39
CA ASP B 144 -26.85 2.53 -26.83
C ASP B 144 -28.05 3.42 -27.14
N GLY B 145 -27.89 4.26 -28.15
CA GLY B 145 -28.92 5.20 -28.54
C GLY B 145 -28.75 6.55 -27.86
N THR B 146 -29.79 7.37 -27.99
CA THR B 146 -29.80 8.71 -27.41
C THR B 146 -30.47 8.75 -26.04
N THR B 147 -31.14 7.69 -25.62
CA THR B 147 -31.72 7.63 -24.29
C THR B 147 -31.42 6.28 -23.67
N PHE B 148 -31.01 6.28 -22.41
CA PHE B 148 -30.74 5.05 -21.68
C PHE B 148 -31.28 5.20 -20.27
N THR B 149 -31.48 4.07 -19.60
CA THR B 149 -32.11 4.04 -18.28
C THR B 149 -31.09 3.59 -17.24
N TYR B 150 -30.81 4.47 -16.28
CA TYR B 150 -29.92 4.14 -15.17
C TYR B 150 -30.50 4.76 -13.91
N ALA B 151 -30.31 4.06 -12.78
CA ALA B 151 -30.79 4.50 -11.47
C ALA B 151 -32.31 4.71 -11.48
N SER B 152 -33.02 3.86 -12.21
CA SER B 152 -34.48 3.92 -12.33
C SER B 152 -34.95 5.28 -12.81
N ALA B 153 -34.24 5.83 -13.80
CA ALA B 153 -34.62 7.10 -14.40
C ALA B 153 -34.16 7.10 -15.85
N LEU B 154 -34.78 7.96 -16.65
CA LEU B 154 -34.51 8.05 -18.07
C LEU B 154 -33.53 9.18 -18.33
N TRP B 155 -32.37 8.85 -18.86
CA TRP B 155 -31.33 9.83 -19.16
C TRP B 155 -31.18 9.99 -20.66
N GLU B 156 -30.99 11.23 -21.09
CA GLU B 156 -30.85 11.54 -22.51
C GLU B 156 -29.46 12.10 -22.76
N ILE B 157 -28.79 11.59 -23.80
CA ILE B 157 -27.42 12.01 -24.09
C ILE B 157 -27.41 13.47 -24.49
N GLN B 158 -26.50 14.23 -23.90
CA GLN B 158 -26.28 15.61 -24.31
C GLN B 158 -24.91 15.85 -24.90
N GLN B 159 -23.91 15.05 -24.56
CA GLN B 159 -22.58 15.24 -25.12
C GLN B 159 -21.80 13.95 -24.97
N VAL B 160 -20.85 13.72 -25.87
CA VAL B 160 -19.89 12.64 -25.75
C VAL B 160 -18.51 13.21 -26.03
N VAL B 161 -17.57 13.01 -25.11
CA VAL B 161 -16.20 13.45 -25.31
C VAL B 161 -15.31 12.23 -25.19
N ASP B 162 -14.12 12.33 -25.77
CA ASP B 162 -13.18 11.21 -25.69
C ASP B 162 -12.14 11.47 -24.60
N ALA B 163 -11.18 10.57 -24.47
CA ALA B 163 -10.07 10.78 -23.54
C ALA B 163 -9.28 12.05 -23.84
N ASP B 164 -9.30 12.54 -25.07
CA ASP B 164 -8.60 13.77 -25.44
C ASP B 164 -9.43 15.01 -25.19
N SER B 165 -10.62 14.87 -24.59
CA SER B 165 -11.58 15.96 -24.39
C SER B 165 -11.99 16.58 -25.73
N LYS B 166 -12.03 15.78 -26.77
CA LYS B 166 -12.57 16.16 -28.07
C LYS B 166 -13.99 15.62 -28.17
N ILE B 167 -14.88 16.45 -28.72
CA ILE B 167 -16.27 16.02 -28.88
C ILE B 167 -16.36 14.96 -29.97
N VAL B 168 -17.15 13.93 -29.72
CA VAL B 168 -17.37 12.84 -30.65
C VAL B 168 -18.86 12.75 -30.94
N GLN B 169 -19.21 12.77 -32.21
CA GLN B 169 -20.60 12.63 -32.64
C GLN B 169 -21.08 11.21 -32.39
N LEU B 170 -22.36 11.06 -32.09
CA LEU B 170 -22.91 9.75 -31.76
C LEU B 170 -22.88 8.79 -32.95
N SER B 171 -22.78 9.30 -34.16
CA SER B 171 -22.68 8.44 -35.33
C SER B 171 -21.30 7.83 -35.50
N GLU B 172 -20.26 8.46 -34.94
CA GLU B 172 -18.90 7.96 -35.08
C GLU B 172 -18.62 6.73 -34.22
N ILE B 173 -19.45 6.48 -33.20
CA ILE B 173 -19.22 5.38 -32.27
C ILE B 173 -19.84 4.14 -32.91
N SER B 174 -19.04 3.45 -33.73
CA SER B 174 -19.46 2.24 -34.41
C SER B 174 -18.43 1.15 -34.19
N MET B 175 -18.79 -0.08 -34.57
CA MET B 175 -17.89 -1.21 -34.38
C MET B 175 -16.65 -1.11 -35.26
N ASP B 176 -16.82 -0.63 -36.50
CA ASP B 176 -15.68 -0.49 -37.40
C ASP B 176 -14.87 0.75 -37.07
N ASN B 177 -15.52 1.80 -36.58
CA ASN B 177 -14.84 3.04 -36.22
C ASN B 177 -14.34 3.03 -34.77
N SER B 178 -14.56 1.95 -34.04
CA SER B 178 -14.09 1.88 -32.65
C SER B 178 -12.58 2.02 -32.49
N PRO B 179 -11.72 1.36 -33.27
CA PRO B 179 -10.27 1.56 -33.05
C PRO B 179 -9.79 2.98 -33.27
N ASN B 180 -10.48 3.78 -34.08
CA ASN B 180 -10.03 5.13 -34.37
C ASN B 180 -10.47 6.14 -33.32
N LEU B 181 -11.18 5.72 -32.29
CA LEU B 181 -11.64 6.61 -31.23
C LEU B 181 -10.71 6.51 -30.03
N ALA B 182 -10.47 7.64 -29.38
CA ALA B 182 -9.57 7.69 -28.23
C ALA B 182 -10.34 7.31 -26.98
N TRP B 183 -10.44 6.01 -26.73
CA TRP B 183 -11.09 5.53 -25.52
C TRP B 183 -10.27 5.91 -24.30
N PRO B 184 -10.92 6.08 -23.12
CA PRO B 184 -12.34 5.95 -22.81
C PRO B 184 -13.19 7.12 -23.27
N LEU B 185 -14.49 6.88 -23.39
CA LEU B 185 -15.46 7.90 -23.78
C LEU B 185 -16.25 8.33 -22.55
N ILE B 186 -16.28 9.63 -22.29
CA ILE B 186 -17.08 10.20 -21.22
C ILE B 186 -18.34 10.78 -21.85
N VAL B 187 -19.48 10.14 -21.62
CA VAL B 187 -20.75 10.60 -22.14
C VAL B 187 -21.50 11.32 -21.03
N THR B 188 -21.86 12.57 -21.28
CA THR B 188 -22.57 13.41 -20.33
C THR B 188 -24.03 13.49 -20.74
N ALA B 189 -24.91 13.05 -19.85
CA ALA B 189 -26.35 12.98 -20.08
C ALA B 189 -27.07 13.77 -19.00
N LEU B 190 -28.33 14.09 -19.28
CA LEU B 190 -29.17 14.83 -18.33
C LEU B 190 -30.40 14.02 -18.00
N ARG B 191 -30.89 14.17 -16.76
CA ARG B 191 -32.07 13.47 -16.31
C ARG B 191 -33.31 13.96 -17.05
N ALA B 192 -34.18 13.04 -17.44
CA ALA B 192 -35.39 13.40 -18.15
C ALA B 192 -36.62 12.81 -17.46
N SER C 6 27.98 -4.49 -25.27
CA SER C 6 27.37 -3.60 -24.28
C SER C 6 26.31 -2.72 -24.91
N LYS C 7 25.77 -3.15 -26.04
CA LYS C 7 24.78 -2.38 -26.77
C LYS C 7 23.34 -2.71 -26.37
N MET C 8 23.13 -3.72 -25.54
CA MET C 8 21.78 -3.99 -25.05
C MET C 8 21.31 -2.90 -24.10
N SER C 9 22.20 -2.42 -23.24
CA SER C 9 21.78 -1.43 -22.24
C SER C 9 21.83 -0.02 -22.81
N ASP C 10 22.31 0.15 -24.05
CA ASP C 10 22.20 1.45 -24.70
C ASP C 10 20.78 1.68 -25.21
N VAL C 11 20.09 0.62 -25.62
CA VAL C 11 18.71 0.74 -26.07
C VAL C 11 17.77 1.08 -24.92
N LYS C 12 18.01 0.50 -23.74
CA LYS C 12 17.18 0.77 -22.58
C LYS C 12 17.31 2.20 -22.07
N CYS C 13 18.36 2.91 -22.45
CA CYS C 13 18.52 4.32 -22.09
C CYS C 13 18.16 5.27 -23.21
N THR C 14 18.47 4.93 -24.46
CA THR C 14 18.05 5.76 -25.58
C THR C 14 16.53 5.83 -25.67
N SER C 15 15.83 4.76 -25.28
CA SER C 15 14.38 4.81 -25.26
C SER C 15 13.87 5.73 -24.16
N VAL C 16 14.58 5.77 -23.03
CA VAL C 16 14.21 6.71 -21.97
C VAL C 16 14.36 8.14 -22.44
N VAL C 17 15.49 8.45 -23.10
CA VAL C 17 15.70 9.80 -23.62
C VAL C 17 14.67 10.13 -24.70
N LEU C 18 14.33 9.14 -25.54
CA LEU C 18 13.36 9.37 -26.61
C LEU C 18 11.97 9.62 -26.06
N LEU C 19 11.57 8.88 -25.03
CA LEU C 19 10.27 9.16 -24.44
C LEU C 19 10.25 10.49 -23.70
N SER C 20 11.39 10.89 -23.12
CA SER C 20 11.46 12.24 -22.55
C SER C 20 11.27 13.29 -23.63
N VAL C 21 11.88 13.09 -24.80
CA VAL C 21 11.71 14.02 -25.92
C VAL C 21 10.26 14.07 -26.35
N LEU C 22 9.62 12.91 -26.49
CA LEU C 22 8.22 12.87 -26.91
C LEU C 22 7.31 13.52 -25.88
N GLN C 23 7.61 13.35 -24.60
CA GLN C 23 6.81 14.00 -23.57
C GLN C 23 7.01 15.51 -23.60
N GLN C 24 8.23 15.97 -23.94
CA GLN C 24 8.46 17.40 -24.08
C GLN C 24 7.85 17.97 -25.35
N LEU C 25 7.55 17.13 -26.35
CA LEU C 25 6.89 17.58 -27.56
C LEU C 25 5.37 17.55 -27.46
N ARG C 26 4.84 17.39 -26.24
CA ARG C 26 3.41 17.37 -25.98
C ARG C 26 2.68 16.28 -26.78
N VAL C 27 3.28 15.09 -26.85
CA VAL C 27 2.52 13.91 -27.26
C VAL C 27 1.68 13.41 -26.10
N GLU C 28 1.92 13.93 -24.89
CA GLU C 28 1.14 13.55 -23.72
C GLU C 28 -0.33 13.93 -23.87
N SER C 29 -0.63 14.92 -24.71
CA SER C 29 -2.00 15.37 -24.86
C SER C 29 -2.83 14.39 -25.68
N SER C 30 -2.21 13.73 -26.65
CA SER C 30 -2.89 12.75 -27.49
C SER C 30 -2.82 11.40 -26.78
N SER C 31 -3.94 11.00 -26.16
CA SER C 31 -3.95 9.81 -25.32
C SER C 31 -3.70 8.53 -26.11
N LYS C 32 -4.26 8.42 -27.31
CA LYS C 32 -4.08 7.21 -28.09
C LYS C 32 -2.62 7.02 -28.49
N LEU C 33 -1.94 8.11 -28.83
CA LEU C 33 -0.53 8.00 -29.19
C LEU C 33 0.35 7.84 -27.96
N TRP C 34 -0.03 8.47 -26.85
CA TRP C 34 0.78 8.37 -25.63
C TRP C 34 0.69 6.98 -25.03
N ALA C 35 -0.46 6.30 -25.16
CA ALA C 35 -0.56 4.93 -24.69
C ALA C 35 0.39 4.01 -25.46
N GLN C 36 0.45 4.19 -26.78
CA GLN C 36 1.36 3.37 -27.58
C GLN C 36 2.82 3.69 -27.27
N CYS C 37 3.15 4.97 -27.08
CA CYS C 37 4.52 5.34 -26.72
C CYS C 37 4.91 4.75 -25.36
N VAL C 38 4.01 4.82 -24.38
CA VAL C 38 4.28 4.26 -23.06
C VAL C 38 4.45 2.76 -23.13
N GLN C 39 3.61 2.08 -23.90
CA GLN C 39 3.73 0.62 -24.01
C GLN C 39 5.03 0.23 -24.69
N LEU C 40 5.43 0.96 -25.74
CA LEU C 40 6.70 0.67 -26.40
C LEU C 40 7.87 0.92 -25.45
N HIS C 41 7.82 2.00 -24.68
CA HIS C 41 8.90 2.30 -23.74
C HIS C 41 9.01 1.23 -22.66
N ASN C 42 7.87 0.83 -22.09
CA ASN C 42 7.89 -0.17 -21.03
C ASN C 42 8.28 -1.55 -21.57
N ASP C 43 8.02 -1.82 -22.84
CA ASP C 43 8.42 -3.10 -23.41
C ASP C 43 9.88 -3.08 -23.82
N ILE C 44 10.42 -1.91 -24.13
CA ILE C 44 11.87 -1.81 -24.37
C ILE C 44 12.64 -2.00 -23.07
N LEU C 45 12.17 -1.36 -21.99
CA LEU C 45 12.86 -1.51 -20.71
C LEU C 45 12.79 -2.95 -20.20
N LEU C 46 11.64 -3.60 -20.35
CA LEU C 46 11.45 -4.97 -19.90
C LEU C 46 11.70 -5.95 -21.06
N ALA C 47 12.91 -5.87 -21.61
CA ALA C 47 13.28 -6.71 -22.75
C ALA C 47 14.61 -7.38 -22.47
N LYS C 48 14.67 -8.70 -22.65
CA LYS C 48 15.90 -9.45 -22.48
C LYS C 48 16.64 -9.68 -23.79
N ASP C 49 15.95 -9.63 -24.91
CA ASP C 49 16.53 -9.90 -26.23
C ASP C 49 16.77 -8.59 -26.97
N THR C 50 17.95 -8.48 -27.59
CA THR C 50 18.34 -7.24 -28.23
C THR C 50 17.53 -6.96 -29.49
N THR C 51 17.12 -8.00 -30.22
CA THR C 51 16.36 -7.81 -31.45
C THR C 51 14.99 -7.21 -31.17
N GLU C 52 14.31 -7.69 -30.13
CA GLU C 52 13.01 -7.16 -29.77
C GLU C 52 13.11 -5.70 -29.32
N ALA C 53 14.15 -5.38 -28.55
CA ALA C 53 14.35 -4.01 -28.09
C ALA C 53 14.54 -3.06 -29.27
N PHE C 54 15.33 -3.47 -30.26
CA PHE C 54 15.54 -2.61 -31.42
C PHE C 54 14.29 -2.51 -32.27
N GLU C 55 13.55 -3.60 -32.41
CA GLU C 55 12.31 -3.57 -33.20
C GLU C 55 11.30 -2.62 -32.57
N LYS C 56 11.20 -2.60 -31.24
CA LYS C 56 10.30 -1.65 -30.59
C LYS C 56 10.88 -0.24 -30.57
N MET C 57 12.21 -0.11 -30.55
CA MET C 57 12.83 1.21 -30.63
C MET C 57 12.55 1.88 -31.96
N VAL C 58 12.52 1.10 -33.05
CA VAL C 58 12.17 1.67 -34.36
C VAL C 58 10.77 2.25 -34.32
N SER C 59 9.81 1.52 -33.75
CA SER C 59 8.44 2.00 -33.69
C SER C 59 8.31 3.20 -32.76
N LEU C 60 9.11 3.24 -31.69
CA LEU C 60 9.07 4.40 -30.80
C LEU C 60 9.68 5.63 -31.46
N LEU C 61 10.72 5.44 -32.28
CA LEU C 61 11.33 6.56 -32.99
C LEU C 61 10.46 7.07 -34.13
N SER C 62 9.71 6.18 -34.79
CA SER C 62 8.83 6.64 -35.87
C SER C 62 7.69 7.52 -35.37
N VAL C 63 7.43 7.54 -34.06
CA VAL C 63 6.53 8.54 -33.51
C VAL C 63 7.18 9.91 -33.53
N LEU C 64 8.47 9.97 -33.21
CA LEU C 64 9.19 11.24 -33.26
C LEU C 64 9.35 11.73 -34.69
N LEU C 65 9.62 10.82 -35.63
CA LEU C 65 9.80 11.23 -37.02
C LEU C 65 8.50 11.57 -37.72
N SER C 66 7.35 11.10 -37.20
CA SER C 66 6.08 11.36 -37.88
C SER C 66 5.69 12.82 -37.80
N MET C 67 5.90 13.46 -36.66
CA MET C 67 5.55 14.86 -36.49
C MET C 67 6.58 15.75 -37.17
N GLN C 68 6.17 16.39 -38.27
CA GLN C 68 7.06 17.17 -39.11
C GLN C 68 7.55 18.45 -38.43
N GLY C 69 6.65 19.20 -37.83
CA GLY C 69 7.00 20.50 -37.27
C GLY C 69 7.45 20.50 -35.83
N ALA C 70 7.64 19.32 -35.23
CA ALA C 70 8.04 19.27 -33.82
C ALA C 70 9.54 19.48 -33.66
N VAL C 71 10.34 18.57 -34.22
CA VAL C 71 11.79 18.66 -34.16
C VAL C 71 12.31 18.99 -35.55
N ASP C 72 13.53 19.52 -35.60
CA ASP C 72 14.19 19.80 -36.88
C ASP C 72 15.23 18.72 -37.10
N ILE C 73 14.80 17.62 -37.73
CA ILE C 73 15.67 16.46 -37.89
C ILE C 73 16.86 16.78 -38.79
N ASN C 74 16.66 17.63 -39.80
CA ASN C 74 17.75 17.97 -40.69
C ASN C 74 18.88 18.70 -39.97
N LYS C 75 18.53 19.59 -39.05
CA LYS C 75 19.56 20.32 -38.31
C LYS C 75 20.21 19.43 -37.25
N LEU C 76 19.40 18.63 -36.55
CA LEU C 76 19.91 17.83 -35.44
C LEU C 76 20.91 16.78 -35.93
N CYS C 77 20.63 16.15 -37.07
CA CYS C 77 21.55 15.17 -37.62
C CYS C 77 22.71 15.82 -38.35
N GLU C 78 22.65 17.13 -38.59
CA GLU C 78 23.72 17.80 -39.34
C GLU C 78 24.96 17.98 -38.48
N GLU C 79 24.81 17.90 -37.17
CA GLU C 79 25.94 18.13 -36.27
C GLU C 79 26.94 16.98 -36.32
N MET C 80 26.58 15.87 -36.97
CA MET C 80 27.46 14.72 -37.06
C MET C 80 28.69 15.00 -37.92
N SER D 8 48.66 35.12 8.23
CA SER D 8 47.61 35.75 7.43
C SER D 8 48.13 37.04 6.78
N SER D 9 49.18 37.61 7.38
CA SER D 9 49.91 38.74 6.81
C SER D 9 49.00 39.95 6.58
N LEU D 10 48.11 40.19 7.52
CA LEU D 10 47.30 41.41 7.54
C LEU D 10 48.00 42.41 8.46
N PRO D 11 47.63 43.72 8.43
CA PRO D 11 48.36 44.70 9.26
C PRO D 11 48.37 44.37 10.76
N SER D 12 47.26 43.81 11.26
CA SER D 12 47.27 43.31 12.62
C SER D 12 48.30 42.20 12.82
N TYR D 13 48.44 41.29 11.85
CA TYR D 13 49.51 40.31 11.95
C TYR D 13 50.87 40.95 11.79
N ALA D 14 50.97 42.07 11.08
CA ALA D 14 52.25 42.78 11.00
C ALA D 14 52.66 43.33 12.36
N ALA D 15 51.71 43.93 13.08
CA ALA D 15 51.99 44.41 14.43
C ALA D 15 52.32 43.26 15.37
N PHE D 16 51.54 42.16 15.27
CA PHE D 16 51.83 40.99 16.09
C PHE D 16 53.19 40.41 15.76
N ALA D 17 53.61 40.50 14.49
CA ALA D 17 54.88 39.90 14.08
C ALA D 17 56.06 40.74 14.55
N THR D 18 55.95 42.07 14.49
CA THR D 18 57.04 42.89 15.01
C THR D 18 57.13 42.78 16.53
N ALA D 19 55.98 42.67 17.20
CA ALA D 19 56.00 42.42 18.64
C ALA D 19 56.61 41.05 18.95
N GLN D 20 56.30 40.04 18.14
CA GLN D 20 56.86 38.71 18.31
C GLN D 20 58.36 38.72 18.09
N GLU D 21 58.84 39.47 17.10
CA GLU D 21 60.28 39.59 16.88
C GLU D 21 60.96 40.27 18.05
N ALA D 22 60.34 41.32 18.60
CA ALA D 22 60.89 41.98 19.78
C ALA D 22 60.97 41.01 20.95
N TYR D 23 59.92 40.21 21.15
CA TYR D 23 59.94 39.25 22.25
C TYR D 23 60.94 38.13 22.00
N GLU D 24 61.13 37.74 20.74
CA GLU D 24 62.15 36.75 20.42
C GLU D 24 63.55 37.27 20.74
N GLN D 25 63.81 38.54 20.41
CA GLN D 25 65.08 39.15 20.79
C GLN D 25 65.23 39.22 22.32
N ALA D 26 64.14 39.55 23.02
CA ALA D 26 64.18 39.60 24.48
C ALA D 26 64.49 38.23 25.07
N VAL D 27 63.88 37.18 24.53
CA VAL D 27 64.10 35.80 24.98
C VAL D 27 65.54 35.42 24.69
N ALA D 28 66.06 35.84 23.53
CA ALA D 28 67.46 35.61 23.21
C ALA D 28 68.37 36.25 24.26
N ASN D 29 68.01 37.45 24.73
CA ASN D 29 68.67 37.97 25.92
C ASN D 29 68.22 37.24 27.17
N GLY D 30 66.94 37.41 27.54
CA GLY D 30 66.27 36.57 28.53
C GLY D 30 66.88 36.48 29.91
N ASP D 31 67.40 37.57 30.46
CA ASP D 31 67.98 37.48 31.79
C ASP D 31 66.91 37.61 32.88
N SER D 32 66.32 38.81 33.04
CA SER D 32 65.35 39.09 34.09
C SER D 32 64.89 40.56 34.04
N GLU D 33 63.75 40.87 34.64
CA GLU D 33 62.60 39.98 34.79
C GLU D 33 61.33 40.77 34.43
N VAL D 34 61.32 42.02 34.89
CA VAL D 34 60.12 42.85 34.79
C VAL D 34 59.92 43.33 33.36
N VAL D 35 61.01 43.72 32.70
CA VAL D 35 60.93 44.14 31.30
C VAL D 35 60.52 42.96 30.43
N LEU D 36 60.99 41.76 30.78
CA LEU D 36 60.59 40.57 30.03
C LEU D 36 59.12 40.26 30.23
N LYS D 37 58.60 40.44 31.45
CA LYS D 37 57.18 40.23 31.67
C LYS D 37 56.35 41.28 30.95
N LYS D 38 56.84 42.52 30.90
CA LYS D 38 56.15 43.56 30.14
C LYS D 38 56.12 43.23 28.65
N LEU D 39 57.23 42.71 28.11
CA LEU D 39 57.25 42.29 26.71
C LEU D 39 56.29 41.13 26.48
N LYS D 40 56.21 40.21 27.45
CA LYS D 40 55.25 39.11 27.38
C LYS D 40 53.81 39.61 27.35
N LYS D 41 53.50 40.62 28.16
CA LYS D 41 52.14 41.16 28.18
C LYS D 41 51.82 41.92 26.90
N SER D 42 52.80 42.68 26.39
CA SER D 42 52.60 43.41 25.14
C SER D 42 52.40 42.47 23.96
N LEU D 43 53.22 41.41 23.89
CA LEU D 43 53.06 40.40 22.86
C LEU D 43 51.70 39.73 22.96
N ASN D 44 51.25 39.48 24.19
CA ASN D 44 49.98 38.78 24.38
C ASN D 44 48.79 39.65 23.99
N VAL D 45 48.83 40.93 24.35
CA VAL D 45 47.73 41.81 23.95
C VAL D 45 47.75 42.04 22.44
N ALA D 46 48.95 42.11 21.83
CA ALA D 46 49.01 42.21 20.37
C ALA D 46 48.47 40.95 19.71
N LYS D 47 48.78 39.79 20.28
CA LYS D 47 48.24 38.53 19.77
C LYS D 47 46.73 38.48 19.89
N SER D 48 46.20 38.96 21.01
CA SER D 48 44.74 38.98 21.18
C SER D 48 44.09 39.92 20.18
N GLU D 49 44.69 41.08 19.94
CA GLU D 49 44.15 42.01 18.95
C GLU D 49 44.20 41.42 17.55
N PHE D 50 45.32 40.77 17.20
CA PHE D 50 45.44 40.15 15.89
C PHE D 50 44.43 39.02 15.71
N ASP D 51 44.24 38.20 16.75
CA ASP D 51 43.29 37.11 16.65
C ASP D 51 41.86 37.62 16.56
N ARG D 52 41.55 38.70 17.28
CA ARG D 52 40.22 39.30 17.18
C ARG D 52 39.98 39.87 15.78
N ASP D 53 40.97 40.53 15.19
CA ASP D 53 40.81 41.16 13.88
C ASP D 53 41.04 40.18 12.73
N ALA D 54 41.46 38.96 13.03
CA ALA D 54 41.57 37.91 12.03
C ALA D 54 40.46 36.86 12.10
N ALA D 55 39.81 36.68 13.25
CA ALA D 55 38.63 35.84 13.33
C ALA D 55 37.48 36.38 12.51
N MET D 56 37.26 37.71 12.51
CA MET D 56 36.22 38.29 11.67
C MET D 56 36.58 38.17 10.20
N GLN D 57 37.87 38.25 9.86
CA GLN D 57 38.29 38.03 8.48
C GLN D 57 38.06 36.59 8.06
N ARG D 58 38.34 35.63 8.94
CA ARG D 58 38.04 34.23 8.65
C ARG D 58 36.54 34.01 8.50
N LYS D 59 35.74 34.68 9.34
CA LYS D 59 34.29 34.58 9.22
C LYS D 59 33.82 35.13 7.88
N LEU D 60 34.40 36.24 7.44
CA LEU D 60 34.05 36.81 6.14
C LEU D 60 34.49 35.90 5.00
N GLU D 61 35.66 35.28 5.13
CA GLU D 61 36.14 34.36 4.11
C GLU D 61 35.26 33.11 4.03
N LYS D 62 34.73 32.66 5.17
CA LYS D 62 33.79 31.55 5.20
C LYS D 62 32.41 31.93 4.67
N MET D 63 31.96 33.16 4.91
CA MET D 63 30.67 33.63 4.45
C MET D 63 30.69 34.04 2.98
N ALA D 64 31.88 34.26 2.42
CA ALA D 64 32.05 34.50 1.00
C ALA D 64 32.34 33.21 0.26
N ASP D 65 32.16 32.07 0.94
CA ASP D 65 32.17 30.76 0.31
C ASP D 65 30.79 30.11 0.37
N GLN D 66 29.86 30.70 1.11
CA GLN D 66 28.45 30.34 1.04
C GLN D 66 27.68 31.24 0.09
N ALA D 67 28.36 32.20 -0.53
CA ALA D 67 27.79 33.01 -1.61
C ALA D 67 28.39 32.70 -2.96
N MET D 68 29.51 31.96 -3.00
CA MET D 68 30.02 31.44 -4.27
C MET D 68 29.28 30.16 -4.65
N THR D 69 29.17 29.22 -3.70
CA THR D 69 28.47 27.97 -3.96
C THR D 69 26.99 28.20 -4.21
N GLN D 70 26.35 29.07 -3.43
CA GLN D 70 24.92 29.32 -3.58
C GLN D 70 24.63 30.01 -4.91
N MET D 71 25.55 30.85 -5.39
CA MET D 71 25.35 31.47 -6.69
C MET D 71 25.66 30.50 -7.83
N TYR D 72 26.66 29.63 -7.65
CA TYR D 72 26.98 28.65 -8.67
C TYR D 72 25.89 27.62 -8.87
N LYS D 73 25.35 27.04 -7.80
CA LYS D 73 24.30 26.02 -7.93
C LYS D 73 22.92 26.67 -8.01
N GLN D 74 22.89 27.95 -8.37
CA GLN D 74 21.70 28.61 -8.86
C GLN D 74 21.80 29.03 -10.31
N ALA D 75 22.93 29.62 -10.72
CA ALA D 75 23.15 29.90 -12.14
C ALA D 75 23.21 28.61 -12.95
N ARG D 76 23.91 27.60 -12.44
CA ARG D 76 23.96 26.32 -13.15
C ARG D 76 22.60 25.63 -13.15
N SER D 77 21.84 25.76 -12.06
CA SER D 77 20.50 25.16 -12.02
C SER D 77 19.59 25.80 -13.05
N GLU D 78 19.58 27.13 -13.15
CA GLU D 78 18.70 27.77 -14.11
C GLU D 78 19.18 27.53 -15.54
N ASP D 79 20.50 27.45 -15.75
CA ASP D 79 21.00 27.09 -17.08
C ASP D 79 20.60 25.66 -17.44
N LYS D 80 20.64 24.74 -16.47
CA LYS D 80 20.30 23.35 -16.76
C LYS D 80 18.81 23.18 -17.04
N ARG D 81 17.95 23.85 -16.29
CA ARG D 81 16.52 23.70 -16.48
C ARG D 81 15.94 24.69 -17.47
N ALA D 82 16.77 25.55 -18.06
CA ALA D 82 16.34 26.40 -19.16
C ALA D 82 16.55 25.74 -20.52
N LYS D 83 17.71 25.14 -20.75
CA LYS D 83 17.98 24.39 -21.97
C LYS D 83 17.73 22.90 -21.71
N VAL D 84 16.45 22.55 -21.67
CA VAL D 84 16.04 21.17 -21.47
C VAL D 84 15.31 20.68 -22.73
N THR D 85 14.72 21.63 -23.47
CA THR D 85 14.00 21.25 -24.69
C THR D 85 14.96 20.86 -25.80
N SER D 86 16.12 21.51 -25.88
CA SER D 86 17.09 21.26 -26.93
C SER D 86 18.22 20.33 -26.51
N ALA D 87 18.67 20.41 -25.26
CA ALA D 87 19.72 19.51 -24.80
C ALA D 87 19.27 18.06 -24.82
N MET D 88 18.01 17.82 -24.45
CA MET D 88 17.48 16.47 -24.47
C MET D 88 17.44 15.91 -25.89
N GLN D 89 17.04 16.72 -26.87
CA GLN D 89 17.00 16.25 -28.26
C GLN D 89 18.41 16.02 -28.80
N THR D 90 19.35 16.91 -28.47
CA THR D 90 20.72 16.71 -28.91
C THR D 90 21.32 15.45 -28.30
N MET D 91 21.04 15.19 -27.02
CA MET D 91 21.49 13.97 -26.37
C MET D 91 20.87 12.74 -27.01
N LEU D 92 19.57 12.82 -27.34
CA LEU D 92 18.89 11.71 -27.98
C LEU D 92 19.53 11.36 -29.31
N PHE D 93 19.81 12.38 -30.13
CA PHE D 93 20.39 12.07 -31.43
C PHE D 93 21.86 11.69 -31.34
N THR D 94 22.59 12.18 -30.34
CA THR D 94 23.94 11.67 -30.10
C THR D 94 23.92 10.18 -29.75
N MET D 95 23.03 9.78 -28.85
CA MET D 95 22.92 8.37 -28.50
C MET D 95 22.47 7.54 -29.70
N LEU D 96 21.55 8.08 -30.51
CA LEU D 96 21.08 7.39 -31.70
C LEU D 96 22.17 7.22 -32.75
N ARG D 97 23.09 8.17 -32.86
CA ARG D 97 24.28 7.96 -33.69
C ARG D 97 25.19 6.90 -33.06
N LYS D 98 25.24 6.86 -31.72
CA LYS D 98 26.17 5.95 -31.05
C LYS D 98 25.75 4.50 -31.23
N LEU D 99 24.44 4.24 -31.29
CA LEU D 99 23.91 2.88 -31.42
C LEU D 99 24.38 2.23 -32.72
N ASP D 100 24.41 3.01 -33.80
CA ASP D 100 24.88 2.56 -35.10
C ASP D 100 24.08 1.35 -35.60
N ASN D 101 22.77 1.40 -35.43
CA ASN D 101 21.90 0.35 -35.91
C ASN D 101 21.63 0.52 -37.40
N ASP D 102 21.13 -0.55 -38.02
CA ASP D 102 20.80 -0.51 -39.44
C ASP D 102 19.41 0.04 -39.71
N ALA D 103 18.45 -0.18 -38.81
CA ALA D 103 17.08 0.27 -39.06
C ALA D 103 16.87 1.70 -38.57
N LEU D 104 17.38 2.01 -37.38
CA LEU D 104 17.26 3.37 -36.86
C LEU D 104 17.97 4.37 -37.77
N ASN D 105 19.16 4.04 -38.23
CA ASN D 105 19.86 4.91 -39.17
C ASN D 105 19.12 5.03 -40.49
N ASN D 106 18.46 3.94 -40.92
CA ASN D 106 17.71 4.00 -42.17
C ASN D 106 16.51 4.94 -42.05
N ILE D 107 15.72 4.83 -41.00
CA ILE D 107 14.56 5.70 -40.88
C ILE D 107 15.01 7.14 -40.61
N ILE D 108 16.11 7.33 -39.89
CA ILE D 108 16.61 8.68 -39.66
C ILE D 108 17.09 9.32 -40.96
N ASN D 109 17.85 8.58 -41.76
CA ASN D 109 18.36 9.12 -43.02
C ASN D 109 17.24 9.33 -44.03
N ASN D 110 16.14 8.55 -43.92
CA ASN D 110 15.00 8.80 -44.78
C ASN D 110 14.21 10.02 -44.31
N ALA D 111 14.16 10.25 -43.00
CA ALA D 111 13.41 11.40 -42.49
C ALA D 111 14.11 12.71 -42.79
N ARG D 112 15.41 12.66 -43.10
CA ARG D 112 16.11 13.87 -43.51
C ARG D 112 15.68 14.31 -44.91
N ASP D 113 15.46 13.35 -45.80
CA ASP D 113 15.02 13.69 -47.16
C ASP D 113 13.53 13.97 -47.23
N GLY D 114 12.81 13.81 -46.13
CA GLY D 114 11.39 14.05 -46.10
C GLY D 114 10.52 12.82 -46.18
N CYS D 115 11.12 11.62 -46.25
CA CYS D 115 10.36 10.38 -46.34
C CYS D 115 10.00 9.91 -44.93
N VAL D 116 9.03 10.59 -44.34
CA VAL D 116 8.61 10.32 -42.97
C VAL D 116 7.38 9.42 -42.97
N PRO D 117 7.19 8.57 -41.98
CA PRO D 117 5.95 7.79 -41.88
C PRO D 117 4.84 8.61 -41.26
N LEU D 118 3.61 8.31 -41.69
CA LEU D 118 2.43 8.99 -41.17
C LEU D 118 1.80 8.28 -39.99
N ASN D 119 2.39 7.16 -39.55
CA ASN D 119 1.91 6.44 -38.37
C ASN D 119 3.06 5.64 -37.82
N ILE D 120 2.85 5.06 -36.63
CA ILE D 120 3.86 4.21 -36.02
C ILE D 120 4.14 3.03 -36.92
N ILE D 121 5.42 2.75 -37.14
CA ILE D 121 5.83 1.61 -37.95
C ILE D 121 5.39 0.33 -37.23
N PRO D 122 4.58 -0.51 -37.86
CA PRO D 122 4.07 -1.70 -37.16
C PRO D 122 5.09 -2.82 -37.11
N LEU D 123 4.91 -3.71 -36.15
CA LEU D 123 5.82 -4.83 -35.93
C LEU D 123 5.32 -6.13 -36.56
N THR D 124 4.02 -6.39 -36.48
CA THR D 124 3.46 -7.64 -36.94
C THR D 124 3.46 -7.72 -38.47
N THR D 125 3.61 -8.93 -38.98
CA THR D 125 3.51 -9.16 -40.42
C THR D 125 2.09 -8.88 -40.91
N ALA D 126 2.00 -8.41 -42.15
CA ALA D 126 0.74 -8.02 -42.80
C ALA D 126 0.03 -6.93 -41.98
N ALA D 127 0.83 -5.95 -41.55
CA ALA D 127 0.32 -4.77 -40.87
C ALA D 127 0.70 -3.53 -41.68
N LYS D 128 -0.08 -2.47 -41.50
CA LYS D 128 -0.15 -1.37 -42.46
C LYS D 128 0.71 -0.20 -42.03
N LEU D 129 1.46 0.35 -42.99
CA LEU D 129 2.30 1.52 -42.80
C LEU D 129 2.07 2.50 -43.93
N MET D 130 1.73 3.75 -43.59
CA MET D 130 1.53 4.81 -44.57
C MET D 130 2.68 5.79 -44.47
N VAL D 131 3.49 5.87 -45.54
CA VAL D 131 4.71 6.66 -45.54
C VAL D 131 4.70 7.60 -46.73
N VAL D 132 5.01 8.87 -46.50
CA VAL D 132 5.09 9.80 -47.62
C VAL D 132 6.47 9.73 -48.28
N ILE D 133 6.47 9.79 -49.60
CA ILE D 133 7.68 9.85 -50.41
C ILE D 133 7.62 11.13 -51.25
N PRO D 134 8.48 12.09 -50.96
CA PRO D 134 8.27 13.44 -51.50
C PRO D 134 8.99 13.73 -52.81
N ASP D 135 9.65 12.74 -53.39
CA ASP D 135 10.38 12.99 -54.62
C ASP D 135 10.58 11.68 -55.35
N TYR D 136 10.92 11.76 -56.63
CA TYR D 136 11.25 10.57 -57.40
C TYR D 136 12.61 10.02 -57.02
N ASN D 137 13.52 10.88 -56.57
CA ASN D 137 14.85 10.42 -56.18
C ASN D 137 14.78 9.48 -54.98
N THR D 138 13.97 9.84 -53.97
CA THR D 138 13.81 8.96 -52.82
C THR D 138 12.94 7.76 -53.16
N TYR D 139 12.02 7.92 -54.12
CA TYR D 139 11.20 6.79 -54.55
C TYR D 139 12.04 5.73 -55.23
N LYS D 140 13.02 6.14 -56.03
CA LYS D 140 13.82 5.19 -56.80
C LYS D 140 14.63 4.27 -55.89
N ASN D 141 15.20 4.84 -54.82
CA ASN D 141 16.02 4.03 -53.92
C ASN D 141 15.15 3.06 -53.10
N THR D 142 14.06 3.56 -52.54
CA THR D 142 13.27 2.74 -51.61
C THR D 142 12.41 1.71 -52.34
N CYS D 143 11.86 2.07 -53.49
CA CYS D 143 10.90 1.23 -54.19
C CYS D 143 11.57 0.54 -55.38
N ASP D 144 11.67 -0.79 -55.31
CA ASP D 144 12.16 -1.60 -56.41
C ASP D 144 11.05 -2.55 -56.83
N GLY D 145 10.57 -2.39 -58.06
CA GLY D 145 9.43 -3.17 -58.50
C GLY D 145 8.21 -2.85 -57.66
N THR D 146 7.66 -3.89 -57.02
CA THR D 146 6.56 -3.73 -56.08
C THR D 146 7.03 -3.84 -54.63
N THR D 147 8.33 -3.94 -54.40
CA THR D 147 8.89 -4.06 -53.06
C THR D 147 9.34 -2.70 -52.56
N PHE D 148 9.22 -2.48 -51.26
CA PHE D 148 9.49 -1.20 -50.64
C PHE D 148 10.38 -1.43 -49.43
N THR D 149 11.61 -0.93 -49.48
CA THR D 149 12.60 -1.15 -48.43
C THR D 149 12.55 0.01 -47.45
N TYR D 150 12.13 -0.28 -46.22
CA TYR D 150 12.02 0.75 -45.20
C TYR D 150 12.22 0.12 -43.84
N ALA D 151 12.89 0.86 -42.95
CA ALA D 151 13.23 0.40 -41.60
C ALA D 151 13.99 -0.92 -41.62
N SER D 152 14.85 -1.10 -42.61
CA SER D 152 15.60 -2.34 -42.83
C SER D 152 14.67 -3.55 -42.95
N ALA D 153 13.51 -3.35 -43.55
CA ALA D 153 12.55 -4.42 -43.79
C ALA D 153 11.95 -4.26 -45.18
N LEU D 154 11.45 -5.36 -45.71
CA LEU D 154 10.83 -5.39 -47.03
C LEU D 154 9.31 -5.39 -46.89
N TRP D 155 8.65 -4.48 -47.60
CA TRP D 155 7.21 -4.28 -47.51
C TRP D 155 6.62 -4.41 -48.91
N GLU D 156 5.37 -4.84 -48.97
CA GLU D 156 4.66 -4.98 -50.24
C GLU D 156 3.74 -3.77 -50.41
N ILE D 157 3.93 -3.02 -51.50
CA ILE D 157 3.14 -1.82 -51.73
C ILE D 157 1.73 -2.19 -52.13
N GLN D 158 0.76 -1.57 -51.45
CA GLN D 158 -0.66 -1.77 -51.78
C GLN D 158 -1.19 -0.61 -52.60
N GLN D 159 -1.05 0.63 -52.14
CA GLN D 159 -1.70 1.77 -52.75
C GLN D 159 -0.79 2.98 -52.71
N VAL D 160 -0.60 3.63 -53.85
CA VAL D 160 0.16 4.87 -53.95
C VAL D 160 -0.82 5.97 -54.33
N VAL D 161 -0.91 6.99 -53.48
CA VAL D 161 -1.87 8.08 -53.70
C VAL D 161 -1.12 9.40 -53.72
N ASP D 162 -1.39 10.24 -54.72
CA ASP D 162 -0.68 11.50 -54.80
C ASP D 162 -1.25 12.51 -53.80
N ALA D 163 -0.77 13.75 -53.89
CA ALA D 163 -1.15 14.79 -52.93
C ALA D 163 -2.62 15.14 -53.00
N ASP D 164 -3.28 14.89 -54.14
CA ASP D 164 -4.70 15.18 -54.25
C ASP D 164 -5.54 13.97 -53.84
N SER D 165 -4.90 12.96 -53.26
CA SER D 165 -5.52 11.72 -52.79
C SER D 165 -6.04 10.87 -53.94
N LYS D 166 -5.70 11.25 -55.17
CA LYS D 166 -6.06 10.43 -56.32
C LYS D 166 -5.10 9.25 -56.44
N ILE D 167 -5.67 8.06 -56.57
CA ILE D 167 -4.85 6.85 -56.68
C ILE D 167 -4.08 6.87 -57.99
N VAL D 168 -2.82 6.45 -57.93
CA VAL D 168 -1.96 6.35 -59.10
C VAL D 168 -1.26 5.00 -59.09
N GLN D 169 -1.35 4.30 -60.21
CA GLN D 169 -0.69 3.01 -60.36
C GLN D 169 0.81 3.19 -60.54
N LEU D 170 1.55 2.12 -60.25
CA LEU D 170 3.00 2.16 -60.32
C LEU D 170 3.51 2.27 -61.76
N SER D 171 2.64 2.09 -62.75
CA SER D 171 3.06 2.24 -64.14
C SER D 171 3.38 3.70 -64.47
N GLU D 172 2.64 4.64 -63.88
CA GLU D 172 2.84 6.06 -64.16
C GLU D 172 4.12 6.61 -63.57
N ILE D 173 4.62 6.03 -62.47
CA ILE D 173 5.77 6.57 -61.77
C ILE D 173 7.03 6.20 -62.56
N SER D 174 7.51 7.14 -63.37
CA SER D 174 8.72 6.95 -64.15
C SER D 174 9.36 8.31 -64.37
N MET D 175 10.65 8.29 -64.73
CA MET D 175 11.42 9.52 -64.84
C MET D 175 10.80 10.49 -65.85
N ASP D 176 10.27 9.97 -66.95
CA ASP D 176 9.67 10.84 -67.96
C ASP D 176 8.36 11.46 -67.47
N ASN D 177 7.55 10.71 -66.72
CA ASN D 177 6.24 11.19 -66.30
C ASN D 177 6.19 11.63 -64.85
N SER D 178 7.29 11.53 -64.11
CA SER D 178 7.29 11.97 -62.71
C SER D 178 6.94 13.44 -62.51
N PRO D 179 7.48 14.43 -63.27
CA PRO D 179 7.15 15.83 -62.97
C PRO D 179 5.67 16.16 -63.14
N ASN D 180 4.94 15.34 -63.89
CA ASN D 180 3.52 15.56 -64.10
C ASN D 180 2.66 15.12 -62.91
N LEU D 181 3.22 14.34 -61.99
CA LEU D 181 2.48 13.87 -60.83
C LEU D 181 2.40 14.96 -59.77
N ALA D 182 1.47 14.77 -58.83
CA ALA D 182 1.29 15.69 -57.72
C ALA D 182 1.91 15.15 -56.45
N TRP D 183 3.22 15.38 -56.31
CA TRP D 183 3.98 14.97 -55.14
C TRP D 183 3.50 15.76 -53.93
N PRO D 184 3.64 15.24 -52.70
CA PRO D 184 4.26 13.97 -52.31
C PRO D 184 3.32 12.76 -52.39
N LEU D 185 3.83 11.66 -52.92
CA LEU D 185 3.09 10.42 -52.89
C LEU D 185 3.00 9.88 -51.47
N ILE D 186 1.94 9.12 -51.21
CA ILE D 186 1.76 8.40 -49.95
C ILE D 186 1.68 6.93 -50.34
N VAL D 187 2.61 6.12 -49.85
CA VAL D 187 2.60 4.69 -50.10
C VAL D 187 2.06 3.97 -48.87
N THR D 188 1.05 3.14 -49.09
CA THR D 188 0.46 2.33 -48.03
C THR D 188 0.90 0.89 -48.24
N ALA D 189 1.82 0.43 -47.40
CA ALA D 189 2.42 -0.88 -47.58
C ALA D 189 2.04 -1.78 -46.41
N LEU D 190 2.20 -3.07 -46.62
CA LEU D 190 2.01 -4.06 -45.57
C LEU D 190 3.33 -4.78 -45.33
N ARG D 191 3.63 -5.01 -44.06
CA ARG D 191 4.90 -5.63 -43.71
C ARG D 191 4.99 -7.04 -44.30
N ALA D 192 6.13 -7.35 -44.89
CA ALA D 192 6.35 -8.65 -45.50
C ALA D 192 7.58 -9.34 -44.91
ZN ZN G . -21.19 -5.93 21.15
ZN ZN H . -6.78 8.27 24.73
MG MG I . -19.33 -38.12 15.35
PB ADP J . -19.33 -40.59 13.95
O1B ADP J . -19.18 -39.15 13.56
O2B ADP J . -20.23 -40.85 15.14
O3B ADP J . -19.58 -41.52 12.79
PA ADP J . -17.11 -40.01 15.49
O1A ADP J . -15.94 -39.38 14.77
O2A ADP J . -18.13 -39.16 16.19
O3A ADP J . -17.88 -40.99 14.48
O5' ADP J . -16.56 -41.05 16.58
C5' ADP J . -16.68 -40.72 17.96
C4' ADP J . -17.57 -41.79 18.58
O4' ADP J . -16.99 -43.07 18.33
C3' ADP J . -17.72 -41.63 20.07
O3' ADP J . -19.05 -41.20 20.37
C2' ADP J . -17.50 -43.01 20.65
O2' ADP J . -18.73 -43.54 21.14
C1' ADP J . -17.00 -43.87 19.51
N9 ADP J . -15.61 -44.32 19.76
C8 ADP J . -14.67 -43.61 20.42
N7 ADP J . -13.51 -44.30 20.49
C5 ADP J . -13.70 -45.48 19.88
C6 ADP J . -12.88 -46.68 19.60
N6 ADP J . -11.59 -46.76 20.00
N1 ADP J . -13.46 -47.70 18.92
C2 ADP J . -14.75 -47.64 18.52
N3 ADP J . -15.54 -46.58 18.74
C4 ADP J . -15.08 -45.49 19.41
C1 1N7 K . -18.40 -34.14 25.85
C2 1N7 K . -19.32 -33.94 27.12
C3 1N7 K . -18.74 -31.33 27.21
C4 1N7 K . -19.13 -29.97 27.90
C5 1N7 K . -20.62 -30.07 28.48
C6 1N7 K . -20.96 -31.49 29.14
C7 1N7 K . -21.74 -31.18 30.40
C8 1N7 K . -21.85 -29.64 30.47
C9 1N7 K . -20.68 -29.02 29.62
C10 1N7 K . -21.66 -29.67 27.41
C11 1N7 K . -20.66 -33.61 26.45
C12 1N7 K . -17.00 -34.79 26.19
C13 1N7 K . -17.11 -36.13 27.01
C14 1N7 K . -18.05 -35.94 28.27
C15 1N7 K . -19.47 -35.30 27.93
C16 1N7 K . -20.36 -35.11 29.21
C17 1N7 K . -20.00 -33.87 30.17
C18 1N7 K . -19.72 -32.46 29.39
C19 1N7 K . -18.87 -32.68 28.06
C20 1N7 K . -20.83 -27.51 29.10
C21 1N7 K . -19.58 -26.64 29.41
C22 1N7 K . -22.11 -26.79 29.63
C23 1N7 K . -22.07 -26.11 31.06
C24 1N7 K . -23.40 -26.24 31.96
N1 1N7 K . -23.82 -27.44 32.62
O1 1N7 K . -24.10 -25.24 32.05
O2 1N7 K . -15.82 -36.52 27.42
O3 1N7 K . -18.87 -34.26 30.89
O4 1N7 K . -18.20 -29.70 28.93
C25 1N7 K . -25.07 -27.62 33.48
C26 1N7 K . -25.40 -29.08 33.95
C27 1N7 K . -25.49 -30.18 32.86
N2 1N7 K . -25.72 -31.53 33.50
C28 1N7 K . -26.95 -31.51 34.50
C29 1N7 K . -24.54 -32.15 34.17
C1 1N7 L . -34.32 -18.87 24.34
C2 1N7 L . -32.93 -19.33 23.72
C3 1N7 L . -32.16 -20.54 25.99
C4 1N7 L . -31.12 -20.79 27.14
C5 1N7 L . -29.72 -21.18 26.47
C6 1N7 L . -29.29 -20.08 25.40
C7 1N7 L . -27.90 -20.59 25.04
C8 1N7 L . -27.37 -21.04 26.43
C9 1N7 L . -28.54 -21.08 27.47
C10 1N7 L . -29.74 -22.62 25.92
C11 1N7 L . -33.30 -20.71 23.19
C12 1N7 L . -34.37 -17.32 24.62
C13 1N7 L . -34.14 -16.43 23.35
C14 1N7 L . -33.61 -17.30 22.14
C15 1N7 L . -32.52 -18.40 22.50
C16 1N7 L . -31.11 -17.72 22.75
C17 1N7 L . -29.91 -18.72 23.10
C18 1N7 L . -30.31 -19.82 24.22
C19 1N7 L . -31.75 -19.51 24.83
C20 1N7 L . -28.47 -22.24 28.58
C21 1N7 L . -29.22 -21.87 29.90
C22 1N7 L . -27.00 -22.62 28.93
C23 1N7 L . -26.18 -21.68 29.91
O2 1N7 L . -33.22 -15.41 23.66
O3 1N7 L . -28.90 -17.89 23.59
O4 1N7 L . -31.00 -19.62 27.93
C1 1N7 M . 29.32 37.80 -3.59
C2 1N7 M . 30.21 37.21 -4.76
C3 1N7 M . 32.39 37.52 -3.24
C4 1N7 M . 33.90 37.95 -3.06
C5 1N7 M . 34.74 37.15 -4.15
C6 1N7 M . 34.19 37.46 -5.60
C7 1N7 M . 35.25 36.80 -6.46
C8 1N7 M . 36.56 37.12 -5.66
C9 1N7 M . 36.20 37.66 -4.23
C10 1N7 M . 34.78 35.64 -3.84
C11 1N7 M . 30.17 35.71 -4.46
C12 1N7 M . 29.01 39.33 -3.78
C13 1N7 M . 28.43 39.72 -5.18
C14 1N7 M . 28.28 38.43 -6.12
C15 1N7 M . 29.55 37.47 -6.19
C16 1N7 M . 30.61 38.05 -7.21
C17 1N7 M . 32.00 37.26 -7.30
C18 1N7 M . 32.68 37.03 -5.83
C19 1N7 M . 31.78 37.69 -4.71
C20 1N7 M . 37.14 37.17 -3.03
C21 1N7 M . 37.15 38.14 -1.81
C22 1N7 M . 38.60 36.94 -3.50
C23 1N7 M . 39.63 38.13 -3.34
C24 1N7 M . 40.85 38.22 -4.39
N1 1N7 M . 40.93 39.12 -5.50
O1 1N7 M . 41.77 37.42 -4.21
O2 1N7 M . 29.28 40.66 -5.79
O3 1N7 M . 32.82 38.06 -8.10
O4 1N7 M . 34.02 39.34 -3.26
C25 1N7 M . 42.06 39.24 -6.52
C26 1N7 M . 41.75 38.76 -7.98
C27 1N7 M . 42.00 37.25 -8.30
N2 1N7 M . 42.88 37.14 -9.51
C28 1N7 M . 44.25 37.98 -9.42
C29 1N7 M . 42.23 37.78 -10.81
C30 1N7 M . 43.39 35.76 -9.83
#